data_6BUR
#
_entry.id   6BUR
#
_cell.length_a   81.075
_cell.length_b   89.121
_cell.length_c   199.121
_cell.angle_alpha   90.00
_cell.angle_beta   90.00
_cell.angle_gamma   90.00
#
_symmetry.space_group_name_H-M   'P 21 21 21'
#
loop_
_entity.id
_entity.type
_entity.pdbx_description
1 polymer 'Cyanuric acid amidohydrolase'
2 non-polymer 'BARBITURIC ACID'
3 non-polymer 'MALONATE ION'
4 non-polymer 'CALCIUM ION'
5 water water
#
_entity_poly.entity_id   1
_entity_poly.type   'polypeptide(L)'
_entity_poly.pdbx_seq_one_letter_code
;HMQKVEVFRIPTASPDDISGLATLIDSGKINPAEIVAILGKTEGNGCVNDFTRGFATQSLAMYLAEKLGISREEVVKKVA
FIMSGGTEGVMTPHITVFVRKDVAAPAAPGKRLAVGVAFTRDFLPEELGRMEQVNEVARAVKEAMKDAQIDDPRDVHFVQ
IKCPLLTAERIEDAKRRGKDVVVNDTYKSMAYSRGASALGVALALGEISADKISNEAICHDWNLYSSVASTSAGVELLND
EIIVVGNSTNSASDLVIGHSVMKDAIDADAVRAALKDAGIRSDDEMDRIVNVLAKAEAASSGTVRGRRNTMLDDSDINHT
RSARAVVNAVIASVVGDPMVYVSGGAEHQGPDGGGPIAVIARV
;
_entity_poly.pdbx_strand_id   A,B,C,D
#
loop_
_chem_comp.id
_chem_comp.type
_chem_comp.name
_chem_comp.formula
BR8 non-polymer 'BARBITURIC ACID' 'C4 H4 N2 O3'
CA non-polymer 'CALCIUM ION' 'Ca 2'
MLI non-polymer 'MALONATE ION' 'C3 H2 O4 -2'
#
# COMPACT_ATOMS: atom_id res chain seq x y z
N MET A 2 2.86 -38.21 -33.18
CA MET A 2 1.64 -37.72 -32.54
C MET A 2 1.86 -37.33 -31.08
N GLN A 3 1.72 -36.05 -30.79
CA GLN A 3 1.77 -35.55 -29.43
C GLN A 3 0.38 -35.58 -28.82
N LYS A 4 0.33 -35.81 -27.51
CA LYS A 4 -0.90 -35.62 -26.74
C LYS A 4 -0.58 -34.70 -25.58
N VAL A 5 -1.39 -33.65 -25.42
CA VAL A 5 -1.18 -32.69 -24.35
C VAL A 5 -2.30 -32.85 -23.33
N GLU A 6 -1.92 -32.90 -22.06
CA GLU A 6 -2.85 -32.87 -20.95
C GLU A 6 -2.50 -31.68 -20.05
N VAL A 7 -3.53 -31.00 -19.56
CA VAL A 7 -3.39 -29.78 -18.75
C VAL A 7 -4.15 -29.96 -17.45
N PHE A 8 -3.49 -29.64 -16.33
CA PHE A 8 -4.05 -29.80 -15.00
C PHE A 8 -4.01 -28.46 -14.28
N ARG A 9 -5.18 -27.96 -13.88
CA ARG A 9 -5.29 -26.74 -13.08
C ARG A 9 -5.43 -27.15 -11.63
N ILE A 10 -4.45 -26.76 -10.81
CA ILE A 10 -4.27 -27.27 -9.46
C ILE A 10 -4.31 -26.09 -8.49
N PRO A 11 -5.28 -26.04 -7.56
CA PRO A 11 -5.25 -24.97 -6.54
C PRO A 11 -4.06 -25.13 -5.61
N THR A 12 -3.54 -23.99 -5.12
CA THR A 12 -2.39 -23.96 -4.22
C THR A 12 -2.73 -23.22 -2.94
N ALA A 13 -2.17 -23.70 -1.81
CA ALA A 13 -2.38 -23.07 -0.50
C ALA A 13 -1.37 -21.96 -0.22
N SER A 14 -0.30 -21.88 -1.02
CA SER A 14 0.76 -20.90 -0.83
C SER A 14 1.76 -21.03 -1.96
N PRO A 15 2.69 -20.09 -2.10
CA PRO A 15 3.61 -20.12 -3.24
C PRO A 15 4.44 -21.39 -3.30
N ASP A 16 4.81 -21.96 -2.16
CA ASP A 16 5.66 -23.15 -2.09
C ASP A 16 4.86 -24.45 -2.02
N ASP A 17 3.57 -24.41 -2.29
CA ASP A 17 2.71 -25.58 -2.14
C ASP A 17 2.85 -26.50 -3.36
N ILE A 18 3.50 -27.64 -3.19
CA ILE A 18 3.61 -28.63 -4.26
C ILE A 18 2.69 -29.83 -4.04
N SER A 19 1.83 -29.79 -3.02
CA SER A 19 1.09 -30.99 -2.63
C SER A 19 0.08 -31.40 -3.70
N GLY A 20 -0.58 -30.43 -4.33
CA GLY A 20 -1.53 -30.78 -5.39
C GLY A 20 -0.85 -31.50 -6.55
N LEU A 21 0.32 -31.00 -6.96
CA LEU A 21 1.08 -31.65 -8.02
C LEU A 21 1.55 -33.04 -7.58
N ALA A 22 2.08 -33.16 -6.36
CA ALA A 22 2.58 -34.44 -5.90
C ALA A 22 1.47 -35.48 -5.78
N THR A 23 0.25 -35.04 -5.43
CA THR A 23 -0.89 -35.95 -5.40
C THR A 23 -1.19 -36.50 -6.79
N LEU A 24 -1.10 -35.66 -7.83
CA LEU A 24 -1.33 -36.17 -9.18
C LEU A 24 -0.19 -37.06 -9.66
N ILE A 25 1.03 -36.77 -9.22
CA ILE A 25 2.15 -37.66 -9.54
C ILE A 25 1.99 -38.98 -8.80
N ASP A 26 1.75 -38.91 -7.48
CA ASP A 26 1.59 -40.14 -6.70
C ASP A 26 0.38 -40.96 -7.17
N SER A 27 -0.64 -40.33 -7.75
CA SER A 27 -1.77 -41.15 -8.17
C SER A 27 -1.55 -41.80 -9.53
N GLY A 28 -0.46 -41.47 -10.23
CA GLY A 28 -0.22 -41.98 -11.56
C GLY A 28 -0.90 -41.18 -12.65
N LYS A 29 -1.54 -40.07 -12.32
CA LYS A 29 -2.15 -39.26 -13.37
C LYS A 29 -1.11 -38.47 -14.15
N ILE A 30 0.00 -38.07 -13.51
CA ILE A 30 1.06 -37.30 -14.14
C ILE A 30 2.37 -38.05 -14.07
N ASN A 31 2.95 -38.35 -15.22
CA ASN A 31 4.34 -38.78 -15.26
C ASN A 31 5.22 -37.53 -15.20
N PRO A 32 5.92 -37.29 -14.09
CA PRO A 32 6.68 -36.03 -13.97
C PRO A 32 7.66 -35.81 -15.10
N ALA A 33 8.16 -36.89 -15.73
CA ALA A 33 9.11 -36.73 -16.81
C ALA A 33 8.50 -36.17 -18.08
N GLU A 34 7.17 -36.04 -18.13
CA GLU A 34 6.48 -35.52 -19.31
C GLU A 34 5.99 -34.09 -19.12
N ILE A 35 6.22 -33.50 -17.94
CA ILE A 35 5.90 -32.10 -17.74
C ILE A 35 6.81 -31.25 -18.61
N VAL A 36 6.22 -30.34 -19.38
CA VAL A 36 7.00 -29.42 -20.19
C VAL A 36 6.90 -27.98 -19.71
N ALA A 37 5.86 -27.62 -18.94
CA ALA A 37 5.70 -26.26 -18.46
C ALA A 37 4.71 -26.21 -17.30
N ILE A 38 4.91 -25.23 -16.42
CA ILE A 38 3.99 -24.92 -15.34
C ILE A 38 3.76 -23.42 -15.33
N LEU A 39 2.50 -23.00 -15.35
CA LEU A 39 2.10 -21.61 -15.41
C LEU A 39 1.31 -21.28 -14.15
N GLY A 40 1.82 -20.37 -13.33
CA GLY A 40 1.26 -20.14 -12.01
C GLY A 40 0.67 -18.76 -11.79
N LYS A 41 -0.35 -18.70 -10.95
CA LYS A 41 -0.74 -17.47 -10.27
C LYS A 41 -0.27 -17.57 -8.82
N THR A 42 0.66 -16.70 -8.41
CA THR A 42 1.18 -16.69 -7.04
C THR A 42 0.77 -15.39 -6.35
N GLU A 43 0.71 -15.44 -5.01
CA GLU A 43 0.02 -14.43 -4.23
C GLU A 43 0.92 -13.28 -3.74
N GLY A 44 2.07 -13.05 -4.36
CA GLY A 44 2.78 -11.80 -4.16
C GLY A 44 2.06 -10.64 -4.84
N ASN A 45 2.71 -9.47 -4.86
CA ASN A 45 2.06 -8.27 -5.38
C ASN A 45 2.10 -8.17 -6.89
N GLY A 46 2.77 -9.11 -7.57
CA GLY A 46 2.86 -9.11 -9.03
C GLY A 46 3.65 -7.96 -9.62
N CYS A 47 4.45 -7.25 -8.82
CA CYS A 47 5.19 -6.09 -9.31
C CYS A 47 6.71 -6.32 -9.27
N VAL A 48 7.49 -5.30 -8.92
CA VAL A 48 8.94 -5.45 -8.91
C VAL A 48 9.35 -6.37 -7.77
N ASN A 49 8.96 -6.04 -6.55
CA ASN A 49 9.40 -6.76 -5.36
C ASN A 49 8.42 -7.87 -4.99
N ASP A 50 8.08 -8.72 -5.96
CA ASP A 50 7.29 -9.92 -5.74
C ASP A 50 8.24 -11.13 -5.78
N PHE A 51 8.50 -11.70 -4.63
CA PHE A 51 9.39 -12.85 -4.51
C PHE A 51 8.62 -14.16 -4.42
N THR A 52 7.28 -14.11 -4.41
CA THR A 52 6.53 -15.36 -4.45
C THR A 52 6.74 -16.11 -5.76
N ARG A 53 7.08 -15.38 -6.83
CA ARG A 53 7.32 -16.02 -8.12
C ARG A 53 8.55 -16.94 -8.07
N GLY A 54 9.69 -16.41 -7.60
CA GLY A 54 10.87 -17.24 -7.45
C GLY A 54 10.70 -18.33 -6.40
N PHE A 55 10.00 -18.04 -5.30
CA PHE A 55 9.75 -19.04 -4.26
C PHE A 55 8.99 -20.22 -4.85
N ALA A 56 7.95 -19.94 -5.63
CA ALA A 56 7.17 -21.00 -6.26
C ALA A 56 8.04 -21.82 -7.20
N THR A 57 8.86 -21.14 -8.00
CA THR A 57 9.67 -21.85 -9.00
C THR A 57 10.73 -22.69 -8.32
N GLN A 58 11.38 -22.15 -7.29
CA GLN A 58 12.37 -22.92 -6.55
C GLN A 58 11.73 -24.18 -5.96
N SER A 59 10.53 -24.04 -5.37
CA SER A 59 9.88 -25.18 -4.73
C SER A 59 9.48 -26.24 -5.74
N LEU A 60 8.91 -25.83 -6.89
CA LEU A 60 8.58 -26.78 -7.94
C LEU A 60 9.84 -27.44 -8.51
N ALA A 61 10.89 -26.65 -8.77
CA ALA A 61 12.11 -27.20 -9.33
C ALA A 61 12.74 -28.20 -8.37
N MET A 62 12.81 -27.85 -7.08
N MET A 62 12.84 -27.83 -7.09
CA MET A 62 13.37 -28.79 -6.11
CA MET A 62 13.35 -28.75 -6.08
C MET A 62 12.55 -30.06 -6.01
C MET A 62 12.56 -30.05 -6.07
N TYR A 63 11.22 -29.95 -6.03
CA TYR A 63 10.39 -31.13 -5.93
C TYR A 63 10.57 -32.05 -7.15
N LEU A 64 10.48 -31.48 -8.36
CA LEU A 64 10.62 -32.30 -9.56
C LEU A 64 12.01 -32.89 -9.67
N ALA A 65 13.03 -32.15 -9.20
CA ALA A 65 14.40 -32.68 -9.29
C ALA A 65 14.55 -33.92 -8.42
N GLU A 66 13.98 -33.90 -7.20
CA GLU A 66 14.00 -35.08 -6.37
C GLU A 66 13.21 -36.22 -7.01
N LYS A 67 12.07 -35.93 -7.63
CA LYS A 67 11.24 -37.00 -8.18
C LYS A 67 11.89 -37.64 -9.41
N LEU A 68 12.65 -36.86 -10.18
CA LEU A 68 13.29 -37.35 -11.39
C LEU A 68 14.73 -37.78 -11.18
N GLY A 69 15.26 -37.62 -9.98
CA GLY A 69 16.65 -38.00 -9.75
C GLY A 69 17.65 -37.20 -10.57
N ILE A 70 17.41 -35.90 -10.75
CA ILE A 70 18.31 -35.02 -11.47
C ILE A 70 18.44 -33.72 -10.69
N SER A 71 19.30 -32.83 -11.20
CA SER A 71 19.61 -31.60 -10.50
C SER A 71 18.55 -30.54 -10.77
N ARG A 72 18.45 -29.60 -9.82
CA ARG A 72 17.58 -28.45 -9.99
C ARG A 72 17.89 -27.70 -11.27
N GLU A 73 19.18 -27.52 -11.57
CA GLU A 73 19.58 -26.82 -12.79
C GLU A 73 19.05 -27.52 -14.02
N GLU A 74 19.13 -28.86 -14.06
CA GLU A 74 18.62 -29.57 -15.23
C GLU A 74 17.11 -29.47 -15.34
N VAL A 75 16.39 -29.38 -14.22
CA VAL A 75 14.95 -29.22 -14.27
C VAL A 75 14.60 -27.89 -14.93
N VAL A 76 15.28 -26.81 -14.51
CA VAL A 76 14.94 -25.49 -15.05
C VAL A 76 15.39 -25.33 -16.51
N LYS A 77 16.39 -26.10 -16.94
CA LYS A 77 16.74 -26.10 -18.35
C LYS A 77 15.70 -26.83 -19.18
N LYS A 78 14.94 -27.72 -18.55
CA LYS A 78 14.06 -28.64 -19.27
C LYS A 78 12.60 -28.22 -19.22
N VAL A 79 12.16 -27.62 -18.13
CA VAL A 79 10.76 -27.24 -17.90
C VAL A 79 10.64 -25.72 -17.86
N ALA A 80 9.67 -25.18 -18.59
CA ALA A 80 9.36 -23.77 -18.44
C ALA A 80 8.60 -23.53 -17.14
N PHE A 81 9.10 -22.59 -16.31
CA PHE A 81 8.39 -22.14 -15.11
C PHE A 81 8.04 -20.68 -15.29
N ILE A 82 6.76 -20.38 -15.42
CA ILE A 82 6.29 -19.02 -15.62
C ILE A 82 5.31 -18.71 -14.48
N MET A 83 5.80 -17.97 -13.48
CA MET A 83 4.98 -17.62 -12.33
C MET A 83 4.57 -16.17 -12.45
N SER A 84 3.26 -15.92 -12.53
CA SER A 84 2.73 -14.57 -12.60
C SER A 84 2.15 -14.22 -11.24
N GLY A 85 2.78 -13.26 -10.59
CA GLY A 85 2.33 -12.82 -9.28
C GLY A 85 1.08 -11.97 -9.36
N GLY A 86 0.50 -11.70 -8.20
CA GLY A 86 -0.67 -10.86 -8.13
C GLY A 86 -1.96 -11.64 -8.22
N THR A 87 -2.56 -11.89 -7.06
CA THR A 87 -3.86 -12.55 -6.97
C THR A 87 -4.80 -11.61 -6.25
N GLU A 88 -5.11 -10.49 -6.88
CA GLU A 88 -5.95 -9.45 -6.31
C GLU A 88 -7.43 -9.81 -6.46
N GLY A 89 -8.27 -9.06 -5.74
CA GLY A 89 -9.70 -9.37 -5.72
C GLY A 89 -9.94 -10.77 -5.23
N VAL A 90 -10.74 -11.52 -5.99
CA VAL A 90 -11.09 -12.90 -5.64
C VAL A 90 -10.27 -13.91 -6.44
N MET A 91 -9.24 -13.49 -7.15
CA MET A 91 -8.47 -14.42 -7.98
C MET A 91 -7.77 -15.47 -7.12
N THR A 92 -7.90 -16.71 -7.52
CA THR A 92 -7.44 -17.79 -6.67
C THR A 92 -6.06 -18.29 -7.08
N PRO A 93 -5.11 -18.36 -6.16
CA PRO A 93 -3.77 -18.85 -6.55
C PRO A 93 -3.86 -20.30 -6.99
N HIS A 94 -3.06 -20.66 -7.99
CA HIS A 94 -3.12 -21.98 -8.61
C HIS A 94 -1.95 -22.09 -9.59
N ILE A 95 -1.67 -23.33 -10.01
CA ILE A 95 -0.75 -23.59 -11.11
C ILE A 95 -1.50 -24.38 -12.17
N THR A 96 -1.09 -24.18 -13.42
CA THR A 96 -1.55 -24.97 -14.54
C THR A 96 -0.36 -25.72 -15.10
N VAL A 97 -0.44 -27.05 -15.08
CA VAL A 97 0.65 -27.91 -15.46
C VAL A 97 0.36 -28.48 -16.85
N PHE A 98 1.31 -28.35 -17.76
CA PHE A 98 1.20 -28.88 -19.11
C PHE A 98 2.04 -30.14 -19.23
N VAL A 99 1.39 -31.24 -19.61
CA VAL A 99 2.04 -32.54 -19.83
C VAL A 99 1.96 -32.87 -21.32
N ARG A 100 3.08 -33.31 -21.90
CA ARG A 100 3.13 -33.69 -23.31
C ARG A 100 3.70 -35.09 -23.43
N LYS A 101 2.94 -35.99 -24.05
CA LYS A 101 3.31 -37.39 -24.22
C LYS A 101 3.35 -37.73 -25.70
N ASP A 102 4.32 -38.56 -26.08
CA ASP A 102 4.34 -39.19 -27.38
C ASP A 102 3.35 -40.35 -27.39
N VAL A 103 2.49 -40.40 -28.40
CA VAL A 103 1.50 -41.46 -28.49
C VAL A 103 1.38 -41.94 -29.94
N ALA A 104 1.08 -43.23 -30.09
CA ALA A 104 0.69 -43.80 -31.37
C ALA A 104 -0.82 -43.94 -31.31
N ALA A 105 -1.52 -43.05 -31.99
CA ALA A 105 -2.98 -43.00 -31.97
C ALA A 105 -3.48 -42.65 -33.35
N PRO A 106 -4.72 -43.01 -33.68
CA PRO A 106 -5.29 -42.63 -34.97
C PRO A 106 -5.29 -41.12 -35.16
N ALA A 107 -5.37 -40.72 -36.43
CA ALA A 107 -5.41 -39.30 -36.77
C ALA A 107 -6.64 -38.63 -36.18
N ALA A 108 -6.48 -38.01 -35.01
CA ALA A 108 -7.58 -37.30 -34.36
C ALA A 108 -8.21 -36.32 -35.35
N PRO A 109 -9.51 -36.46 -35.66
CA PRO A 109 -10.13 -35.58 -36.66
C PRO A 109 -10.03 -34.12 -36.26
N GLY A 110 -9.70 -33.27 -37.24
CA GLY A 110 -9.54 -31.87 -36.91
C GLY A 110 -8.24 -31.60 -36.17
N LYS A 111 -8.20 -30.46 -35.50
CA LYS A 111 -7.01 -29.99 -34.79
C LYS A 111 -7.23 -30.03 -33.29
N ARG A 112 -6.19 -30.42 -32.54
CA ARG A 112 -6.27 -30.55 -31.08
C ARG A 112 -5.08 -29.87 -30.43
N LEU A 113 -5.22 -29.63 -29.12
CA LEU A 113 -4.28 -28.83 -28.36
C LEU A 113 -2.85 -29.27 -28.58
N ALA A 114 -1.96 -28.28 -28.74
CA ALA A 114 -0.54 -28.51 -28.96
C ALA A 114 0.22 -27.43 -28.20
N VAL A 115 1.39 -27.79 -27.66
CA VAL A 115 2.18 -26.89 -26.84
C VAL A 115 3.65 -26.98 -27.23
N GLY A 116 4.32 -25.84 -27.26
CA GLY A 116 5.75 -25.79 -27.50
C GLY A 116 6.42 -24.81 -26.55
N VAL A 117 7.67 -25.10 -26.23
CA VAL A 117 8.45 -24.31 -25.29
C VAL A 117 9.77 -23.91 -25.94
N ALA A 118 10.23 -22.70 -25.62
CA ALA A 118 11.56 -22.27 -26.03
C ALA A 118 12.03 -21.17 -25.08
N PHE A 119 13.35 -21.10 -24.89
CA PHE A 119 13.98 -20.11 -24.03
C PHE A 119 14.89 -19.21 -24.85
N THR A 120 14.99 -17.95 -24.46
CA THR A 120 16.02 -17.09 -25.03
C THR A 120 17.27 -17.08 -24.13
N ARG A 121 18.35 -16.55 -24.68
CA ARG A 121 19.53 -16.22 -23.88
C ARG A 121 19.18 -15.17 -22.83
N ASP A 122 20.06 -15.04 -21.83
CA ASP A 122 19.94 -13.96 -20.86
C ASP A 122 20.14 -12.62 -21.54
N PHE A 123 19.45 -11.61 -21.02
CA PHE A 123 19.56 -10.26 -21.54
C PHE A 123 20.37 -9.38 -20.59
N LEU A 124 21.15 -8.48 -21.16
CA LEU A 124 21.74 -7.44 -20.34
C LEU A 124 20.68 -6.38 -20.02
N PRO A 125 20.80 -5.71 -18.87
CA PRO A 125 19.77 -4.73 -18.48
C PRO A 125 19.44 -3.72 -19.57
N GLU A 126 20.42 -3.26 -20.33
CA GLU A 126 20.20 -2.25 -21.36
C GLU A 126 19.53 -2.79 -22.62
N GLU A 127 19.37 -4.11 -22.75
CA GLU A 127 18.64 -4.65 -23.89
C GLU A 127 17.15 -4.75 -23.63
N LEU A 128 16.72 -4.65 -22.37
CA LEU A 128 15.29 -4.79 -22.08
C LEU A 128 14.51 -3.64 -22.71
N GLY A 129 13.35 -3.97 -23.26
CA GLY A 129 12.49 -2.98 -23.84
C GLY A 129 12.97 -2.42 -25.16
N ARG A 130 13.86 -3.16 -25.86
CA ARG A 130 14.48 -2.68 -27.08
C ARG A 130 14.51 -3.81 -28.11
N MET A 131 15.04 -3.50 -29.31
CA MET A 131 14.91 -4.43 -30.43
C MET A 131 15.64 -5.75 -30.18
N GLU A 132 16.73 -5.75 -29.42
CA GLU A 132 17.40 -7.00 -29.08
C GLU A 132 16.43 -7.98 -28.44
N GLN A 133 15.63 -7.50 -27.49
CA GLN A 133 14.62 -8.37 -26.87
C GLN A 133 13.57 -8.80 -27.89
N VAL A 134 12.99 -7.86 -28.63
CA VAL A 134 12.01 -8.19 -29.67
C VAL A 134 12.53 -9.32 -30.54
N ASN A 135 13.70 -9.13 -31.13
CA ASN A 135 14.20 -10.04 -32.15
C ASN A 135 14.51 -11.41 -31.56
N GLU A 136 15.07 -11.46 -30.35
CA GLU A 136 15.40 -12.74 -29.75
C GLU A 136 14.15 -13.49 -29.32
N VAL A 137 13.11 -12.76 -28.87
CA VAL A 137 11.84 -13.39 -28.51
C VAL A 137 11.16 -13.98 -29.74
N ALA A 138 11.16 -13.22 -30.85
CA ALA A 138 10.59 -13.70 -32.10
C ALA A 138 11.27 -14.98 -32.57
N ARG A 139 12.60 -15.05 -32.51
CA ARG A 139 13.29 -16.31 -32.81
C ARG A 139 12.82 -17.43 -31.88
N ALA A 140 12.69 -17.15 -30.58
CA ALA A 140 12.25 -18.19 -29.65
C ALA A 140 10.80 -18.63 -29.95
N VAL A 141 9.92 -17.70 -30.29
CA VAL A 141 8.53 -18.02 -30.63
C VAL A 141 8.48 -18.99 -31.81
N LYS A 142 9.28 -18.74 -32.86
CA LYS A 142 9.34 -19.66 -33.99
C LYS A 142 9.79 -21.06 -33.56
N GLU A 143 10.82 -21.15 -32.71
CA GLU A 143 11.24 -22.47 -32.21
C GLU A 143 10.11 -23.14 -31.42
N ALA A 144 9.40 -22.36 -30.61
CA ALA A 144 8.31 -22.94 -29.84
C ALA A 144 7.21 -23.49 -30.75
N MET A 145 6.90 -22.77 -31.83
CA MET A 145 5.91 -23.27 -32.80
C MET A 145 6.35 -24.59 -33.38
N LYS A 146 7.59 -24.63 -33.88
CA LYS A 146 8.21 -25.88 -34.32
C LYS A 146 8.12 -26.95 -33.23
N ASP A 147 8.45 -26.59 -31.99
CA ASP A 147 8.30 -27.54 -30.89
C ASP A 147 6.87 -28.04 -30.77
N ALA A 148 5.89 -27.21 -31.14
CA ALA A 148 4.48 -27.58 -31.01
C ALA A 148 3.92 -28.24 -32.26
N GLN A 149 4.75 -28.44 -33.28
CA GLN A 149 4.27 -28.98 -34.55
C GLN A 149 3.06 -28.17 -35.03
N ILE A 150 3.20 -26.85 -34.97
CA ILE A 150 2.24 -25.92 -35.55
C ILE A 150 2.96 -25.17 -36.66
N ASP A 151 2.42 -25.27 -37.87
CA ASP A 151 2.98 -24.61 -39.04
C ASP A 151 2.28 -23.29 -39.34
N ASP A 152 0.97 -23.20 -39.10
CA ASP A 152 0.19 -22.03 -39.44
C ASP A 152 0.04 -21.11 -38.23
N PRO A 153 0.55 -19.89 -38.27
CA PRO A 153 0.34 -18.97 -37.14
C PRO A 153 -1.12 -18.71 -36.80
N ARG A 154 -2.06 -19.01 -37.70
CA ARG A 154 -3.47 -18.86 -37.35
C ARG A 154 -3.95 -19.94 -36.39
N ASP A 155 -3.19 -21.02 -36.25
CA ASP A 155 -3.50 -22.06 -35.29
C ASP A 155 -2.87 -21.80 -33.92
N VAL A 156 -2.20 -20.67 -33.73
CA VAL A 156 -1.69 -20.29 -32.43
C VAL A 156 -2.72 -19.41 -31.74
N HIS A 157 -3.13 -19.79 -30.53
CA HIS A 157 -4.15 -19.03 -29.82
C HIS A 157 -3.64 -18.33 -28.57
N PHE A 158 -2.43 -18.62 -28.12
CA PHE A 158 -1.93 -18.00 -26.89
C PHE A 158 -0.43 -18.20 -26.81
N VAL A 159 0.30 -17.13 -26.54
CA VAL A 159 1.73 -17.21 -26.40
C VAL A 159 2.09 -16.57 -25.07
N GLN A 160 2.46 -17.39 -24.11
CA GLN A 160 2.75 -16.94 -22.76
C GLN A 160 4.25 -16.76 -22.60
N ILE A 161 4.65 -15.61 -22.08
CA ILE A 161 6.07 -15.28 -21.92
C ILE A 161 6.34 -14.80 -20.49
N LYS A 162 7.43 -15.29 -19.91
CA LYS A 162 8.03 -14.65 -18.74
C LYS A 162 9.25 -13.90 -19.22
N CYS A 163 9.43 -12.68 -18.73
CA CYS A 163 10.52 -11.81 -19.14
C CYS A 163 11.06 -11.05 -17.93
N PRO A 164 12.26 -10.50 -18.05
CA PRO A 164 12.92 -9.87 -16.88
C PRO A 164 12.43 -8.43 -16.66
N LEU A 165 13.02 -7.81 -15.65
CA LEU A 165 12.75 -6.40 -15.38
C LEU A 165 14.03 -5.76 -14.84
N LEU A 166 13.95 -4.47 -14.56
CA LEU A 166 15.07 -3.72 -14.02
C LEU A 166 14.84 -3.46 -12.53
N THR A 167 15.86 -3.68 -11.72
CA THR A 167 15.90 -3.17 -10.36
C THR A 167 16.91 -2.04 -10.29
N ALA A 168 16.89 -1.31 -9.18
CA ALA A 168 17.87 -0.26 -8.95
C ALA A 168 19.29 -0.79 -9.12
N GLU A 169 19.58 -1.96 -8.54
CA GLU A 169 20.93 -2.49 -8.55
C GLU A 169 21.41 -2.78 -9.98
N ARG A 170 20.52 -3.34 -10.83
CA ARG A 170 20.86 -3.61 -12.22
C ARG A 170 21.03 -2.33 -13.04
N ILE A 171 20.27 -1.28 -12.72
CA ILE A 171 20.44 -0.02 -13.45
C ILE A 171 21.81 0.57 -13.14
N GLU A 172 22.25 0.45 -11.89
CA GLU A 172 23.58 0.95 -11.51
C GLU A 172 24.68 0.15 -12.20
N ASP A 173 24.54 -1.19 -12.25
CA ASP A 173 25.46 -1.99 -13.04
C ASP A 173 25.55 -1.47 -14.48
N ALA A 174 24.39 -1.20 -15.09
CA ALA A 174 24.38 -0.64 -16.44
C ALA A 174 25.16 0.67 -16.50
N LYS A 175 24.82 1.62 -15.62
CA LYS A 175 25.54 2.90 -15.64
C LYS A 175 27.03 2.67 -15.46
N ARG A 176 27.41 1.81 -14.51
CA ARG A 176 28.82 1.59 -14.26
C ARG A 176 29.54 1.01 -15.47
N ARG A 177 28.81 0.42 -16.41
CA ARG A 177 29.39 -0.01 -17.67
C ARG A 177 29.19 1.03 -18.77
N GLY A 178 28.58 2.17 -18.47
CA GLY A 178 28.39 3.21 -19.45
C GLY A 178 27.19 3.03 -20.36
N LYS A 179 26.15 2.34 -19.88
CA LYS A 179 24.99 2.03 -20.70
C LYS A 179 23.74 2.67 -20.10
N ASP A 180 22.86 3.15 -20.96
N ASP A 180 22.87 3.17 -20.96
CA ASP A 180 21.59 3.76 -20.56
CA ASP A 180 21.60 3.74 -20.55
C ASP A 180 20.46 2.74 -20.72
C ASP A 180 20.49 2.71 -20.71
N VAL A 181 19.74 2.47 -19.64
CA VAL A 181 18.60 1.55 -19.70
C VAL A 181 17.44 2.23 -20.44
N VAL A 182 16.41 1.47 -20.81
CA VAL A 182 15.31 2.06 -21.58
C VAL A 182 14.50 3.05 -20.73
N VAL A 183 14.36 2.81 -19.44
CA VAL A 183 13.63 3.71 -18.54
C VAL A 183 14.24 3.60 -17.15
N ASN A 184 14.23 4.69 -16.40
CA ASN A 184 14.88 4.61 -15.09
C ASN A 184 13.97 4.09 -13.97
N ASP A 185 12.72 3.79 -14.26
CA ASP A 185 11.74 3.38 -13.27
C ASP A 185 11.65 1.86 -13.27
N THR A 186 11.90 1.23 -12.10
CA THR A 186 11.85 -0.23 -12.05
C THR A 186 10.46 -0.74 -12.39
N TYR A 187 9.43 -0.11 -11.83
CA TYR A 187 8.05 -0.51 -12.18
C TYR A 187 7.79 -0.39 -13.67
N LYS A 188 8.13 0.76 -14.26
CA LYS A 188 7.91 0.95 -15.70
C LYS A 188 8.79 0.02 -16.56
N SER A 189 9.91 -0.46 -16.00
CA SER A 189 10.72 -1.39 -16.79
C SER A 189 9.93 -2.65 -17.10
N MET A 190 9.02 -3.03 -16.19
CA MET A 190 8.18 -4.20 -16.44
C MET A 190 7.32 -4.01 -17.71
N ALA A 191 6.79 -2.79 -17.92
CA ALA A 191 5.98 -2.52 -19.12
C ALA A 191 6.82 -2.56 -20.39
N TYR A 192 8.05 -2.03 -20.35
CA TYR A 192 8.91 -2.09 -21.53
C TYR A 192 9.29 -3.52 -21.85
N SER A 193 9.63 -4.31 -20.84
CA SER A 193 10.00 -5.71 -21.08
C SER A 193 8.79 -6.52 -21.56
N ARG A 194 7.61 -6.34 -20.92
CA ARG A 194 6.38 -6.97 -21.40
C ARG A 194 6.06 -6.54 -22.83
N GLY A 195 6.16 -5.23 -23.11
CA GLY A 195 5.79 -4.73 -24.44
C GLY A 195 6.73 -5.19 -25.55
N ALA A 196 8.03 -5.22 -25.27
CA ALA A 196 8.96 -5.67 -26.30
C ALA A 196 8.77 -7.16 -26.60
N SER A 197 8.56 -7.95 -25.54
CA SER A 197 8.31 -9.38 -25.73
C SER A 197 7.06 -9.62 -26.58
N ALA A 198 6.00 -8.82 -26.34
CA ALA A 198 4.75 -8.97 -27.07
C ALA A 198 4.93 -8.65 -28.56
N LEU A 199 5.68 -7.59 -28.88
CA LEU A 199 6.00 -7.30 -30.28
C LEU A 199 6.85 -8.40 -30.88
N GLY A 200 7.69 -9.05 -30.08
CA GLY A 200 8.40 -10.21 -30.59
C GLY A 200 7.46 -11.31 -31.03
N VAL A 201 6.36 -11.50 -30.29
CA VAL A 201 5.34 -12.47 -30.70
C VAL A 201 4.67 -12.02 -31.99
N ALA A 202 4.20 -10.77 -32.03
CA ALA A 202 3.55 -10.28 -33.24
C ALA A 202 4.46 -10.40 -34.46
N LEU A 203 5.76 -10.12 -34.29
CA LEU A 203 6.70 -10.21 -35.42
C LEU A 203 6.83 -11.66 -35.91
N ALA A 204 6.99 -12.61 -34.99
CA ALA A 204 7.19 -14.00 -35.38
C ALA A 204 5.92 -14.59 -36.02
N LEU A 205 4.74 -14.20 -35.55
CA LEU A 205 3.50 -14.75 -36.11
C LEU A 205 3.04 -14.01 -37.34
N GLY A 206 3.76 -12.97 -37.79
CA GLY A 206 3.32 -12.19 -38.92
C GLY A 206 2.19 -11.24 -38.63
N GLU A 207 1.84 -11.02 -37.35
CA GLU A 207 0.77 -10.07 -37.03
C GLU A 207 1.20 -8.65 -37.33
N ILE A 208 2.50 -8.37 -37.30
CA ILE A 208 3.07 -7.08 -37.64
C ILE A 208 4.34 -7.31 -38.43
N SER A 209 4.55 -6.51 -39.47
CA SER A 209 5.77 -6.62 -40.27
C SER A 209 6.94 -5.92 -39.57
N ALA A 210 8.14 -6.46 -39.79
CA ALA A 210 9.33 -5.97 -39.10
C ALA A 210 9.52 -4.48 -39.29
N ASP A 211 9.21 -3.96 -40.47
CA ASP A 211 9.53 -2.56 -40.74
C ASP A 211 8.64 -1.59 -39.98
N LYS A 212 7.66 -2.06 -39.21
CA LYS A 212 6.87 -1.21 -38.34
C LYS A 212 7.42 -1.14 -36.91
N ILE A 213 8.39 -1.98 -36.57
CA ILE A 213 8.84 -2.11 -35.19
C ILE A 213 10.21 -1.48 -35.04
N SER A 214 10.33 -0.53 -34.12
CA SER A 214 11.61 0.07 -33.79
C SER A 214 11.59 0.44 -32.30
N ASN A 215 12.75 0.84 -31.79
CA ASN A 215 12.85 1.15 -30.36
C ASN A 215 11.87 2.24 -29.97
N GLU A 216 11.62 3.22 -30.86
CA GLU A 216 10.74 4.32 -30.54
C GLU A 216 9.26 3.93 -30.55
N ALA A 217 8.91 2.83 -31.21
CA ALA A 217 7.53 2.38 -31.23
C ALA A 217 7.15 1.63 -29.96
N ILE A 218 8.14 1.06 -29.27
CA ILE A 218 7.90 0.19 -28.13
C ILE A 218 7.32 1.00 -26.97
N CYS A 219 6.14 0.62 -26.52
CA CYS A 219 5.42 1.29 -25.44
C CYS A 219 5.05 2.73 -25.79
N HIS A 220 4.93 3.02 -27.09
CA HIS A 220 4.41 4.30 -27.54
C HIS A 220 3.30 4.15 -28.58
N ASP A 221 3.48 3.26 -29.58
CA ASP A 221 2.48 3.05 -30.62
C ASP A 221 1.56 1.88 -30.21
N TRP A 222 0.52 2.20 -29.42
CA TRP A 222 -0.40 1.18 -28.94
C TRP A 222 -1.24 0.55 -30.04
N ASN A 223 -1.21 1.10 -31.26
CA ASN A 223 -1.91 0.44 -32.36
C ASN A 223 -1.12 -0.71 -32.96
N LEU A 224 0.12 -0.89 -32.54
CA LEU A 224 0.84 -2.13 -32.79
C LEU A 224 0.55 -3.10 -31.66
N TYR A 225 -0.05 -4.25 -31.98
CA TYR A 225 -0.21 -5.23 -30.91
C TYR A 225 -0.43 -6.61 -31.50
N SER A 226 -0.14 -7.60 -30.66
CA SER A 226 -0.47 -9.00 -30.89
C SER A 226 -1.82 -9.33 -30.26
N SER A 227 -2.54 -10.24 -30.91
CA SER A 227 -3.84 -10.70 -30.43
C SER A 227 -3.77 -12.00 -29.66
N VAL A 228 -2.58 -12.55 -29.43
CA VAL A 228 -2.47 -13.82 -28.72
C VAL A 228 -1.34 -13.76 -27.69
N ALA A 229 -0.56 -12.68 -27.70
CA ALA A 229 0.57 -12.57 -26.77
C ALA A 229 0.10 -12.26 -25.35
N SER A 230 0.76 -12.89 -24.38
CA SER A 230 0.48 -12.72 -22.96
C SER A 230 1.83 -12.78 -22.24
N THR A 231 2.34 -11.62 -21.82
CA THR A 231 3.70 -11.55 -21.30
C THR A 231 3.68 -11.05 -19.86
N SER A 232 4.68 -11.48 -19.10
CA SER A 232 4.72 -11.33 -17.64
C SER A 232 6.17 -11.14 -17.21
N ALA A 233 6.41 -10.14 -16.38
CA ALA A 233 7.76 -9.78 -15.97
C ALA A 233 8.02 -10.19 -14.52
N GLY A 234 9.28 -10.42 -14.19
CA GLY A 234 9.63 -10.94 -12.88
C GLY A 234 11.09 -10.70 -12.60
N VAL A 235 11.40 -10.48 -11.32
CA VAL A 235 12.75 -10.28 -10.85
C VAL A 235 13.56 -11.57 -10.91
N GLU A 236 12.89 -12.72 -10.93
CA GLU A 236 13.51 -14.02 -10.71
C GLU A 236 14.16 -14.63 -11.96
N LEU A 237 14.19 -13.94 -13.11
CA LEU A 237 14.84 -14.53 -14.27
C LEU A 237 15.44 -13.42 -15.13
N LEU A 238 16.46 -13.77 -15.91
CA LEU A 238 17.19 -12.81 -16.72
C LEU A 238 17.00 -13.02 -18.22
N ASN A 239 16.20 -14.03 -18.61
CA ASN A 239 15.87 -14.32 -20.00
C ASN A 239 14.36 -14.25 -20.20
N ASP A 240 13.92 -14.69 -21.38
CA ASP A 240 12.51 -14.89 -21.69
C ASP A 240 12.24 -16.38 -21.82
N GLU A 241 11.11 -16.82 -21.25
CA GLU A 241 10.61 -18.17 -21.44
C GLU A 241 9.29 -18.08 -22.22
N ILE A 242 9.13 -18.94 -23.23
CA ILE A 242 8.02 -18.91 -24.17
C ILE A 242 7.25 -20.22 -24.09
N ILE A 243 5.94 -20.14 -23.90
CA ILE A 243 5.03 -21.26 -24.12
C ILE A 243 4.06 -20.88 -25.25
N VAL A 244 4.12 -21.62 -26.35
CA VAL A 244 3.18 -21.46 -27.47
C VAL A 244 2.07 -22.48 -27.31
N VAL A 245 0.81 -22.03 -27.36
CA VAL A 245 -0.33 -22.91 -27.21
C VAL A 245 -1.27 -22.71 -28.39
N GLY A 246 -1.53 -23.79 -29.12
CA GLY A 246 -2.45 -23.77 -30.25
C GLY A 246 -3.11 -25.11 -30.51
N ASN A 247 -3.59 -25.33 -31.73
CA ASN A 247 -4.13 -26.60 -32.17
C ASN A 247 -3.38 -27.04 -33.43
N SER A 248 -3.16 -28.35 -33.57
CA SER A 248 -2.51 -28.87 -34.77
C SER A 248 -3.16 -30.18 -35.17
N THR A 249 -3.06 -30.49 -36.46
CA THR A 249 -3.59 -31.76 -36.92
C THR A 249 -2.78 -32.95 -36.40
N ASN A 250 -1.56 -32.73 -35.94
CA ASN A 250 -0.72 -33.81 -35.43
C ASN A 250 -0.81 -33.95 -33.92
N SER A 251 -1.99 -33.76 -33.34
CA SER A 251 -2.19 -33.81 -31.92
C SER A 251 -3.29 -34.79 -31.57
N ALA A 252 -3.05 -35.62 -30.55
CA ALA A 252 -4.05 -36.54 -30.05
C ALA A 252 -4.70 -36.05 -28.75
N SER A 253 -4.56 -34.76 -28.44
CA SER A 253 -5.19 -34.22 -27.24
C SER A 253 -6.70 -34.37 -27.29
N ASP A 254 -7.30 -34.56 -26.10
CA ASP A 254 -8.74 -34.44 -25.89
C ASP A 254 -9.14 -33.01 -25.54
N LEU A 255 -8.25 -32.05 -25.78
CA LEU A 255 -8.47 -30.65 -25.49
C LEU A 255 -8.36 -29.83 -26.77
N VAL A 256 -8.94 -28.62 -26.74
CA VAL A 256 -8.69 -27.60 -27.75
C VAL A 256 -8.53 -26.26 -27.03
N ILE A 257 -8.04 -25.28 -27.77
CA ILE A 257 -7.91 -23.92 -27.26
C ILE A 257 -8.53 -22.97 -28.29
N GLY A 258 -9.34 -22.04 -27.80
CA GLY A 258 -9.80 -20.93 -28.59
C GLY A 258 -9.47 -19.64 -27.87
N HIS A 259 -9.70 -18.52 -28.54
CA HIS A 259 -9.38 -17.24 -27.91
C HIS A 259 -10.19 -16.14 -28.55
N SER A 260 -10.20 -14.99 -27.88
CA SER A 260 -10.71 -13.76 -28.43
C SER A 260 -9.83 -12.63 -27.90
N VAL A 261 -10.27 -11.39 -28.08
CA VAL A 261 -9.55 -10.24 -27.54
C VAL A 261 -10.56 -9.39 -26.80
N MET A 262 -10.34 -9.17 -25.52
CA MET A 262 -11.17 -8.23 -24.78
C MET A 262 -10.86 -6.81 -25.25
N LYS A 263 -11.91 -6.06 -25.59
CA LYS A 263 -11.69 -4.70 -26.06
C LYS A 263 -11.45 -3.74 -24.91
N ASP A 264 -12.02 -4.02 -23.75
CA ASP A 264 -11.73 -3.26 -22.55
C ASP A 264 -11.85 -4.17 -21.34
N ALA A 265 -11.62 -3.61 -20.15
CA ALA A 265 -11.55 -4.40 -18.93
C ALA A 265 -12.90 -5.01 -18.55
N ILE A 266 -14.02 -4.50 -19.08
CA ILE A 266 -15.32 -5.08 -18.71
C ILE A 266 -15.97 -5.78 -19.88
N ASP A 267 -15.18 -6.33 -20.81
CA ASP A 267 -15.74 -6.90 -22.05
C ASP A 267 -16.12 -8.37 -21.83
N ALA A 268 -17.24 -8.57 -21.14
CA ALA A 268 -17.80 -9.90 -20.93
C ALA A 268 -18.20 -10.57 -22.25
N ASP A 269 -18.70 -9.80 -23.21
CA ASP A 269 -18.92 -10.31 -24.57
C ASP A 269 -17.70 -11.06 -25.09
N ALA A 270 -16.50 -10.52 -24.89
CA ALA A 270 -15.30 -11.16 -25.42
C ALA A 270 -14.96 -12.45 -24.66
N VAL A 271 -15.29 -12.50 -23.36
CA VAL A 271 -15.14 -13.74 -22.62
C VAL A 271 -16.01 -14.83 -23.23
N ARG A 272 -17.26 -14.49 -23.56
CA ARG A 272 -18.16 -15.48 -24.12
C ARG A 272 -17.74 -15.91 -25.53
N ALA A 273 -17.18 -14.99 -26.33
CA ALA A 273 -16.65 -15.40 -27.63
C ALA A 273 -15.45 -16.32 -27.47
N ALA A 274 -14.53 -16.01 -26.55
CA ALA A 274 -13.43 -16.94 -26.29
C ALA A 274 -13.96 -18.32 -25.97
N LEU A 275 -14.98 -18.39 -25.11
CA LEU A 275 -15.59 -19.67 -24.77
C LEU A 275 -16.15 -20.38 -26.00
N LYS A 276 -16.96 -19.67 -26.79
CA LYS A 276 -17.47 -20.27 -28.02
C LYS A 276 -16.35 -20.72 -28.94
N ASP A 277 -15.29 -19.93 -29.06
CA ASP A 277 -14.16 -20.34 -29.90
C ASP A 277 -13.51 -21.62 -29.39
N ALA A 278 -13.67 -21.96 -28.11
CA ALA A 278 -13.14 -23.20 -27.57
C ALA A 278 -14.13 -24.35 -27.66
N GLY A 279 -15.29 -24.15 -28.27
CA GLY A 279 -16.31 -25.18 -28.33
C GLY A 279 -17.31 -25.19 -27.19
N ILE A 280 -17.26 -24.21 -26.29
CA ILE A 280 -18.21 -24.13 -25.17
C ILE A 280 -19.37 -23.26 -25.65
N ARG A 281 -20.38 -23.90 -26.21
CA ARG A 281 -21.42 -23.18 -26.94
C ARG A 281 -22.65 -22.87 -26.10
N SER A 282 -22.63 -23.17 -24.80
CA SER A 282 -23.79 -22.95 -23.95
C SER A 282 -23.35 -22.86 -22.50
N ASP A 283 -24.19 -22.24 -21.67
CA ASP A 283 -23.88 -22.12 -20.25
C ASP A 283 -23.81 -23.48 -19.57
N ASP A 284 -24.58 -24.46 -20.07
CA ASP A 284 -24.58 -25.80 -19.50
C ASP A 284 -23.30 -26.56 -19.80
N GLU A 285 -22.41 -26.04 -20.65
CA GLU A 285 -21.17 -26.71 -21.02
C GLU A 285 -19.94 -26.07 -20.38
N MET A 286 -20.12 -25.18 -19.40
CA MET A 286 -19.00 -24.54 -18.73
C MET A 286 -18.10 -25.55 -18.01
N ASP A 287 -18.62 -26.75 -17.71
CA ASP A 287 -17.86 -27.78 -17.02
C ASP A 287 -16.68 -28.32 -17.83
N ARG A 288 -16.62 -28.07 -19.14
CA ARG A 288 -15.46 -28.49 -19.91
C ARG A 288 -14.28 -27.51 -19.82
N ILE A 289 -14.45 -26.35 -19.16
CA ILE A 289 -13.32 -25.43 -19.02
C ILE A 289 -12.20 -26.10 -18.23
N VAL A 290 -11.00 -26.10 -18.80
CA VAL A 290 -9.80 -26.45 -18.04
C VAL A 290 -9.20 -25.21 -17.39
N ASN A 291 -8.95 -24.16 -18.16
CA ASN A 291 -8.58 -22.88 -17.57
C ASN A 291 -8.92 -21.75 -18.55
N VAL A 292 -9.03 -20.54 -18.02
CA VAL A 292 -9.16 -19.33 -18.81
C VAL A 292 -7.93 -18.47 -18.54
N LEU A 293 -7.30 -17.96 -19.59
CA LEU A 293 -6.07 -17.19 -19.50
C LEU A 293 -6.29 -15.83 -20.16
N ALA A 294 -6.06 -14.76 -19.42
CA ALA A 294 -6.37 -13.43 -19.95
C ALA A 294 -5.34 -12.39 -19.50
N LYS A 295 -5.18 -11.36 -20.34
CA LYS A 295 -4.44 -10.15 -19.99
C LYS A 295 -5.41 -9.04 -19.62
N ALA A 296 -4.97 -8.18 -18.68
CA ALA A 296 -5.77 -7.07 -18.17
C ALA A 296 -4.91 -5.82 -18.14
N GLU A 297 -5.53 -4.65 -18.31
CA GLU A 297 -4.71 -3.45 -18.16
C GLU A 297 -5.58 -2.21 -17.99
N ALA A 298 -4.99 -1.20 -17.34
CA ALA A 298 -5.55 0.15 -17.32
C ALA A 298 -5.36 0.81 -18.67
N ALA A 299 -6.42 1.40 -19.23
CA ALA A 299 -6.27 2.07 -20.52
C ALA A 299 -5.52 3.39 -20.35
N SER A 300 -4.69 3.74 -21.35
CA SER A 300 -3.92 4.97 -21.26
C SER A 300 -4.81 6.21 -21.17
N SER A 301 -6.04 6.14 -21.70
CA SER A 301 -6.96 7.29 -21.62
C SER A 301 -7.46 7.57 -20.20
N GLY A 302 -7.27 6.65 -19.26
CA GLY A 302 -7.79 6.82 -17.92
C GLY A 302 -9.29 6.58 -17.81
N THR A 303 -9.90 5.89 -18.77
CA THR A 303 -11.35 5.78 -18.85
C THR A 303 -11.76 4.38 -19.31
N VAL A 304 -12.98 4.01 -18.94
CA VAL A 304 -13.64 2.82 -19.47
C VAL A 304 -15.01 3.26 -20.01
N ARG A 305 -15.21 3.08 -21.32
CA ARG A 305 -16.43 3.51 -22.01
C ARG A 305 -16.85 4.91 -21.59
N GLY A 306 -15.91 5.84 -21.70
CA GLY A 306 -16.16 7.22 -21.34
C GLY A 306 -16.21 7.51 -19.86
N ARG A 307 -15.99 6.52 -19.00
CA ARG A 307 -16.09 6.71 -17.55
C ARG A 307 -14.69 6.74 -16.95
N ARG A 308 -14.40 7.80 -16.19
CA ARG A 308 -13.11 7.96 -15.57
C ARG A 308 -12.92 6.96 -14.42
N ASN A 309 -11.71 6.42 -14.30
CA ASN A 309 -11.30 5.69 -13.11
C ASN A 309 -9.92 6.19 -12.69
N THR A 310 -9.52 5.84 -11.46
CA THR A 310 -8.30 6.35 -10.85
C THR A 310 -7.12 5.39 -10.95
N MET A 311 -7.21 4.38 -11.80
CA MET A 311 -6.16 3.36 -11.83
C MET A 311 -4.79 3.96 -12.11
N LEU A 312 -4.70 4.92 -13.04
CA LEU A 312 -3.42 5.52 -13.41
C LEU A 312 -2.96 6.58 -12.42
N ASP A 313 -3.83 6.97 -11.48
CA ASP A 313 -3.59 8.10 -10.58
C ASP A 313 -3.42 7.66 -9.14
N ASP A 314 -3.52 6.38 -8.84
CA ASP A 314 -3.59 5.93 -7.45
C ASP A 314 -2.18 5.57 -7.00
N SER A 315 -1.55 6.48 -6.26
CA SER A 315 -0.19 6.26 -5.77
C SER A 315 -0.12 5.20 -4.67
N ASP A 316 -1.26 4.65 -4.21
CA ASP A 316 -1.24 3.61 -3.17
C ASP A 316 -1.35 2.21 -3.74
N ILE A 317 -1.94 2.05 -4.92
CA ILE A 317 -2.11 0.76 -5.54
C ILE A 317 -1.68 0.89 -6.99
N ASN A 318 -0.71 0.09 -7.41
CA ASN A 318 -0.28 0.16 -8.80
C ASN A 318 -1.38 -0.34 -9.73
N HIS A 319 -1.44 0.24 -10.93
CA HIS A 319 -2.60 0.02 -11.78
C HIS A 319 -2.69 -1.44 -12.27
N THR A 320 -1.58 -2.17 -12.35
CA THR A 320 -1.68 -3.59 -12.74
C THR A 320 -2.36 -4.44 -11.66
N ARG A 321 -2.19 -4.08 -10.38
CA ARG A 321 -2.97 -4.76 -9.35
C ARG A 321 -4.47 -4.58 -9.57
N SER A 322 -4.89 -3.34 -9.84
CA SER A 322 -6.30 -3.05 -10.02
C SER A 322 -6.85 -3.75 -11.25
N ALA A 323 -6.11 -3.68 -12.37
CA ALA A 323 -6.60 -4.28 -13.60
C ALA A 323 -6.79 -5.79 -13.43
N ARG A 324 -5.86 -6.45 -12.72
CA ARG A 324 -6.02 -7.89 -12.48
C ARG A 324 -7.29 -8.18 -11.69
N ALA A 325 -7.51 -7.44 -10.61
CA ALA A 325 -8.72 -7.64 -9.82
C ALA A 325 -9.96 -7.54 -10.69
N VAL A 326 -9.99 -6.56 -11.60
CA VAL A 326 -11.20 -6.25 -12.36
C VAL A 326 -11.48 -7.35 -13.38
N VAL A 327 -10.49 -7.68 -14.21
CA VAL A 327 -10.71 -8.67 -15.26
C VAL A 327 -10.97 -10.05 -14.68
N ASN A 328 -10.28 -10.39 -13.58
CA ASN A 328 -10.58 -11.67 -12.94
C ASN A 328 -12.02 -11.70 -12.48
N ALA A 329 -12.49 -10.58 -11.90
CA ALA A 329 -13.87 -10.54 -11.43
C ALA A 329 -14.86 -10.69 -12.59
N VAL A 330 -14.55 -10.07 -13.74
CA VAL A 330 -15.45 -10.16 -14.89
C VAL A 330 -15.49 -11.58 -15.42
N ILE A 331 -14.32 -12.18 -15.70
CA ILE A 331 -14.30 -13.57 -16.14
C ILE A 331 -14.99 -14.46 -15.12
N ALA A 332 -14.66 -14.27 -13.83
CA ALA A 332 -15.27 -15.12 -12.80
C ALA A 332 -16.79 -15.05 -12.88
N SER A 333 -17.35 -13.84 -13.07
CA SER A 333 -18.80 -13.72 -13.11
C SER A 333 -19.40 -14.35 -14.36
N VAL A 334 -18.63 -14.55 -15.42
CA VAL A 334 -19.17 -15.23 -16.58
C VAL A 334 -19.04 -16.75 -16.45
N VAL A 335 -17.91 -17.27 -15.96
CA VAL A 335 -17.73 -18.73 -15.92
C VAL A 335 -18.08 -19.32 -14.56
N GLY A 336 -18.34 -18.49 -13.55
CA GLY A 336 -18.71 -19.00 -12.24
C GLY A 336 -17.56 -19.51 -11.37
N ASP A 337 -16.34 -19.04 -11.60
CA ASP A 337 -15.17 -19.62 -10.96
C ASP A 337 -14.04 -18.59 -10.98
N PRO A 338 -13.59 -18.10 -9.82
CA PRO A 338 -12.50 -17.10 -9.81
C PRO A 338 -11.12 -17.69 -9.96
N MET A 339 -10.96 -19.01 -10.02
CA MET A 339 -9.64 -19.62 -10.20
C MET A 339 -9.32 -19.74 -11.69
N VAL A 340 -9.05 -18.56 -12.27
CA VAL A 340 -8.60 -18.43 -13.64
C VAL A 340 -7.34 -17.57 -13.64
N TYR A 341 -6.55 -17.70 -14.70
CA TYR A 341 -5.27 -17.03 -14.83
C TYR A 341 -5.49 -15.63 -15.42
N VAL A 342 -5.20 -14.58 -14.65
CA VAL A 342 -5.25 -13.22 -15.19
C VAL A 342 -3.96 -12.49 -14.84
N SER A 343 -3.32 -11.93 -15.85
CA SER A 343 -2.07 -11.21 -15.74
C SER A 343 -2.28 -9.78 -16.21
N GLY A 344 -1.57 -8.85 -15.55
CA GLY A 344 -1.78 -7.44 -15.81
C GLY A 344 -0.67 -6.77 -16.60
N GLY A 345 -0.98 -5.62 -17.19
CA GLY A 345 -0.03 -4.93 -18.04
C GLY A 345 -0.06 -5.53 -19.42
N ALA A 346 -0.84 -4.93 -20.34
CA ALA A 346 -1.09 -5.55 -21.63
C ALA A 346 -0.53 -4.70 -22.77
N GLU A 347 0.72 -4.24 -22.59
CA GLU A 347 1.39 -3.42 -23.59
C GLU A 347 1.57 -4.21 -24.87
N HIS A 348 1.02 -3.69 -25.98
CA HIS A 348 1.13 -4.37 -27.26
C HIS A 348 0.50 -5.76 -27.22
N GLN A 349 -0.45 -5.95 -26.32
CA GLN A 349 -1.20 -7.20 -26.18
C GLN A 349 -2.67 -6.81 -26.21
N GLY A 350 -3.32 -6.99 -27.37
CA GLY A 350 -4.62 -6.42 -27.58
C GLY A 350 -4.53 -4.90 -27.64
N PRO A 351 -5.63 -4.25 -28.03
CA PRO A 351 -5.63 -2.78 -28.07
C PRO A 351 -5.38 -2.18 -26.69
N ASP A 352 -5.16 -0.88 -26.71
CA ASP A 352 -4.94 -0.08 -25.51
C ASP A 352 -6.15 -0.19 -24.56
N GLY A 353 -5.96 -0.78 -23.39
CA GLY A 353 -7.06 -1.02 -22.47
C GLY A 353 -7.69 -2.40 -22.53
N GLY A 354 -7.33 -3.21 -23.53
CA GLY A 354 -7.82 -4.58 -23.61
C GLY A 354 -6.67 -5.58 -23.68
N GLY A 355 -6.98 -6.86 -23.86
CA GLY A 355 -5.98 -7.88 -24.03
C GLY A 355 -6.54 -9.23 -24.45
N PRO A 356 -5.66 -10.11 -24.95
CA PRO A 356 -6.12 -11.45 -25.35
C PRO A 356 -6.72 -12.22 -24.20
N ILE A 357 -7.65 -13.11 -24.55
CA ILE A 357 -8.23 -14.04 -23.58
C ILE A 357 -8.37 -15.39 -24.28
N ALA A 358 -7.78 -16.42 -23.69
CA ALA A 358 -7.82 -17.76 -24.28
C ALA A 358 -8.54 -18.72 -23.32
N VAL A 359 -9.18 -19.73 -23.92
CA VAL A 359 -9.86 -20.78 -23.17
C VAL A 359 -9.32 -22.13 -23.65
N ILE A 360 -8.92 -22.96 -22.69
CA ILE A 360 -8.55 -24.36 -22.94
C ILE A 360 -9.72 -25.21 -22.47
N ALA A 361 -10.24 -26.05 -23.35
CA ALA A 361 -11.45 -26.81 -23.04
C ALA A 361 -11.28 -28.26 -23.48
N ARG A 362 -11.96 -29.16 -22.78
CA ARG A 362 -12.12 -30.52 -23.28
C ARG A 362 -13.14 -30.51 -24.41
N VAL A 363 -12.86 -31.30 -25.44
CA VAL A 363 -13.78 -31.38 -26.56
C VAL A 363 -14.97 -32.24 -26.14
N HIS B 1 38.03 -28.26 25.31
CA HIS B 1 36.79 -27.78 24.72
C HIS B 1 36.41 -26.40 25.25
N MET B 2 36.39 -25.41 24.36
CA MET B 2 36.08 -24.04 24.75
C MET B 2 35.22 -23.39 23.69
N GLN B 3 34.10 -22.80 24.10
CA GLN B 3 33.21 -22.16 23.16
C GLN B 3 33.81 -20.84 22.70
N LYS B 4 33.89 -20.66 21.39
CA LYS B 4 34.18 -19.37 20.80
C LYS B 4 33.01 -19.06 19.87
N VAL B 5 32.42 -17.89 20.03
CA VAL B 5 31.32 -17.46 19.18
C VAL B 5 31.85 -16.42 18.21
N GLU B 6 31.56 -16.62 16.93
CA GLU B 6 31.85 -15.64 15.89
C GLU B 6 30.54 -15.29 15.21
N VAL B 7 30.34 -14.01 14.94
CA VAL B 7 29.12 -13.48 14.34
C VAL B 7 29.48 -12.74 13.07
N PHE B 8 28.82 -13.08 11.96
CA PHE B 8 29.06 -12.45 10.67
C PHE B 8 27.77 -11.77 10.19
N ARG B 9 27.83 -10.46 10.01
CA ARG B 9 26.73 -9.70 9.40
C ARG B 9 26.96 -9.63 7.89
N ILE B 10 26.04 -10.19 7.12
CA ILE B 10 26.25 -10.40 5.68
C ILE B 10 25.18 -9.70 4.87
N PRO B 11 25.53 -8.70 4.05
CA PRO B 11 24.52 -8.10 3.18
C PRO B 11 23.94 -9.11 2.20
N THR B 12 22.67 -8.94 1.89
CA THR B 12 22.02 -9.82 0.94
C THR B 12 21.42 -9.00 -0.20
N ALA B 13 21.46 -9.58 -1.40
CA ALA B 13 20.93 -8.95 -2.59
C ALA B 13 19.47 -9.29 -2.83
N SER B 14 18.95 -10.30 -2.17
CA SER B 14 17.59 -10.78 -2.38
C SER B 14 17.28 -11.79 -1.29
N PRO B 15 16.02 -12.21 -1.12
CA PRO B 15 15.73 -13.14 -0.02
C PRO B 15 16.49 -14.45 -0.12
N ASP B 16 16.73 -14.95 -1.33
CA ASP B 16 17.38 -16.23 -1.58
C ASP B 16 18.89 -16.14 -1.80
N ASP B 17 19.51 -15.00 -1.51
CA ASP B 17 20.93 -14.80 -1.81
C ASP B 17 21.77 -15.50 -0.74
N ILE B 18 22.52 -16.53 -1.13
CA ILE B 18 23.41 -17.21 -0.19
C ILE B 18 24.87 -16.91 -0.48
N SER B 19 25.13 -15.99 -1.43
CA SER B 19 26.49 -15.82 -1.95
C SER B 19 27.45 -15.25 -0.90
N GLY B 20 26.98 -14.37 -0.02
CA GLY B 20 27.84 -13.88 1.04
C GLY B 20 28.19 -14.96 2.05
N LEU B 21 27.22 -15.78 2.44
CA LEU B 21 27.53 -16.91 3.31
C LEU B 21 28.49 -17.89 2.63
N ALA B 22 28.28 -18.16 1.34
CA ALA B 22 29.13 -19.11 0.63
C ALA B 22 30.55 -18.61 0.50
N THR B 23 30.73 -17.29 0.36
CA THR B 23 32.07 -16.73 0.29
C THR B 23 32.83 -16.98 1.59
N LEU B 24 32.18 -16.75 2.74
CA LEU B 24 32.79 -17.02 4.03
C LEU B 24 33.07 -18.52 4.24
N ILE B 25 32.18 -19.38 3.75
CA ILE B 25 32.43 -20.81 3.87
C ILE B 25 33.57 -21.22 2.94
N ASP B 26 33.52 -20.76 1.69
CA ASP B 26 34.56 -21.10 0.72
C ASP B 26 35.94 -20.62 1.16
N SER B 27 36.01 -19.50 1.88
CA SER B 27 37.34 -19.06 2.31
C SER B 27 37.83 -19.80 3.55
N GLY B 28 36.99 -20.63 4.18
CA GLY B 28 37.35 -21.26 5.44
C GLY B 28 37.08 -20.44 6.67
N LYS B 29 36.53 -19.23 6.55
CA LYS B 29 36.20 -18.42 7.72
C LYS B 29 35.08 -19.04 8.55
N ILE B 30 34.13 -19.70 7.88
CA ILE B 30 33.02 -20.36 8.54
C ILE B 30 33.06 -21.82 8.16
N ASN B 31 33.17 -22.70 9.16
CA ASN B 31 32.84 -24.10 8.98
C ASN B 31 31.33 -24.26 9.10
N PRO B 32 30.63 -24.72 8.05
CA PRO B 32 29.16 -24.75 8.12
C PRO B 32 28.62 -25.71 9.15
N ALA B 33 29.43 -26.69 9.60
CA ALA B 33 28.98 -27.58 10.66
C ALA B 33 28.89 -26.89 12.02
N GLU B 34 29.48 -25.70 12.16
CA GLU B 34 29.47 -24.97 13.42
C GLU B 34 28.40 -23.89 13.49
N ILE B 35 27.61 -23.70 12.43
CA ILE B 35 26.57 -22.69 12.45
C ILE B 35 25.44 -23.15 13.36
N VAL B 36 25.02 -22.29 14.28
CA VAL B 36 23.95 -22.62 15.21
C VAL B 36 22.69 -21.81 14.96
N ALA B 37 22.80 -20.64 14.34
CA ALA B 37 21.63 -19.80 14.13
C ALA B 37 21.91 -18.81 13.03
N ILE B 38 20.85 -18.46 12.29
CA ILE B 38 20.89 -17.39 11.31
C ILE B 38 19.71 -16.49 11.55
N LEU B 39 19.98 -15.19 11.77
CA LEU B 39 18.97 -14.18 12.04
C LEU B 39 18.91 -13.25 10.84
N GLY B 40 17.76 -13.22 10.15
CA GLY B 40 17.63 -12.51 8.89
C GLY B 40 16.70 -11.31 8.94
N LYS B 41 17.01 -10.29 8.15
CA LYS B 41 16.07 -9.25 7.73
C LYS B 41 15.80 -9.45 6.23
N THR B 42 14.58 -9.83 5.88
CA THR B 42 14.23 -10.11 4.50
C THR B 42 13.25 -9.06 4.01
N GLU B 43 13.24 -8.82 2.69
CA GLU B 43 12.64 -7.61 2.16
C GLU B 43 11.15 -7.73 1.82
N GLY B 44 10.44 -8.69 2.42
CA GLY B 44 9.00 -8.75 2.32
C GLY B 44 8.38 -7.69 3.22
N ASN B 45 7.05 -7.74 3.34
CA ASN B 45 6.37 -6.69 4.10
C ASN B 45 6.32 -6.94 5.60
N GLY B 46 6.91 -8.03 6.09
CA GLY B 46 7.00 -8.25 7.52
C GLY B 46 5.68 -8.48 8.21
N CYS B 47 4.59 -8.60 7.45
CA CYS B 47 3.28 -8.77 8.05
C CYS B 47 2.74 -10.17 7.80
N VAL B 48 1.47 -10.28 7.44
CA VAL B 48 0.87 -11.61 7.36
C VAL B 48 1.35 -12.32 6.10
N ASN B 49 1.15 -11.68 4.94
CA ASN B 49 1.49 -12.28 3.65
C ASN B 49 2.91 -11.89 3.23
N ASP B 50 3.88 -12.25 4.07
CA ASP B 50 5.30 -12.08 3.76
C ASP B 50 5.87 -13.47 3.51
N PHE B 51 6.10 -13.81 2.25
CA PHE B 51 6.69 -15.10 1.91
C PHE B 51 8.21 -15.03 1.71
N THR B 52 8.83 -13.86 1.86
CA THR B 52 10.30 -13.79 1.83
C THR B 52 10.92 -14.50 3.03
N ARG B 53 10.19 -14.58 4.15
CA ARG B 53 10.72 -15.27 5.33
C ARG B 53 10.94 -16.75 5.03
N GLY B 54 9.90 -17.42 4.49
CA GLY B 54 10.04 -18.82 4.17
C GLY B 54 10.97 -19.06 3.00
N PHE B 55 10.97 -18.14 2.02
CA PHE B 55 11.87 -18.24 0.88
C PHE B 55 13.33 -18.20 1.32
N ALA B 56 13.68 -17.25 2.19
CA ALA B 56 15.06 -17.14 2.67
C ALA B 56 15.45 -18.37 3.49
N THR B 57 14.55 -18.88 4.33
CA THR B 57 14.84 -20.07 5.11
C THR B 57 15.04 -21.28 4.20
N GLN B 58 14.12 -21.51 3.26
CA GLN B 58 14.30 -22.64 2.35
C GLN B 58 15.64 -22.53 1.60
N SER B 59 16.03 -21.32 1.19
CA SER B 59 17.25 -21.15 0.42
C SER B 59 18.47 -21.46 1.27
N LEU B 60 18.50 -20.93 2.49
CA LEU B 60 19.63 -21.20 3.39
C LEU B 60 19.72 -22.68 3.75
N ALA B 61 18.58 -23.31 4.05
CA ALA B 61 18.57 -24.73 4.40
C ALA B 61 18.99 -25.61 3.23
N MET B 62 18.51 -25.31 2.02
N MET B 62 18.55 -25.29 2.01
CA MET B 62 18.96 -26.05 0.84
CA MET B 62 18.97 -26.07 0.85
C MET B 62 20.48 -25.96 0.67
C MET B 62 20.47 -25.95 0.61
N TYR B 63 21.01 -24.74 0.74
CA TYR B 63 22.44 -24.53 0.55
C TYR B 63 23.25 -25.29 1.58
N LEU B 64 22.92 -25.12 2.88
CA LEU B 64 23.67 -25.78 3.95
C LEU B 64 23.50 -27.30 3.93
N ALA B 65 22.31 -27.80 3.56
CA ALA B 65 22.16 -29.23 3.40
C ALA B 65 23.13 -29.77 2.36
N GLU B 66 23.32 -29.01 1.27
CA GLU B 66 24.23 -29.43 0.21
C GLU B 66 25.67 -29.39 0.69
N LYS B 67 26.07 -28.33 1.40
CA LYS B 67 27.46 -28.28 1.92
C LYS B 67 27.70 -29.37 2.93
N LEU B 68 26.69 -29.72 3.75
CA LEU B 68 26.90 -30.63 4.87
C LEU B 68 26.62 -32.09 4.53
N GLY B 69 26.12 -32.40 3.34
CA GLY B 69 25.80 -33.77 2.99
C GLY B 69 24.67 -34.37 3.81
N ILE B 70 23.74 -33.55 4.28
CA ILE B 70 22.61 -34.02 5.06
C ILE B 70 21.34 -33.44 4.44
N SER B 71 20.20 -33.95 4.90
CA SER B 71 18.94 -33.51 4.34
C SER B 71 18.57 -32.13 4.85
N ARG B 72 17.73 -31.44 4.07
N ARG B 72 17.74 -31.44 4.05
CA ARG B 72 17.26 -30.12 4.51
CA ARG B 72 17.19 -30.15 4.44
C ARG B 72 16.50 -30.21 5.83
C ARG B 72 16.53 -30.24 5.81
N GLU B 73 15.68 -31.26 6.01
CA GLU B 73 14.99 -31.41 7.28
C GLU B 73 15.97 -31.52 8.42
N GLU B 74 17.09 -32.23 8.21
CA GLU B 74 18.10 -32.32 9.26
C GLU B 74 18.70 -30.96 9.58
N VAL B 75 18.98 -30.15 8.54
CA VAL B 75 19.51 -28.81 8.76
C VAL B 75 18.55 -27.99 9.63
N VAL B 76 17.25 -28.05 9.30
CA VAL B 76 16.21 -27.27 9.97
C VAL B 76 15.99 -27.78 11.41
N LYS B 77 16.23 -29.07 11.65
CA LYS B 77 16.17 -29.59 13.02
C LYS B 77 17.36 -29.13 13.85
N LYS B 78 18.46 -28.72 13.22
CA LYS B 78 19.69 -28.45 13.93
C LYS B 78 20.02 -26.97 14.04
N VAL B 79 19.57 -26.14 13.09
CA VAL B 79 19.95 -24.73 13.02
C VAL B 79 18.72 -23.87 13.19
N ALA B 80 18.80 -22.88 14.08
CA ALA B 80 17.74 -21.89 14.18
C ALA B 80 17.76 -20.98 12.95
N PHE B 81 16.61 -20.82 12.32
CA PHE B 81 16.42 -19.87 11.22
C PHE B 81 15.35 -18.89 11.66
N ILE B 82 15.73 -17.63 11.87
CA ILE B 82 14.80 -16.61 12.35
C ILE B 82 14.81 -15.48 11.31
N MET B 83 13.84 -15.49 10.41
CA MET B 83 13.75 -14.47 9.37
C MET B 83 12.64 -13.49 9.74
N SER B 84 13.01 -12.24 9.92
CA SER B 84 12.09 -11.17 10.22
C SER B 84 11.96 -10.30 8.97
N GLY B 85 10.79 -10.36 8.35
CA GLY B 85 10.55 -9.59 7.14
C GLY B 85 10.36 -8.12 7.48
N GLY B 86 10.37 -7.30 6.44
CA GLY B 86 10.14 -5.88 6.59
C GLY B 86 11.44 -5.10 6.66
N THR B 87 11.85 -4.53 5.53
CA THR B 87 13.04 -3.68 5.46
C THR B 87 12.61 -2.33 4.89
N GLU B 88 11.86 -1.57 5.67
CA GLU B 88 11.30 -0.31 5.22
C GLU B 88 12.31 0.81 5.44
N GLY B 89 11.99 2.00 4.90
CA GLY B 89 12.90 3.12 5.04
C GLY B 89 14.23 2.85 4.33
N VAL B 90 15.34 3.10 5.02
CA VAL B 90 16.65 2.83 4.45
C VAL B 90 17.23 1.51 4.95
N MET B 91 16.43 0.69 5.62
CA MET B 91 16.96 -0.52 6.26
C MET B 91 17.46 -1.52 5.22
N THR B 92 18.65 -2.04 5.44
CA THR B 92 19.35 -2.89 4.47
C THR B 92 19.11 -4.36 4.73
N PRO B 93 18.53 -5.11 3.79
CA PRO B 93 18.45 -6.56 3.96
C PRO B 93 19.82 -7.17 4.20
N HIS B 94 19.87 -8.18 5.07
CA HIS B 94 21.10 -8.83 5.53
C HIS B 94 20.72 -10.02 6.40
N ILE B 95 21.67 -10.94 6.56
CA ILE B 95 21.57 -11.99 7.56
C ILE B 95 22.73 -11.85 8.53
N THR B 96 22.51 -12.33 9.75
CA THR B 96 23.55 -12.43 10.78
C THR B 96 23.70 -13.90 11.14
N VAL B 97 24.91 -14.43 10.99
CA VAL B 97 25.17 -15.86 11.14
C VAL B 97 25.95 -16.06 12.45
N PHE B 98 25.41 -16.88 13.35
CA PHE B 98 26.06 -17.22 14.62
C PHE B 98 26.76 -18.57 14.51
N VAL B 99 28.06 -18.56 14.71
CA VAL B 99 28.90 -19.74 14.60
C VAL B 99 29.48 -20.00 15.98
N ARG B 100 29.28 -21.22 16.51
CA ARG B 100 29.85 -21.64 17.78
C ARG B 100 30.99 -22.63 17.52
N LYS B 101 32.23 -22.17 17.64
CA LYS B 101 33.35 -23.09 17.52
C LYS B 101 33.71 -23.67 18.88
N ASP B 102 34.38 -24.82 18.84
CA ASP B 102 34.97 -25.45 20.02
C ASP B 102 36.48 -25.41 19.83
N VAL B 103 37.15 -24.53 20.56
CA VAL B 103 38.53 -24.19 20.31
C VAL B 103 39.43 -24.80 21.38
N ALA B 104 40.72 -24.88 21.06
CA ALA B 104 41.73 -25.36 21.99
C ALA B 104 42.51 -24.17 22.56
N ALA B 105 41.79 -23.37 23.34
CA ALA B 105 42.33 -22.18 23.98
C ALA B 105 41.54 -21.94 25.26
N PRO B 106 42.17 -21.38 26.29
CA PRO B 106 41.42 -21.05 27.50
C PRO B 106 40.37 -20.00 27.23
N ALA B 107 39.39 -19.92 28.15
CA ALA B 107 38.46 -18.80 28.12
C ALA B 107 39.20 -17.48 28.26
N ALA B 108 38.69 -16.46 27.58
CA ALA B 108 39.30 -15.14 27.69
C ALA B 108 38.99 -14.53 29.06
N PRO B 109 39.86 -13.65 29.57
CA PRO B 109 39.59 -13.01 30.87
C PRO B 109 38.34 -12.15 30.79
N GLY B 110 37.56 -12.18 31.86
CA GLY B 110 36.26 -11.53 31.87
C GLY B 110 35.20 -12.37 31.20
N LYS B 111 34.08 -11.72 30.86
CA LYS B 111 32.96 -12.37 30.21
C LYS B 111 32.95 -12.04 28.73
N ARG B 112 32.71 -13.04 27.89
CA ARG B 112 32.66 -12.85 26.46
C ARG B 112 31.40 -13.49 25.88
N LEU B 113 31.08 -13.09 24.65
CA LEU B 113 29.83 -13.46 24.00
C LEU B 113 29.59 -14.97 24.05
N ALA B 114 28.37 -15.35 24.40
CA ALA B 114 27.95 -16.75 24.42
C ALA B 114 26.54 -16.86 23.85
N VAL B 115 26.26 -17.98 23.19
CA VAL B 115 24.99 -18.16 22.52
C VAL B 115 24.45 -19.55 22.82
N GLY B 116 23.16 -19.61 23.09
CA GLY B 116 22.48 -20.88 23.24
C GLY B 116 21.20 -20.87 22.44
N VAL B 117 20.78 -22.06 22.01
CA VAL B 117 19.65 -22.23 21.11
C VAL B 117 18.76 -23.31 21.67
N ALA B 118 17.44 -23.11 21.60
CA ALA B 118 16.49 -24.12 22.04
C ALA B 118 15.19 -23.95 21.28
N PHE B 119 14.53 -25.06 20.95
CA PHE B 119 13.22 -25.02 20.31
C PHE B 119 12.16 -25.52 21.29
N THR B 120 11.00 -24.85 21.31
CA THR B 120 9.86 -25.43 21.98
C THR B 120 9.26 -26.56 21.16
N ARG B 121 8.28 -27.24 21.75
CA ARG B 121 7.37 -28.10 21.02
C ARG B 121 6.47 -27.26 20.11
N ASP B 122 5.83 -27.94 19.15
CA ASP B 122 4.81 -27.29 18.34
C ASP B 122 3.62 -26.91 19.21
N PHE B 123 2.99 -25.78 18.90
CA PHE B 123 1.84 -25.29 19.65
C PHE B 123 0.56 -25.54 18.87
N LEU B 124 -0.46 -26.00 19.57
CA LEU B 124 -1.77 -26.04 18.97
C LEU B 124 -2.26 -24.61 18.78
N PRO B 125 -3.11 -24.36 17.78
CA PRO B 125 -3.55 -22.97 17.57
C PRO B 125 -4.17 -22.37 18.82
N GLU B 126 -4.87 -23.15 19.64
CA GLU B 126 -5.51 -22.53 20.81
C GLU B 126 -4.52 -22.21 21.93
N GLU B 127 -3.25 -22.59 21.79
CA GLU B 127 -2.23 -22.24 22.78
C GLU B 127 -1.53 -20.93 22.45
N LEU B 128 -1.61 -20.46 21.21
CA LEU B 128 -0.91 -19.23 20.87
C LEU B 128 -1.45 -18.06 21.67
N GLY B 129 -0.56 -17.23 22.19
CA GLY B 129 -0.98 -16.06 22.94
C GLY B 129 -1.56 -16.33 24.30
N ARG B 130 -1.32 -17.52 24.86
CA ARG B 130 -1.83 -17.88 26.17
C ARG B 130 -0.71 -18.52 27.01
N MET B 131 -1.06 -18.89 28.24
CA MET B 131 -0.06 -19.31 29.22
C MET B 131 0.71 -20.54 28.79
N GLU B 132 0.10 -21.41 27.97
N GLU B 132 0.11 -21.42 27.97
CA GLU B 132 0.83 -22.57 27.48
CA GLU B 132 0.87 -22.58 27.50
C GLU B 132 2.04 -22.14 26.64
C GLU B 132 2.05 -22.14 26.64
N GLN B 133 1.88 -21.09 25.84
CA GLN B 133 3.00 -20.54 25.09
C GLN B 133 4.01 -19.88 26.03
N VAL B 134 3.52 -19.09 26.99
CA VAL B 134 4.41 -18.38 27.92
C VAL B 134 5.29 -19.38 28.68
N ASN B 135 4.68 -20.39 29.32
CA ASN B 135 5.45 -21.34 30.13
C ASN B 135 6.39 -22.19 29.27
N GLU B 136 5.97 -22.54 28.06
CA GLU B 136 6.84 -23.37 27.22
C GLU B 136 8.05 -22.57 26.74
N VAL B 137 7.86 -21.30 26.39
CA VAL B 137 8.98 -20.45 26.02
C VAL B 137 9.93 -20.26 27.22
N ALA B 138 9.36 -20.10 28.43
CA ALA B 138 10.21 -19.88 29.60
C ALA B 138 11.14 -21.07 29.82
N ARG B 139 10.61 -22.29 29.74
CA ARG B 139 11.46 -23.47 29.88
C ARG B 139 12.53 -23.51 28.80
N ALA B 140 12.17 -23.16 27.55
CA ALA B 140 13.13 -23.24 26.46
C ALA B 140 14.20 -22.15 26.59
N VAL B 141 13.83 -20.99 27.14
CA VAL B 141 14.83 -19.96 27.41
C VAL B 141 15.84 -20.46 28.44
N LYS B 142 15.36 -21.15 29.47
CA LYS B 142 16.28 -21.68 30.49
C LYS B 142 17.23 -22.70 29.87
N GLU B 143 16.72 -23.54 28.98
CA GLU B 143 17.58 -24.49 28.30
C GLU B 143 18.65 -23.77 27.45
N ALA B 144 18.25 -22.75 26.70
CA ALA B 144 19.23 -22.01 25.90
C ALA B 144 20.31 -21.37 26.78
N MET B 145 19.90 -20.82 27.94
CA MET B 145 20.89 -20.24 28.85
C MET B 145 21.93 -21.28 29.27
N LYS B 146 21.51 -22.49 29.58
CA LYS B 146 22.46 -23.54 29.94
C LYS B 146 23.28 -23.95 28.73
N ASP B 147 22.65 -24.05 27.57
CA ASP B 147 23.38 -24.21 26.33
C ASP B 147 24.53 -23.18 26.25
N ALA B 148 24.21 -21.91 26.53
CA ALA B 148 25.18 -20.83 26.43
C ALA B 148 26.17 -20.80 27.59
N GLN B 149 25.98 -21.61 28.63
CA GLN B 149 26.85 -21.58 29.79
C GLN B 149 26.82 -20.21 30.47
N ILE B 150 25.64 -19.60 30.52
CA ILE B 150 25.40 -18.39 31.30
C ILE B 150 24.58 -18.77 32.52
N ASP B 151 25.13 -18.51 33.70
CA ASP B 151 24.44 -18.85 34.94
C ASP B 151 23.63 -17.70 35.50
N ASP B 152 24.04 -16.46 35.26
CA ASP B 152 23.37 -15.30 35.84
C ASP B 152 22.47 -14.67 34.80
N PRO B 153 21.16 -14.60 35.03
CA PRO B 153 20.27 -14.00 34.03
C PRO B 153 20.62 -12.55 33.68
N ARG B 154 21.30 -11.82 34.56
CA ARG B 154 21.73 -10.47 34.22
C ARG B 154 22.79 -10.45 33.13
N ASP B 155 23.47 -11.57 32.88
CA ASP B 155 24.42 -11.68 31.78
C ASP B 155 23.75 -11.99 30.44
N VAL B 156 22.41 -12.03 30.40
CA VAL B 156 21.67 -12.22 29.15
C VAL B 156 21.27 -10.84 28.63
N HIS B 157 21.62 -10.55 27.39
CA HIS B 157 21.39 -9.22 26.87
C HIS B 157 20.43 -9.16 25.68
N PHE B 158 20.08 -10.30 25.10
CA PHE B 158 19.17 -10.32 23.97
C PHE B 158 18.65 -11.74 23.81
N VAL B 159 17.32 -11.88 23.74
CA VAL B 159 16.69 -13.17 23.49
C VAL B 159 15.83 -12.99 22.25
N GLN B 160 16.25 -13.65 21.16
CA GLN B 160 15.55 -13.58 19.89
C GLN B 160 14.72 -14.85 19.70
N ILE B 161 13.45 -14.68 19.36
CA ILE B 161 12.51 -15.77 19.19
C ILE B 161 11.81 -15.60 17.84
N LYS B 162 11.66 -16.71 17.11
CA LYS B 162 10.66 -16.80 16.04
C LYS B 162 9.44 -17.52 16.62
N CYS B 163 8.26 -16.99 16.34
CA CYS B 163 7.05 -17.59 16.91
C CYS B 163 6.00 -17.73 15.82
N PRO B 164 4.97 -18.54 16.06
CA PRO B 164 3.96 -18.82 15.03
C PRO B 164 2.87 -17.76 15.00
N LEU B 165 1.94 -17.93 14.07
CA LEU B 165 0.77 -17.07 13.94
C LEU B 165 -0.42 -17.95 13.59
N LEU B 166 -1.61 -17.36 13.59
CA LEU B 166 -2.83 -18.08 13.25
C LEU B 166 -3.23 -17.77 11.82
N THR B 167 -3.33 -18.79 10.99
CA THR B 167 -3.93 -18.72 9.67
C THR B 167 -5.38 -19.18 9.75
N ALA B 168 -6.15 -18.89 8.69
CA ALA B 168 -7.54 -19.34 8.60
C ALA B 168 -7.65 -20.86 8.80
N GLU B 169 -6.72 -21.63 8.23
CA GLU B 169 -6.80 -23.08 8.34
C GLU B 169 -6.56 -23.54 9.77
N ARG B 170 -5.57 -22.95 10.45
CA ARG B 170 -5.29 -23.34 11.82
C ARG B 170 -6.45 -22.98 12.75
N ILE B 171 -7.04 -21.80 12.54
CA ILE B 171 -8.22 -21.42 13.33
C ILE B 171 -9.34 -22.43 13.12
N GLU B 172 -9.59 -22.81 11.86
CA GLU B 172 -10.64 -23.77 11.56
C GLU B 172 -10.37 -25.14 12.18
N ASP B 173 -9.10 -25.55 12.21
CA ASP B 173 -8.74 -26.79 12.89
C ASP B 173 -9.12 -26.74 14.36
N ALA B 174 -8.82 -25.62 15.03
CA ALA B 174 -9.13 -25.49 16.44
C ALA B 174 -10.65 -25.51 16.67
N LYS B 175 -11.41 -24.80 15.83
CA LYS B 175 -12.87 -24.80 15.97
C LYS B 175 -13.44 -26.20 15.77
N ARG B 176 -12.93 -26.93 14.77
CA ARG B 176 -13.38 -28.30 14.58
C ARG B 176 -13.13 -29.17 15.81
N ARG B 177 -12.08 -28.89 16.58
CA ARG B 177 -11.83 -29.65 17.80
C ARG B 177 -12.55 -29.08 19.02
N GLY B 178 -13.45 -28.13 18.84
CA GLY B 178 -14.17 -27.56 19.96
C GLY B 178 -13.46 -26.43 20.71
N LYS B 179 -12.32 -25.96 20.21
CA LYS B 179 -11.55 -24.94 20.91
C LYS B 179 -11.69 -23.58 20.24
N ASP B 180 -11.56 -22.52 21.05
CA ASP B 180 -11.51 -21.16 20.57
C ASP B 180 -10.08 -20.64 20.61
N VAL B 181 -9.75 -19.75 19.69
CA VAL B 181 -8.42 -19.17 19.64
C VAL B 181 -8.43 -17.82 20.34
N VAL B 182 -7.23 -17.31 20.63
CA VAL B 182 -7.13 -16.08 21.40
C VAL B 182 -7.72 -14.90 20.64
N VAL B 183 -7.59 -14.89 19.30
CA VAL B 183 -8.19 -13.84 18.49
C VAL B 183 -8.44 -14.40 17.09
N ASN B 184 -9.52 -13.93 16.48
CA ASN B 184 -9.98 -14.44 15.19
C ASN B 184 -9.50 -13.55 14.05
N ASP B 185 -8.18 -13.38 13.98
CA ASP B 185 -7.58 -12.41 13.07
C ASP B 185 -6.10 -12.72 12.94
N THR B 186 -5.67 -13.05 11.72
CA THR B 186 -4.27 -13.46 11.54
C THR B 186 -3.31 -12.35 11.96
N TYR B 187 -3.53 -11.12 11.50
CA TYR B 187 -2.61 -10.04 11.85
C TYR B 187 -2.52 -9.84 13.37
N LYS B 188 -3.67 -9.81 14.06
CA LYS B 188 -3.66 -9.66 15.50
C LYS B 188 -2.97 -10.82 16.21
N SER B 189 -3.10 -12.05 15.67
CA SER B 189 -2.48 -13.19 16.32
C SER B 189 -0.96 -13.05 16.37
N MET B 190 -0.36 -12.35 15.39
CA MET B 190 1.07 -12.11 15.44
C MET B 190 1.45 -11.37 16.72
N ALA B 191 0.60 -10.40 17.11
CA ALA B 191 0.86 -9.60 18.30
C ALA B 191 0.78 -10.45 19.58
N TYR B 192 -0.27 -11.29 19.68
CA TYR B 192 -0.43 -12.15 20.85
C TYR B 192 0.70 -13.18 20.93
N SER B 193 1.09 -13.73 19.80
CA SER B 193 2.20 -14.68 19.77
C SER B 193 3.51 -14.01 20.18
N ARG B 194 3.83 -12.87 19.55
CA ARG B 194 4.98 -12.08 20.00
C ARG B 194 4.89 -11.77 21.49
N GLY B 195 3.70 -11.40 21.98
CA GLY B 195 3.57 -10.95 23.35
C GLY B 195 3.71 -12.07 24.37
N ALA B 196 3.02 -13.19 24.13
CA ALA B 196 3.16 -14.35 25.00
C ALA B 196 4.62 -14.80 25.04
N SER B 197 5.28 -14.83 23.90
CA SER B 197 6.67 -15.29 23.87
C SER B 197 7.57 -14.35 24.66
N ALA B 198 7.36 -13.04 24.52
CA ALA B 198 8.16 -12.08 25.27
C ALA B 198 7.98 -12.29 26.78
N LEU B 199 6.75 -12.61 27.21
CA LEU B 199 6.51 -12.83 28.63
C LEU B 199 7.16 -14.12 29.12
N GLY B 200 7.29 -15.14 28.25
CA GLY B 200 8.08 -16.31 28.62
C GLY B 200 9.52 -15.97 28.93
N VAL B 201 10.13 -15.10 28.10
CA VAL B 201 11.47 -14.59 28.38
C VAL B 201 11.50 -13.92 29.76
N ALA B 202 10.58 -12.98 30.00
CA ALA B 202 10.58 -12.27 31.27
C ALA B 202 10.40 -13.23 32.42
N LEU B 203 9.52 -14.21 32.26
CA LEU B 203 9.34 -15.23 33.29
C LEU B 203 10.65 -15.98 33.55
N ALA B 204 11.29 -16.46 32.48
CA ALA B 204 12.48 -17.30 32.64
C ALA B 204 13.62 -16.52 33.28
N LEU B 205 13.79 -15.25 32.91
CA LEU B 205 14.90 -14.45 33.42
C LEU B 205 14.60 -13.80 34.78
N GLY B 206 13.38 -13.93 35.29
CA GLY B 206 13.07 -13.29 36.55
C GLY B 206 12.85 -11.81 36.47
N GLU B 207 12.60 -11.26 35.27
CA GLU B 207 12.23 -9.85 35.16
C GLU B 207 10.82 -9.59 35.65
N ILE B 208 9.97 -10.61 35.70
CA ILE B 208 8.60 -10.50 36.20
C ILE B 208 8.28 -11.75 37.02
N SER B 209 7.51 -11.58 38.09
CA SER B 209 7.13 -12.70 38.92
C SER B 209 6.02 -13.50 38.27
N ALA B 210 6.07 -14.82 38.47
CA ALA B 210 5.13 -15.73 37.82
C ALA B 210 3.68 -15.36 38.13
N ASP B 211 3.41 -14.96 39.37
CA ASP B 211 2.02 -14.70 39.74
C ASP B 211 1.51 -13.35 39.23
N LYS B 212 2.26 -12.65 38.38
CA LYS B 212 1.72 -11.47 37.71
C LYS B 212 1.23 -11.77 36.30
N ILE B 213 1.52 -12.95 35.75
CA ILE B 213 1.23 -13.26 34.36
C ILE B 213 0.03 -14.21 34.29
N SER B 214 -0.96 -13.85 33.48
CA SER B 214 -2.08 -14.75 33.21
C SER B 214 -2.61 -14.45 31.81
N ASN B 215 -3.57 -15.25 31.36
CA ASN B 215 -4.11 -15.07 30.01
C ASN B 215 -4.61 -13.65 29.81
N GLU B 216 -5.36 -13.12 30.77
CA GLU B 216 -5.94 -11.79 30.63
C GLU B 216 -4.86 -10.71 30.63
N ALA B 217 -3.70 -10.98 31.21
CA ALA B 217 -2.64 -9.97 31.21
C ALA B 217 -1.99 -9.84 29.83
N ILE B 218 -2.04 -10.90 29.02
CA ILE B 218 -1.27 -10.93 27.78
C ILE B 218 -1.85 -9.93 26.78
N CYS B 219 -0.98 -9.06 26.25
CA CYS B 219 -1.37 -7.97 25.35
C CYS B 219 -2.46 -7.08 25.95
N HIS B 220 -2.43 -6.88 27.26
CA HIS B 220 -3.29 -5.90 27.92
C HIS B 220 -2.52 -5.10 28.97
N ASP B 221 -1.77 -5.77 29.85
CA ASP B 221 -1.02 -5.10 30.91
C ASP B 221 0.38 -4.76 30.39
N TRP B 222 0.53 -3.54 29.87
CA TRP B 222 1.79 -3.12 29.27
C TRP B 222 2.87 -2.83 30.30
N ASN B 223 2.52 -2.71 31.59
CA ASN B 223 3.54 -2.57 32.63
C ASN B 223 4.42 -3.80 32.75
N LEU B 224 3.99 -4.95 32.21
CA LEU B 224 4.77 -6.18 32.21
C LEU B 224 5.61 -6.24 30.94
N TYR B 225 6.92 -6.35 31.08
CA TYR B 225 7.70 -6.55 29.86
C TYR B 225 9.11 -7.02 30.21
N SER B 226 9.71 -7.70 29.23
CA SER B 226 11.11 -8.06 29.21
C SER B 226 11.93 -6.92 28.63
N SER B 227 13.14 -6.75 29.16
CA SER B 227 14.06 -5.74 28.68
C SER B 227 15.08 -6.29 27.67
N VAL B 228 14.99 -7.56 27.32
CA VAL B 228 15.93 -8.16 26.37
C VAL B 228 15.22 -8.99 25.31
N ALA B 229 13.94 -9.29 25.51
CA ALA B 229 13.22 -10.15 24.57
C ALA B 229 12.96 -9.41 23.26
N SER B 230 13.21 -10.11 22.15
CA SER B 230 12.89 -9.65 20.81
C SER B 230 12.26 -10.83 20.07
N THR B 231 11.00 -10.69 19.68
CA THR B 231 10.19 -11.78 19.16
C THR B 231 9.56 -11.37 17.85
N SER B 232 9.45 -12.33 16.93
CA SER B 232 9.03 -12.08 15.55
C SER B 232 8.17 -13.24 15.07
N ALA B 233 6.99 -12.94 14.52
CA ALA B 233 6.04 -13.96 14.09
C ALA B 233 6.19 -14.26 12.60
N GLY B 234 5.79 -15.48 12.21
CA GLY B 234 5.79 -15.88 10.83
C GLY B 234 4.96 -17.12 10.60
N VAL B 235 4.63 -17.37 9.32
CA VAL B 235 3.72 -18.48 9.01
C VAL B 235 4.40 -19.84 8.94
N GLU B 236 5.73 -19.88 9.05
N GLU B 236 5.73 -19.93 8.87
CA GLU B 236 6.55 -20.99 8.60
CA GLU B 236 6.29 -21.17 8.35
C GLU B 236 6.93 -21.99 9.70
C GLU B 236 6.08 -22.35 9.31
N LEU B 237 6.52 -21.77 10.94
N LEU B 237 6.55 -22.25 10.56
CA LEU B 237 6.75 -22.78 11.97
CA LEU B 237 6.42 -23.38 11.46
C LEU B 237 5.58 -22.80 12.94
C LEU B 237 5.37 -23.10 12.56
N LEU B 238 5.36 -23.96 13.57
CA LEU B 238 4.35 -24.02 14.63
C LEU B 238 4.92 -23.95 16.05
N ASN B 239 6.22 -23.82 16.21
CA ASN B 239 6.88 -23.76 17.50
C ASN B 239 7.55 -22.39 17.64
N ASP B 240 8.26 -22.17 18.74
CA ASP B 240 9.14 -21.02 18.91
C ASP B 240 10.59 -21.48 18.77
N GLU B 241 11.41 -20.72 18.07
CA GLU B 241 12.85 -20.92 18.06
C GLU B 241 13.51 -19.80 18.86
N ILE B 242 14.38 -20.18 19.81
CA ILE B 242 14.94 -19.27 20.79
C ILE B 242 16.45 -19.17 20.60
N ILE B 243 16.96 -17.95 20.49
CA ILE B 243 18.40 -17.65 20.56
C ILE B 243 18.65 -16.75 21.76
N VAL B 244 19.39 -17.25 22.74
CA VAL B 244 19.80 -16.49 23.90
C VAL B 244 21.23 -15.99 23.65
N VAL B 245 21.43 -14.68 23.76
CA VAL B 245 22.74 -14.07 23.55
C VAL B 245 23.11 -13.28 24.80
N GLY B 246 24.29 -13.57 25.33
CA GLY B 246 24.83 -12.84 26.45
C GLY B 246 26.32 -13.02 26.53
N ASN B 247 26.86 -12.85 27.73
CA ASN B 247 28.29 -13.01 27.97
C ASN B 247 28.49 -14.05 29.06
N SER B 248 29.46 -14.93 28.86
CA SER B 248 29.78 -16.00 29.80
C SER B 248 31.21 -15.83 30.28
N THR B 249 31.46 -16.21 31.55
CA THR B 249 32.83 -16.31 32.01
C THR B 249 33.54 -17.55 31.50
N ASN B 250 32.87 -18.35 30.67
CA ASN B 250 33.54 -19.49 30.03
C ASN B 250 33.49 -19.36 28.52
N SER B 251 33.98 -18.24 27.99
CA SER B 251 33.95 -17.98 26.56
C SER B 251 35.29 -17.47 26.08
N ALA B 252 35.73 -17.95 24.92
CA ALA B 252 36.91 -17.44 24.25
C ALA B 252 36.57 -16.49 23.10
N SER B 253 35.32 -16.02 23.01
CA SER B 253 34.93 -15.13 21.94
C SER B 253 35.71 -13.81 22.01
N ASP B 254 36.03 -13.26 20.84
CA ASP B 254 36.59 -11.92 20.68
C ASP B 254 35.50 -10.84 20.67
N LEU B 255 34.29 -11.17 21.12
CA LEU B 255 33.14 -10.29 21.10
C LEU B 255 32.48 -10.23 22.46
N VAL B 256 31.65 -9.20 22.64
CA VAL B 256 30.77 -9.02 23.78
C VAL B 256 29.45 -8.46 23.26
N ILE B 257 28.45 -8.45 24.12
CA ILE B 257 27.16 -7.86 23.79
C ILE B 257 26.71 -6.97 24.95
N GLY B 258 26.10 -5.83 24.60
CA GLY B 258 25.46 -4.97 25.58
C GLY B 258 24.04 -4.67 25.12
N HIS B 259 23.28 -4.02 26.01
CA HIS B 259 21.93 -3.65 25.61
C HIS B 259 21.45 -2.45 26.42
N SER B 260 20.44 -1.78 25.87
CA SER B 260 19.64 -0.81 26.62
C SER B 260 18.19 -1.05 26.22
N VAL B 261 17.30 -0.13 26.58
CA VAL B 261 15.89 -0.20 26.20
C VAL B 261 15.47 1.16 25.66
N MET B 262 14.99 1.20 24.42
CA MET B 262 14.42 2.44 23.88
C MET B 262 13.10 2.76 24.58
N LYS B 263 13.00 3.94 25.18
CA LYS B 263 11.76 4.32 25.84
C LYS B 263 10.68 4.68 24.83
N ASP B 264 11.09 5.13 23.65
CA ASP B 264 10.15 5.43 22.57
C ASP B 264 10.94 5.36 21.26
N ALA B 265 10.20 5.51 20.15
CA ALA B 265 10.77 5.23 18.83
C ALA B 265 11.87 6.21 18.40
N ILE B 266 12.02 7.35 19.09
CA ILE B 266 13.10 8.24 18.67
C ILE B 266 14.16 8.39 19.75
N ASP B 267 14.34 7.35 20.57
CA ASP B 267 15.22 7.45 21.75
C ASP B 267 16.67 7.14 21.35
N ALA B 268 17.31 8.14 20.73
CA ALA B 268 18.71 8.00 20.35
C ALA B 268 19.61 7.85 21.58
N ASP B 269 19.19 8.40 22.73
CA ASP B 269 19.96 8.19 23.95
C ASP B 269 20.12 6.71 24.25
N ALA B 270 19.05 5.92 24.05
CA ALA B 270 19.12 4.50 24.34
C ALA B 270 20.04 3.77 23.37
N VAL B 271 20.17 4.24 22.13
CA VAL B 271 21.13 3.64 21.20
C VAL B 271 22.55 3.81 21.72
N ARG B 272 22.88 5.05 22.13
CA ARG B 272 24.23 5.32 22.63
C ARG B 272 24.50 4.57 23.92
N ALA B 273 23.49 4.42 24.79
CA ALA B 273 23.68 3.68 26.04
C ALA B 273 23.93 2.20 25.77
N ALA B 274 23.28 1.63 24.74
CA ALA B 274 23.55 0.24 24.39
C ALA B 274 24.95 0.09 23.80
N LEU B 275 25.38 1.05 22.99
CA LEU B 275 26.75 1.05 22.48
C LEU B 275 27.74 1.06 23.62
N LYS B 276 27.58 2.00 24.55
CA LYS B 276 28.47 2.04 25.71
C LYS B 276 28.47 0.74 26.50
N ASP B 277 27.29 0.14 26.68
CA ASP B 277 27.24 -1.10 27.43
C ASP B 277 27.99 -2.23 26.72
N ALA B 278 28.18 -2.12 25.42
CA ALA B 278 28.97 -3.08 24.65
C ALA B 278 30.43 -2.65 24.49
N GLY B 279 30.87 -1.65 25.24
CA GLY B 279 32.26 -1.23 25.23
C GLY B 279 32.62 -0.17 24.21
N ILE B 280 31.67 0.30 23.41
CA ILE B 280 31.94 1.30 22.39
C ILE B 280 31.69 2.67 23.03
N ARG B 281 32.78 3.37 23.34
CA ARG B 281 32.72 4.57 24.18
C ARG B 281 32.92 5.86 23.39
N SER B 282 33.00 5.80 22.07
CA SER B 282 33.22 7.00 21.25
C SER B 282 32.87 6.71 19.80
N ASP B 283 32.80 7.79 19.01
CA ASP B 283 32.43 7.66 17.60
C ASP B 283 33.41 6.79 16.84
N ASP B 284 34.70 6.90 17.14
CA ASP B 284 35.71 6.18 16.36
C ASP B 284 35.71 4.69 16.67
N GLU B 285 35.28 4.29 17.87
CA GLU B 285 35.13 2.88 18.16
C GLU B 285 33.87 2.28 17.52
N MET B 286 33.05 3.09 16.86
CA MET B 286 31.84 2.55 16.26
C MET B 286 32.14 1.48 15.20
N ASP B 287 33.35 1.48 14.64
CA ASP B 287 33.75 0.46 13.67
C ASP B 287 33.89 -0.93 14.29
N ARG B 288 33.80 -1.05 15.61
CA ARG B 288 33.81 -2.37 16.24
C ARG B 288 32.43 -2.99 16.32
N ILE B 289 31.38 -2.31 15.80
CA ILE B 289 30.05 -2.90 15.78
C ILE B 289 30.03 -4.10 14.85
N VAL B 290 29.44 -5.19 15.32
CA VAL B 290 29.07 -6.31 14.45
C VAL B 290 27.62 -6.20 14.01
N ASN B 291 26.68 -6.03 14.95
CA ASN B 291 25.32 -5.68 14.56
C ASN B 291 24.63 -4.97 15.72
N VAL B 292 23.58 -4.24 15.39
CA VAL B 292 22.64 -3.69 16.36
C VAL B 292 21.28 -4.34 16.10
N LEU B 293 20.58 -4.71 17.18
CA LEU B 293 19.35 -5.51 17.13
C LEU B 293 18.32 -4.81 18.00
N ALA B 294 17.21 -4.38 17.40
CA ALA B 294 16.27 -3.54 18.14
C ALA B 294 14.85 -3.91 17.81
N LYS B 295 13.96 -3.66 18.77
CA LYS B 295 12.51 -3.77 18.61
C LYS B 295 11.91 -2.38 18.46
N ALA B 296 10.90 -2.26 17.59
CA ALA B 296 10.18 -1.01 17.31
C ALA B 296 8.66 -1.23 17.35
N GLU B 297 7.91 -0.21 17.76
CA GLU B 297 6.45 -0.35 17.71
C GLU B 297 5.76 1.01 17.73
N ALA B 298 4.50 1.00 17.30
CA ALA B 298 3.63 2.15 17.40
C ALA B 298 3.02 2.19 18.80
N ALA B 299 3.36 3.22 19.58
CA ALA B 299 2.77 3.36 20.90
C ALA B 299 1.24 3.31 20.81
N SER B 300 0.60 2.78 21.87
CA SER B 300 -0.86 2.64 21.82
C SER B 300 -1.56 3.97 22.07
N SER B 301 -0.87 4.98 22.60
CA SER B 301 -1.44 6.31 22.71
C SER B 301 -1.65 6.99 21.36
N GLY B 302 -1.04 6.46 20.29
CA GLY B 302 -1.05 7.15 19.02
C GLY B 302 -0.18 8.38 18.95
N THR B 303 0.77 8.53 19.88
CA THR B 303 1.63 9.71 19.94
C THR B 303 3.07 9.31 20.27
N VAL B 304 3.98 10.25 20.00
CA VAL B 304 5.37 10.20 20.47
C VAL B 304 5.66 11.53 21.16
N ARG B 305 6.06 11.46 22.43
CA ARG B 305 6.33 12.63 23.27
C ARG B 305 5.24 13.69 23.11
N GLY B 306 3.99 13.23 23.06
CA GLY B 306 2.87 14.16 22.97
C GLY B 306 2.54 14.66 21.57
N ARG B 307 3.26 14.19 20.54
CA ARG B 307 3.00 14.59 19.18
C ARG B 307 2.23 13.48 18.48
N ARG B 308 1.07 13.83 17.93
CA ARG B 308 0.25 12.87 17.20
C ARG B 308 0.97 12.37 15.95
N ASN B 309 0.77 11.11 15.63
CA ASN B 309 1.12 10.60 14.31
C ASN B 309 0.01 9.67 13.84
N THR B 310 0.07 9.30 12.57
CA THR B 310 -1.01 8.61 11.88
C THR B 310 -0.85 7.10 11.84
N MET B 311 0.17 6.55 12.52
CA MET B 311 0.50 5.14 12.32
C MET B 311 -0.69 4.24 12.55
N LEU B 312 -1.48 4.51 13.60
CA LEU B 312 -2.60 3.65 13.97
C LEU B 312 -3.87 3.97 13.19
N ASP B 313 -3.87 5.05 12.41
CA ASP B 313 -5.03 5.44 11.63
C ASP B 313 -4.83 5.23 10.14
N ASP B 314 -3.62 4.81 9.72
CA ASP B 314 -3.25 4.81 8.31
C ASP B 314 -3.64 3.48 7.69
N SER B 315 -4.73 3.46 6.92
CA SER B 315 -5.20 2.21 6.35
C SER B 315 -4.38 1.76 5.14
N ASP B 316 -3.53 2.60 4.57
CA ASP B 316 -2.73 2.15 3.43
C ASP B 316 -1.44 1.48 3.85
N ILE B 317 -0.91 1.78 5.04
CA ILE B 317 0.41 1.30 5.45
C ILE B 317 0.32 0.79 6.89
N ASN B 318 0.61 -0.48 7.09
CA ASN B 318 0.49 -1.05 8.42
C ASN B 318 1.48 -0.41 9.40
N HIS B 319 1.07 -0.30 10.66
CA HIS B 319 1.87 0.48 11.58
C HIS B 319 3.20 -0.21 11.91
N THR B 320 3.27 -1.54 11.82
CA THR B 320 4.57 -2.16 12.11
C THR B 320 5.58 -1.82 11.03
N ARG B 321 5.13 -1.58 9.79
CA ARG B 321 6.05 -1.13 8.75
C ARG B 321 6.59 0.25 9.07
N SER B 322 5.71 1.16 9.52
CA SER B 322 6.18 2.50 9.87
C SER B 322 7.14 2.45 11.05
N ALA B 323 6.81 1.68 12.08
CA ALA B 323 7.68 1.64 13.26
C ALA B 323 9.09 1.18 12.89
N ARG B 324 9.18 0.18 12.00
CA ARG B 324 10.50 -0.31 11.59
C ARG B 324 11.29 0.75 10.83
N ALA B 325 10.67 1.41 9.86
CA ALA B 325 11.40 2.45 9.14
C ALA B 325 11.93 3.51 10.11
N VAL B 326 11.12 3.88 11.09
CA VAL B 326 11.49 4.98 11.99
C VAL B 326 12.68 4.58 12.86
N VAL B 327 12.58 3.44 13.56
CA VAL B 327 13.61 3.08 14.52
C VAL B 327 14.91 2.71 13.79
N ASN B 328 14.81 2.10 12.60
CA ASN B 328 16.01 1.84 11.81
C ASN B 328 16.71 3.15 11.45
N ALA B 329 15.93 4.14 11.00
CA ALA B 329 16.52 5.42 10.66
C ALA B 329 17.16 6.07 11.89
N VAL B 330 16.55 5.92 13.05
CA VAL B 330 17.13 6.52 14.25
C VAL B 330 18.47 5.86 14.59
N ILE B 331 18.54 4.53 14.48
CA ILE B 331 19.79 3.83 14.76
C ILE B 331 20.82 4.14 13.68
N ALA B 332 20.41 4.07 12.40
CA ALA B 332 21.30 4.42 11.30
C ALA B 332 21.97 5.76 11.55
N SER B 333 21.21 6.73 12.07
CA SER B 333 21.74 8.08 12.23
C SER B 333 22.69 8.21 13.41
N VAL B 334 22.67 7.28 14.37
CA VAL B 334 23.67 7.28 15.45
C VAL B 334 24.93 6.55 15.02
N VAL B 335 24.80 5.34 14.50
CA VAL B 335 25.96 4.51 14.18
C VAL B 335 26.46 4.70 12.76
N GLY B 336 25.71 5.41 11.91
CA GLY B 336 26.18 5.71 10.56
C GLY B 336 26.07 4.58 9.55
N ASP B 337 25.17 3.62 9.79
CA ASP B 337 25.07 2.40 9.00
C ASP B 337 23.63 1.90 9.06
N PRO B 338 22.90 1.87 7.93
CA PRO B 338 21.52 1.40 7.97
C PRO B 338 21.35 -0.12 7.96
N MET B 339 22.43 -0.89 7.86
CA MET B 339 22.33 -2.35 7.84
C MET B 339 22.36 -2.90 9.28
N VAL B 340 21.24 -2.69 9.98
CA VAL B 340 21.04 -3.16 11.34
C VAL B 340 19.69 -3.85 11.44
N TYR B 341 19.60 -4.80 12.36
CA TYR B 341 18.37 -5.58 12.55
C TYR B 341 17.33 -4.75 13.31
N VAL B 342 16.20 -4.47 12.68
CA VAL B 342 15.08 -3.84 13.39
C VAL B 342 13.80 -4.62 13.09
N SER B 343 13.09 -5.01 14.14
CA SER B 343 11.85 -5.79 14.05
C SER B 343 10.72 -5.04 14.74
N GLY B 344 9.51 -5.11 14.15
CA GLY B 344 8.36 -4.37 14.64
C GLY B 344 7.43 -5.21 15.50
N GLY B 345 6.59 -4.53 16.27
CA GLY B 345 5.68 -5.23 17.16
C GLY B 345 6.38 -5.61 18.46
N ALA B 346 6.35 -4.71 19.44
CA ALA B 346 7.17 -4.84 20.64
C ALA B 346 6.30 -5.07 21.87
N GLU B 347 5.27 -5.90 21.72
CA GLU B 347 4.36 -6.22 22.81
C GLU B 347 5.10 -6.90 23.96
N HIS B 348 5.05 -6.30 25.15
CA HIS B 348 5.79 -6.79 26.32
C HIS B 348 7.30 -6.89 26.06
N GLN B 349 7.81 -6.10 25.12
CA GLN B 349 9.25 -5.98 24.83
C GLN B 349 9.58 -4.50 25.01
N GLY B 350 10.16 -4.16 26.15
CA GLY B 350 10.27 -2.78 26.55
C GLY B 350 8.91 -2.16 26.82
N PRO B 351 8.90 -0.86 27.12
CA PRO B 351 7.64 -0.19 27.44
C PRO B 351 6.75 -0.05 26.21
N ASP B 352 5.49 0.31 26.47
CA ASP B 352 4.54 0.66 25.41
C ASP B 352 5.14 1.74 24.51
N GLY B 353 5.38 1.42 23.23
CA GLY B 353 6.00 2.33 22.31
C GLY B 353 7.52 2.25 22.25
N GLY B 354 8.13 1.42 23.10
CA GLY B 354 9.56 1.23 23.12
C GLY B 354 9.92 -0.23 22.91
N GLY B 355 11.23 -0.51 22.99
CA GLY B 355 11.70 -1.86 22.78
C GLY B 355 13.16 -2.05 23.14
N PRO B 356 13.56 -3.31 23.41
CA PRO B 356 14.98 -3.57 23.71
C PRO B 356 15.87 -3.27 22.52
N ILE B 357 17.13 -2.90 22.80
CA ILE B 357 18.15 -2.71 21.78
C ILE B 357 19.47 -3.29 22.30
N ALA B 358 20.05 -4.22 21.53
CA ALA B 358 21.32 -4.85 21.86
C ALA B 358 22.37 -4.48 20.83
N VAL B 359 23.64 -4.47 21.26
CA VAL B 359 24.78 -4.23 20.37
C VAL B 359 25.78 -5.35 20.57
N ILE B 360 26.13 -6.05 19.50
CA ILE B 360 27.24 -7.00 19.50
C ILE B 360 28.46 -6.27 18.93
N ALA B 361 29.56 -6.25 19.70
CA ALA B 361 30.76 -5.51 19.35
C ALA B 361 32.01 -6.35 19.53
N ARG B 362 33.02 -6.08 18.69
CA ARG B 362 34.36 -6.61 18.89
C ARG B 362 34.98 -6.02 20.14
N VAL B 363 35.79 -6.83 20.82
CA VAL B 363 36.51 -6.33 21.99
C VAL B 363 37.67 -5.47 21.52
N MET C 2 -48.78 14.24 -2.29
CA MET C 2 -48.15 13.56 -3.41
C MET C 2 -46.72 14.05 -3.64
N GLN C 3 -45.75 13.21 -3.30
CA GLN C 3 -44.34 13.56 -3.45
C GLN C 3 -43.84 13.16 -4.84
N LYS C 4 -42.85 13.91 -5.32
CA LYS C 4 -42.19 13.63 -6.60
C LYS C 4 -40.69 13.66 -6.41
N VAL C 5 -40.03 12.52 -6.64
CA VAL C 5 -38.59 12.38 -6.48
C VAL C 5 -37.96 12.30 -7.86
N GLU C 6 -36.90 13.10 -8.05
CA GLU C 6 -36.04 13.00 -9.21
C GLU C 6 -34.64 12.69 -8.71
N VAL C 7 -33.88 11.97 -9.52
CA VAL C 7 -32.55 11.51 -9.12
C VAL C 7 -31.59 11.79 -10.26
N PHE C 8 -30.43 12.36 -9.95
CA PHE C 8 -29.45 12.75 -10.95
C PHE C 8 -28.10 12.14 -10.60
N ARG C 9 -27.61 11.26 -11.47
CA ARG C 9 -26.28 10.69 -11.33
C ARG C 9 -25.32 11.57 -12.14
N ILE C 10 -24.34 12.14 -11.47
CA ILE C 10 -23.50 13.21 -12.00
C ILE C 10 -22.04 12.78 -11.89
N PRO C 11 -21.28 12.76 -12.99
CA PRO C 11 -19.83 12.45 -12.87
C PRO C 11 -19.09 13.59 -12.19
N THR C 12 -18.07 13.23 -11.41
CA THR C 12 -17.18 14.17 -10.75
C THR C 12 -15.75 13.99 -11.24
N ALA C 13 -15.01 15.11 -11.30
CA ALA C 13 -13.63 15.15 -11.75
C ALA C 13 -12.62 15.13 -10.61
N SER C 14 -13.08 15.29 -9.36
CA SER C 14 -12.33 15.35 -8.12
C SER C 14 -13.32 15.42 -6.96
N PRO C 15 -12.86 15.26 -5.72
CA PRO C 15 -13.80 15.24 -4.58
C PRO C 15 -14.53 16.55 -4.36
N ASP C 16 -13.94 17.66 -4.78
CA ASP C 16 -14.54 18.98 -4.59
C ASP C 16 -15.24 19.49 -5.84
N ASP C 17 -15.44 18.64 -6.84
CA ASP C 17 -16.07 19.05 -8.10
C ASP C 17 -17.58 19.18 -7.90
N ILE C 18 -18.10 20.40 -8.02
CA ILE C 18 -19.53 20.66 -7.95
C ILE C 18 -20.08 21.16 -9.30
N SER C 19 -19.24 21.19 -10.34
CA SER C 19 -19.63 21.85 -11.59
C SER C 19 -20.76 21.12 -12.30
N GLY C 20 -20.82 19.78 -12.17
CA GLY C 20 -21.94 19.05 -12.74
C GLY C 20 -23.25 19.39 -12.07
N LEU C 21 -23.26 19.36 -10.73
CA LEU C 21 -24.45 19.80 -10.00
C LEU C 21 -24.83 21.22 -10.41
N ALA C 22 -23.86 22.13 -10.40
CA ALA C 22 -24.16 23.53 -10.72
C ALA C 22 -24.70 23.67 -12.14
N THR C 23 -24.24 22.83 -13.07
CA THR C 23 -24.81 22.91 -14.42
C THR C 23 -26.29 22.59 -14.40
N LEU C 24 -26.69 21.56 -13.65
CA LEU C 24 -28.12 21.24 -13.59
C LEU C 24 -28.91 22.35 -12.89
N ILE C 25 -28.30 23.03 -11.91
CA ILE C 25 -29.00 24.11 -11.22
C ILE C 25 -29.12 25.33 -12.13
N ASP C 26 -28.02 25.70 -12.80
CA ASP C 26 -28.06 26.83 -13.72
C ASP C 26 -29.06 26.59 -14.86
N SER C 27 -29.26 25.33 -15.27
CA SER C 27 -30.14 25.05 -16.39
C SER C 27 -31.62 25.01 -16.00
N GLY C 28 -31.93 25.08 -14.70
CA GLY C 28 -33.29 25.01 -14.23
C GLY C 28 -33.82 23.61 -13.98
N LYS C 29 -33.04 22.58 -14.24
CA LYS C 29 -33.55 21.23 -14.06
C LYS C 29 -33.57 20.81 -12.59
N ILE C 30 -32.77 21.44 -11.73
CA ILE C 30 -32.74 21.17 -10.29
C ILE C 30 -32.96 22.47 -9.53
N ASN C 31 -34.00 22.50 -8.70
CA ASN C 31 -34.15 23.60 -7.76
C ASN C 31 -33.34 23.24 -6.51
N PRO C 32 -32.27 23.96 -6.19
CA PRO C 32 -31.39 23.51 -5.09
C PRO C 32 -32.10 23.38 -3.77
N ALA C 33 -33.22 24.09 -3.59
CA ALA C 33 -34.01 24.04 -2.36
C ALA C 33 -34.75 22.72 -2.19
N GLU C 34 -34.85 21.91 -3.24
CA GLU C 34 -35.56 20.64 -3.20
C GLU C 34 -34.64 19.44 -2.98
N ILE C 35 -33.32 19.62 -3.06
CA ILE C 35 -32.38 18.54 -2.76
C ILE C 35 -32.52 18.12 -1.31
N VAL C 36 -32.74 16.83 -1.08
CA VAL C 36 -32.85 16.29 0.27
C VAL C 36 -31.72 15.36 0.63
N ALA C 37 -30.95 14.87 -0.35
CA ALA C 37 -29.91 13.89 -0.09
C ALA C 37 -28.94 13.89 -1.25
N ILE C 38 -27.66 13.75 -0.94
CA ILE C 38 -26.62 13.50 -1.94
C ILE C 38 -25.83 12.28 -1.51
N LEU C 39 -25.78 11.29 -2.39
CA LEU C 39 -25.01 10.07 -2.17
C LEU C 39 -23.83 10.06 -3.13
N GLY C 40 -22.62 10.04 -2.60
CA GLY C 40 -21.46 10.08 -3.47
C GLY C 40 -20.47 8.93 -3.34
N LYS C 41 -19.69 8.72 -4.40
CA LYS C 41 -18.48 7.90 -4.35
C LYS C 41 -17.29 8.83 -4.55
N THR C 42 -16.43 8.94 -3.53
CA THR C 42 -15.26 9.80 -3.57
C THR C 42 -14.00 8.95 -3.63
N GLU C 43 -12.94 9.50 -4.24
CA GLU C 43 -11.81 8.70 -4.69
C GLU C 43 -10.67 8.61 -3.66
N GLY C 44 -10.99 8.75 -2.36
CA GLY C 44 -10.10 8.34 -1.29
C GLY C 44 -10.11 6.83 -1.14
N ASN C 45 -9.44 6.35 -0.08
CA ASN C 45 -9.28 4.91 0.07
C ASN C 45 -10.46 4.24 0.76
N GLY C 46 -11.53 4.98 1.09
CA GLY C 46 -12.71 4.36 1.69
C GLY C 46 -12.50 3.76 3.06
N CYS C 47 -11.35 3.95 3.68
CA CYS C 47 -11.07 3.36 4.99
C CYS C 47 -11.00 4.43 6.08
N VAL C 48 -10.05 4.33 7.02
CA VAL C 48 -10.07 5.23 8.16
C VAL C 48 -9.55 6.61 7.79
N ASN C 49 -8.36 6.67 7.18
CA ASN C 49 -7.73 7.94 6.80
C ASN C 49 -8.14 8.39 5.41
N ASP C 50 -9.45 8.45 5.17
CA ASP C 50 -10.00 8.94 3.91
C ASP C 50 -10.62 10.31 4.19
N PHE C 51 -10.00 11.36 3.66
CA PHE C 51 -10.48 12.72 3.87
C PHE C 51 -11.18 13.27 2.63
N THR C 52 -11.27 12.49 1.55
CA THR C 52 -12.09 12.94 0.42
C THR C 52 -13.57 12.97 0.76
N ARG C 53 -14.02 12.16 1.73
CA ARG C 53 -15.42 12.19 2.11
C ARG C 53 -15.81 13.55 2.68
N GLY C 54 -15.02 14.05 3.64
CA GLY C 54 -15.32 15.34 4.23
C GLY C 54 -15.01 16.50 3.30
N PHE C 55 -13.96 16.37 2.49
CA PHE C 55 -13.67 17.37 1.47
C PHE C 55 -14.88 17.58 0.55
N ALA C 56 -15.44 16.47 0.02
CA ALA C 56 -16.60 16.57 -0.86
C ALA C 56 -17.79 17.18 -0.14
N THR C 57 -18.07 16.69 1.07
CA THR C 57 -19.20 17.22 1.83
C THR C 57 -19.05 18.70 2.10
N GLN C 58 -17.82 19.12 2.45
CA GLN C 58 -17.59 20.54 2.68
C GLN C 58 -17.86 21.35 1.42
N SER C 59 -17.33 20.91 0.29
CA SER C 59 -17.51 21.64 -0.95
C SER C 59 -18.99 21.75 -1.33
N LEU C 60 -19.74 20.64 -1.25
CA LEU C 60 -21.15 20.69 -1.58
C LEU C 60 -21.93 21.58 -0.62
N ALA C 61 -21.67 21.45 0.70
CA ALA C 61 -22.36 22.30 1.66
C ALA C 61 -22.02 23.77 1.43
N MET C 62 -20.74 24.06 1.20
CA MET C 62 -20.33 25.43 0.86
C MET C 62 -21.02 25.94 -0.41
N TYR C 63 -21.26 25.05 -1.38
CA TYR C 63 -21.88 25.48 -2.64
C TYR C 63 -23.39 25.72 -2.45
N LEU C 64 -24.10 24.73 -1.91
CA LEU C 64 -25.54 24.87 -1.77
C LEU C 64 -25.91 26.07 -0.90
N ALA C 65 -25.10 26.34 0.14
CA ALA C 65 -25.40 27.44 1.06
C ALA C 65 -25.38 28.78 0.34
N GLU C 66 -24.33 29.04 -0.44
CA GLU C 66 -24.27 30.27 -1.21
C GLU C 66 -25.37 30.31 -2.27
N LYS C 67 -25.82 29.14 -2.74
CA LYS C 67 -26.92 29.08 -3.69
C LYS C 67 -28.26 29.41 -3.03
N LEU C 68 -28.51 28.86 -1.84
CA LEU C 68 -29.75 29.11 -1.14
C LEU C 68 -29.71 30.37 -0.30
N GLY C 69 -28.53 30.94 -0.07
CA GLY C 69 -28.38 32.14 0.73
C GLY C 69 -28.29 31.88 2.22
N ILE C 70 -27.95 30.66 2.63
CA ILE C 70 -27.98 30.29 4.04
C ILE C 70 -26.60 29.79 4.47
N SER C 71 -26.45 29.45 5.74
CA SER C 71 -25.17 29.03 6.27
C SER C 71 -24.91 27.56 5.96
N ARG C 72 -23.65 27.16 6.10
CA ARG C 72 -23.31 25.74 5.97
C ARG C 72 -23.99 24.92 7.05
N GLU C 73 -23.90 25.37 8.30
CA GLU C 73 -24.47 24.62 9.41
C GLU C 73 -25.90 24.18 9.12
N GLU C 74 -26.70 25.05 8.49
CA GLU C 74 -28.09 24.72 8.20
C GLU C 74 -28.25 23.88 6.93
N VAL C 75 -27.30 23.91 6.01
CA VAL C 75 -27.39 23.00 4.88
C VAL C 75 -27.16 21.56 5.33
N VAL C 76 -26.17 21.35 6.20
CA VAL C 76 -25.89 20.00 6.69
C VAL C 76 -26.96 19.53 7.68
N LYS C 77 -27.76 20.44 8.23
CA LYS C 77 -28.90 20.01 9.04
C LYS C 77 -30.13 19.68 8.19
N LYS C 78 -30.17 20.13 6.94
CA LYS C 78 -31.32 19.96 6.06
C LYS C 78 -31.13 18.92 4.97
N VAL C 79 -29.90 18.69 4.52
CA VAL C 79 -29.59 17.74 3.46
C VAL C 79 -28.75 16.62 4.05
N ALA C 80 -29.09 15.37 3.72
CA ALA C 80 -28.24 14.24 4.08
C ALA C 80 -27.08 14.17 3.08
N PHE C 81 -25.85 14.25 3.58
CA PHE C 81 -24.66 14.03 2.75
C PHE C 81 -24.05 12.71 3.18
N ILE C 82 -24.08 11.71 2.30
CA ILE C 82 -23.48 10.41 2.56
C ILE C 82 -22.41 10.16 1.49
N MET C 83 -21.15 10.38 1.86
CA MET C 83 -20.04 10.22 0.94
C MET C 83 -19.31 8.92 1.28
N SER C 84 -19.38 7.97 0.36
CA SER C 84 -18.75 6.67 0.51
C SER C 84 -17.44 6.69 -0.29
N GLY C 85 -16.32 6.65 0.44
CA GLY C 85 -15.02 6.63 -0.21
C GLY C 85 -14.67 5.29 -0.81
N GLY C 86 -13.64 5.29 -1.64
CA GLY C 86 -13.19 4.07 -2.28
C GLY C 86 -13.75 3.88 -3.67
N THR C 87 -12.97 4.24 -4.69
CA THR C 87 -13.28 3.99 -6.09
C THR C 87 -12.13 3.19 -6.71
N GLU C 88 -12.02 1.94 -6.31
CA GLU C 88 -11.01 1.04 -6.82
C GLU C 88 -11.47 0.43 -8.15
N GLY C 89 -10.56 -0.29 -8.81
CA GLY C 89 -10.91 -0.92 -10.06
C GLY C 89 -11.28 0.14 -11.08
N VAL C 90 -12.36 -0.11 -11.83
CA VAL C 90 -12.83 0.84 -12.82
C VAL C 90 -13.96 1.73 -12.29
N MET C 91 -14.21 1.70 -10.98
CA MET C 91 -15.35 2.43 -10.42
C MET C 91 -15.18 3.94 -10.54
N THR C 92 -16.17 4.60 -11.13
CA THR C 92 -16.08 6.00 -11.50
C THR C 92 -16.60 6.91 -10.39
N PRO C 93 -15.81 7.87 -9.90
CA PRO C 93 -16.33 8.86 -8.95
C PRO C 93 -17.56 9.58 -9.49
N HIS C 94 -18.52 9.86 -8.59
CA HIS C 94 -19.78 10.49 -8.98
C HIS C 94 -20.60 10.76 -7.71
N ILE C 95 -21.61 11.62 -7.87
CA ILE C 95 -22.60 11.87 -6.84
C ILE C 95 -23.98 11.59 -7.42
N THR C 96 -24.89 11.12 -6.56
CA THR C 96 -26.28 10.86 -6.89
C THR C 96 -27.14 11.81 -6.05
N VAL C 97 -27.83 12.73 -6.71
CA VAL C 97 -28.55 13.79 -6.01
C VAL C 97 -30.04 13.44 -6.02
N PHE C 98 -30.66 13.48 -4.84
CA PHE C 98 -32.09 13.20 -4.65
C PHE C 98 -32.82 14.52 -4.46
N VAL C 99 -33.65 14.88 -5.42
CA VAL C 99 -34.49 16.05 -5.35
C VAL C 99 -35.91 15.59 -5.06
N ARG C 100 -36.57 16.20 -4.08
CA ARG C 100 -37.93 15.83 -3.70
C ARG C 100 -38.75 17.10 -3.53
N LYS C 101 -39.94 17.11 -4.13
CA LYS C 101 -40.84 18.25 -4.01
C LYS C 101 -42.27 17.76 -3.96
N ASP C 102 -43.10 18.50 -3.21
CA ASP C 102 -44.52 18.22 -3.17
C ASP C 102 -45.17 18.75 -4.46
N VAL C 103 -46.15 18.01 -4.96
CA VAL C 103 -46.86 18.39 -6.18
C VAL C 103 -48.35 18.17 -5.98
N ALA C 104 -49.13 18.90 -6.76
CA ALA C 104 -50.57 18.67 -6.87
C ALA C 104 -50.81 17.89 -8.15
N ALA C 105 -50.60 16.57 -8.08
CA ALA C 105 -50.67 15.71 -9.25
C ALA C 105 -51.79 14.67 -9.11
N PRO C 106 -52.13 13.97 -10.18
CA PRO C 106 -53.16 12.94 -10.10
C PRO C 106 -52.63 11.66 -9.48
N ALA C 107 -53.57 10.81 -9.06
CA ALA C 107 -53.24 9.51 -8.49
C ALA C 107 -52.75 8.60 -9.60
N ALA C 108 -51.45 8.30 -9.59
CA ALA C 108 -50.83 7.46 -10.61
C ALA C 108 -50.88 6.00 -10.17
N PRO C 109 -51.67 5.14 -10.84
CA PRO C 109 -51.64 3.71 -10.49
C PRO C 109 -50.22 3.20 -10.35
N GLY C 110 -50.06 2.07 -9.65
CA GLY C 110 -48.74 1.54 -9.38
C GLY C 110 -47.99 2.42 -8.40
N LYS C 111 -46.99 1.84 -7.74
CA LYS C 111 -46.17 2.57 -6.80
C LYS C 111 -44.94 3.14 -7.50
N ARG C 112 -44.39 4.21 -6.93
CA ARG C 112 -43.32 4.95 -7.58
C ARG C 112 -42.32 5.45 -6.54
N LEU C 113 -41.12 5.78 -7.01
CA LEU C 113 -39.98 6.08 -6.13
C LEU C 113 -40.36 7.09 -5.05
N ALA C 114 -40.02 6.73 -3.81
CA ALA C 114 -40.19 7.59 -2.65
C ALA C 114 -38.89 7.59 -1.86
N VAL C 115 -38.61 8.71 -1.20
CA VAL C 115 -37.36 8.86 -0.47
C VAL C 115 -37.67 9.57 0.85
N GLY C 116 -37.07 9.07 1.93
CA GLY C 116 -37.17 9.72 3.22
C GLY C 116 -35.79 9.82 3.85
N VAL C 117 -35.65 10.79 4.74
CA VAL C 117 -34.36 11.05 5.38
C VAL C 117 -34.58 11.24 6.88
N ALA C 118 -33.58 10.84 7.65
CA ALA C 118 -33.62 10.99 9.10
C ALA C 118 -32.20 10.85 9.66
N PHE C 119 -31.94 11.59 10.74
CA PHE C 119 -30.66 11.58 11.44
C PHE C 119 -30.88 11.10 12.88
N THR C 120 -29.91 10.34 13.41
CA THR C 120 -29.86 9.94 14.80
C THR C 120 -29.10 10.96 15.64
N ARG C 121 -29.17 10.79 16.96
CA ARG C 121 -28.31 11.56 17.85
C ARG C 121 -26.84 11.17 17.66
N ASP C 122 -25.96 12.01 18.21
CA ASP C 122 -24.54 11.69 18.25
C ASP C 122 -24.26 10.51 19.18
N PHE C 123 -23.26 9.70 18.83
CA PHE C 123 -22.86 8.55 19.63
C PHE C 123 -21.53 8.81 20.31
N LEU C 124 -21.40 8.37 21.56
CA LEU C 124 -20.09 8.30 22.19
C LEU C 124 -19.26 7.21 21.52
N PRO C 125 -17.94 7.29 21.62
CA PRO C 125 -17.11 6.19 21.08
C PRO C 125 -17.49 4.81 21.63
N GLU C 126 -17.75 4.70 22.93
CA GLU C 126 -18.04 3.41 23.54
C GLU C 126 -19.43 2.86 23.19
N GLU C 127 -20.22 3.60 22.40
CA GLU C 127 -21.54 3.11 21.97
C GLU C 127 -21.53 2.49 20.58
N LEU C 128 -20.53 2.80 19.74
CA LEU C 128 -20.49 2.24 18.40
C LEU C 128 -20.39 0.71 18.46
N GLY C 129 -21.04 0.04 17.52
CA GLY C 129 -21.03 -1.41 17.48
C GLY C 129 -21.80 -2.10 18.58
N ARG C 130 -22.59 -1.37 19.37
CA ARG C 130 -23.35 -1.93 20.49
C ARG C 130 -24.82 -1.54 20.35
N MET C 131 -25.64 -2.00 21.31
CA MET C 131 -27.08 -1.91 21.15
C MET C 131 -27.58 -0.47 21.09
N GLU C 132 -26.89 0.45 21.77
CA GLU C 132 -27.27 1.86 21.65
C GLU C 132 -27.32 2.28 20.19
N GLN C 133 -26.34 1.87 19.40
CA GLN C 133 -26.34 2.22 17.97
C GLN C 133 -27.47 1.51 17.23
N VAL C 134 -27.65 0.21 17.48
CA VAL C 134 -28.70 -0.55 16.80
C VAL C 134 -30.06 0.11 17.03
N ASN C 135 -30.40 0.36 18.30
CA ASN C 135 -31.74 0.81 18.63
C ASN C 135 -31.98 2.24 18.19
N GLU C 136 -30.94 3.08 18.22
CA GLU C 136 -31.12 4.45 17.77
C GLU C 136 -31.21 4.53 16.25
N VAL C 137 -30.47 3.66 15.55
CA VAL C 137 -30.61 3.56 14.09
C VAL C 137 -32.01 3.05 13.73
N ALA C 138 -32.49 2.03 14.45
CA ALA C 138 -33.79 1.44 14.14
C ALA C 138 -34.91 2.47 14.30
N ARG C 139 -34.83 3.31 15.34
CA ARG C 139 -35.82 4.37 15.51
C ARG C 139 -35.77 5.37 14.36
N ALA C 140 -34.57 5.73 13.90
CA ALA C 140 -34.47 6.71 12.83
C ALA C 140 -34.88 6.11 11.49
N VAL C 141 -34.81 4.80 11.34
CA VAL C 141 -35.28 4.19 10.10
C VAL C 141 -36.80 4.27 10.01
N LYS C 142 -37.50 4.07 11.12
CA LYS C 142 -38.96 4.18 11.08
C LYS C 142 -39.38 5.60 10.76
N GLU C 143 -38.64 6.59 11.26
CA GLU C 143 -38.93 7.99 10.97
C GLU C 143 -38.69 8.31 9.50
N ALA C 144 -37.59 7.81 8.93
CA ALA C 144 -37.35 8.05 7.50
C ALA C 144 -38.42 7.40 6.64
N MET C 145 -38.96 6.26 7.08
CA MET C 145 -40.02 5.59 6.33
C MET C 145 -41.27 6.47 6.20
N LYS C 146 -41.68 7.09 7.31
CA LYS C 146 -42.83 7.99 7.27
C LYS C 146 -42.54 9.22 6.44
N ASP C 147 -41.36 9.82 6.62
CA ASP C 147 -40.95 10.92 5.74
C ASP C 147 -41.06 10.54 4.26
N ALA C 148 -40.84 9.27 3.93
CA ALA C 148 -40.99 8.80 2.56
C ALA C 148 -42.42 8.42 2.22
N GLN C 149 -43.34 8.46 3.20
CA GLN C 149 -44.71 8.02 3.01
C GLN C 149 -44.77 6.55 2.58
N ILE C 150 -43.97 5.72 3.26
CA ILE C 150 -43.95 4.28 3.06
C ILE C 150 -44.35 3.62 4.37
N ASP C 151 -45.46 2.88 4.35
CA ASP C 151 -45.97 2.25 5.55
C ASP C 151 -45.93 0.72 5.48
N ASP C 152 -45.34 0.17 4.43
CA ASP C 152 -45.18 -1.28 4.30
C ASP C 152 -43.69 -1.58 4.11
N PRO C 153 -43.03 -2.16 5.10
CA PRO C 153 -41.59 -2.36 4.99
C PRO C 153 -41.19 -3.13 3.75
N ARG C 154 -42.12 -3.92 3.16
CA ARG C 154 -41.80 -4.63 1.93
C ARG C 154 -41.69 -3.72 0.72
N ASP C 155 -42.07 -2.45 0.84
CA ASP C 155 -41.87 -1.48 -0.22
C ASP C 155 -40.61 -0.64 -0.02
N VAL C 156 -39.80 -1.00 0.97
CA VAL C 156 -38.45 -0.46 1.13
C VAL C 156 -37.48 -1.34 0.35
N HIS C 157 -36.70 -0.72 -0.53
CA HIS C 157 -35.78 -1.49 -1.35
C HIS C 157 -34.31 -1.20 -1.05
N PHE C 158 -34.00 -0.14 -0.32
CA PHE C 158 -32.63 0.24 -0.04
C PHE C 158 -32.63 1.23 1.14
N VAL C 159 -31.73 1.05 2.09
CA VAL C 159 -31.59 1.95 3.24
C VAL C 159 -30.12 2.29 3.35
N GLN C 160 -29.73 3.46 2.84
CA GLN C 160 -28.34 3.91 2.87
C GLN C 160 -28.06 4.65 4.17
N ILE C 161 -26.92 4.33 4.78
CA ILE C 161 -26.56 4.89 6.08
C ILE C 161 -25.09 5.29 6.07
N LYS C 162 -24.80 6.51 6.53
CA LYS C 162 -23.45 6.91 6.92
C LYS C 162 -23.34 6.83 8.43
N CYS C 163 -22.25 6.24 8.92
CA CYS C 163 -22.11 6.04 10.36
C CYS C 163 -20.69 6.37 10.78
N PRO C 164 -20.40 6.43 12.07
CA PRO C 164 -19.07 6.85 12.54
C PRO C 164 -18.07 5.69 12.58
N LEU C 165 -16.85 6.02 12.98
CA LEU C 165 -15.82 5.02 13.23
C LEU C 165 -14.98 5.47 14.42
N LEU C 166 -14.05 4.62 14.83
CA LEU C 166 -13.12 4.91 15.92
C LEU C 166 -11.75 5.21 15.35
N THR C 167 -11.17 6.32 15.77
CA THR C 167 -9.76 6.58 15.53
C THR C 167 -8.95 6.21 16.78
N ALA C 168 -7.63 6.13 16.61
CA ALA C 168 -6.75 5.96 17.75
C ALA C 168 -7.00 7.02 18.82
N GLU C 169 -7.12 8.29 18.42
CA GLU C 169 -7.31 9.34 19.44
C GLU C 169 -8.63 9.14 20.18
N ARG C 170 -9.70 8.75 19.49
CA ARG C 170 -10.97 8.50 20.16
C ARG C 170 -10.88 7.30 21.09
N ILE C 171 -10.20 6.24 20.66
CA ILE C 171 -10.00 5.06 21.53
C ILE C 171 -9.21 5.44 22.78
N GLU C 172 -8.17 6.25 22.61
CA GLU C 172 -7.35 6.67 23.74
C GLU C 172 -8.13 7.60 24.67
N ASP C 173 -9.09 8.36 24.14
CA ASP C 173 -9.92 9.20 25.00
C ASP C 173 -10.89 8.35 25.82
N ALA C 174 -11.45 7.29 25.22
CA ALA C 174 -12.33 6.42 25.98
C ALA C 174 -11.60 5.80 27.15
N LYS C 175 -10.34 5.41 26.96
CA LYS C 175 -9.54 4.91 28.07
C LYS C 175 -9.43 5.95 29.18
N ARG C 176 -8.98 7.17 28.83
CA ARG C 176 -8.88 8.26 29.79
C ARG C 176 -10.17 8.40 30.61
N ARG C 177 -11.32 8.39 29.94
CA ARG C 177 -12.61 8.49 30.60
C ARG C 177 -13.03 7.19 31.29
N GLY C 178 -12.20 6.15 31.22
CA GLY C 178 -12.51 4.90 31.88
C GLY C 178 -13.52 4.03 31.16
N LYS C 179 -13.72 4.23 29.85
CA LYS C 179 -14.67 3.46 29.07
C LYS C 179 -13.93 2.62 28.03
N ASP C 180 -14.40 1.39 27.83
CA ASP C 180 -13.82 0.51 26.81
C ASP C 180 -14.67 0.58 25.53
N VAL C 181 -13.99 0.50 24.38
CA VAL C 181 -14.66 0.53 23.09
C VAL C 181 -14.94 -0.90 22.62
N VAL C 182 -15.70 -1.05 21.54
CA VAL C 182 -16.13 -2.38 21.12
C VAL C 182 -14.97 -3.18 20.52
N VAL C 183 -14.01 -2.50 19.88
CA VAL C 183 -12.79 -3.13 19.38
C VAL C 183 -11.69 -2.09 19.35
N ASN C 184 -10.46 -2.53 19.62
CA ASN C 184 -9.32 -1.63 19.72
C ASN C 184 -8.55 -1.55 18.41
N ASP C 185 -9.26 -1.29 17.31
CA ASP C 185 -8.62 -1.29 16.00
C ASP C 185 -9.43 -0.34 15.14
N THR C 186 -8.78 0.69 14.59
CA THR C 186 -9.52 1.73 13.90
C THR C 186 -10.25 1.15 12.69
N TYR C 187 -9.55 0.36 11.89
CA TYR C 187 -10.15 -0.21 10.68
C TYR C 187 -11.29 -1.17 11.03
N LYS C 188 -11.10 -2.03 12.03
CA LYS C 188 -12.15 -2.96 12.44
C LYS C 188 -13.35 -2.24 13.02
N SER C 189 -13.16 -1.04 13.58
CA SER C 189 -14.31 -0.35 14.15
C SER C 189 -15.32 0.03 13.07
N MET C 190 -14.89 0.23 11.83
CA MET C 190 -15.83 0.51 10.75
C MET C 190 -16.81 -0.65 10.56
N ALA C 191 -16.32 -1.89 10.67
CA ALA C 191 -17.20 -3.05 10.53
C ALA C 191 -18.27 -3.08 11.61
N TYR C 192 -17.89 -2.81 12.87
CA TYR C 192 -18.88 -2.84 13.94
C TYR C 192 -19.92 -1.75 13.77
N SER C 193 -19.49 -0.55 13.37
CA SER C 193 -20.43 0.55 13.18
C SER C 193 -21.34 0.30 11.96
N ARG C 194 -20.76 -0.16 10.84
CA ARG C 194 -21.56 -0.65 9.72
C ARG C 194 -22.57 -1.71 10.19
N GLY C 195 -22.09 -2.70 10.95
CA GLY C 195 -22.91 -3.85 11.29
C GLY C 195 -24.01 -3.53 12.28
N ALA C 196 -23.70 -2.76 13.32
CA ALA C 196 -24.75 -2.34 14.25
C ALA C 196 -25.81 -1.50 13.52
N SER C 197 -25.38 -0.65 12.60
CA SER C 197 -26.34 0.15 11.83
C SER C 197 -27.20 -0.75 10.95
N ALA C 198 -26.60 -1.73 10.29
CA ALA C 198 -27.38 -2.62 9.42
C ALA C 198 -28.40 -3.40 10.24
N LEU C 199 -27.99 -3.91 11.42
CA LEU C 199 -28.95 -4.56 12.30
C LEU C 199 -30.04 -3.61 12.75
N GLY C 200 -29.71 -2.33 12.94
CA GLY C 200 -30.74 -1.34 13.19
C GLY C 200 -31.82 -1.35 12.13
N VAL C 201 -31.44 -1.49 10.85
CA VAL C 201 -32.41 -1.50 9.74
C VAL C 201 -33.24 -2.77 9.77
N ALA C 202 -32.61 -3.93 9.94
CA ALA C 202 -33.34 -5.18 10.03
C ALA C 202 -34.36 -5.15 11.16
N LEU C 203 -33.98 -4.64 12.33
CA LEU C 203 -34.92 -4.55 13.44
C LEU C 203 -36.09 -3.62 13.11
N ALA C 204 -35.80 -2.48 12.46
CA ALA C 204 -36.86 -1.51 12.16
C ALA C 204 -37.82 -2.02 11.10
N LEU C 205 -37.30 -2.66 10.05
CA LEU C 205 -38.14 -3.18 8.97
C LEU C 205 -38.81 -4.50 9.32
N GLY C 206 -38.60 -5.02 10.54
CA GLY C 206 -39.13 -6.31 10.88
C GLY C 206 -38.43 -7.49 10.23
N GLU C 207 -37.28 -7.27 9.60
CA GLU C 207 -36.55 -8.40 9.02
C GLU C 207 -36.04 -9.34 10.09
N ILE C 208 -35.67 -8.80 11.26
CA ILE C 208 -35.15 -9.58 12.38
C ILE C 208 -35.88 -9.15 13.64
N SER C 209 -36.24 -10.11 14.47
CA SER C 209 -36.94 -9.82 15.70
C SER C 209 -35.96 -9.40 16.79
N ALA C 210 -36.44 -8.54 17.70
CA ALA C 210 -35.56 -7.93 18.68
C ALA C 210 -34.84 -8.97 19.54
N ASP C 211 -35.55 -10.03 19.93
CA ASP C 211 -34.99 -11.02 20.85
C ASP C 211 -33.76 -11.73 20.28
N LYS C 212 -33.47 -11.57 18.99
CA LYS C 212 -32.29 -12.16 18.37
C LYS C 212 -31.06 -11.28 18.46
N ILE C 213 -31.23 -9.97 18.64
CA ILE C 213 -30.13 -9.02 18.58
C ILE C 213 -29.61 -8.76 19.98
N SER C 214 -28.28 -8.81 20.12
CA SER C 214 -27.64 -8.46 21.38
C SER C 214 -26.20 -8.06 21.04
N ASN C 215 -25.51 -7.47 22.02
CA ASN C 215 -24.15 -7.05 21.76
C ASN C 215 -23.31 -8.23 21.28
N GLU C 216 -23.56 -9.41 21.84
CA GLU C 216 -22.81 -10.59 21.46
C GLU C 216 -23.02 -10.97 20.00
N ALA C 217 -24.22 -10.73 19.45
CA ALA C 217 -24.47 -11.11 18.06
C ALA C 217 -23.80 -10.19 17.04
N ILE C 218 -23.47 -8.95 17.40
CA ILE C 218 -23.04 -7.98 16.40
C ILE C 218 -21.68 -8.36 15.84
N CYS C 219 -21.60 -8.49 14.52
CA CYS C 219 -20.41 -8.95 13.82
C CYS C 219 -19.97 -10.34 14.27
N HIS C 220 -20.94 -11.18 14.67
CA HIS C 220 -20.64 -12.57 15.05
C HIS C 220 -21.66 -13.54 14.47
N ASP C 221 -22.94 -13.20 14.54
CA ASP C 221 -24.00 -14.05 14.00
C ASP C 221 -24.31 -13.55 12.59
N TRP C 222 -23.69 -14.18 11.59
CA TRP C 222 -23.90 -13.76 10.21
C TRP C 222 -25.22 -14.28 9.63
N ASN C 223 -25.93 -15.15 10.33
CA ASN C 223 -27.30 -15.48 9.96
C ASN C 223 -28.24 -14.29 10.11
N LEU C 224 -27.87 -13.29 10.92
CA LEU C 224 -28.68 -12.10 11.10
C LEU C 224 -28.26 -11.07 10.07
N TYR C 225 -29.18 -10.66 9.20
CA TYR C 225 -28.84 -9.63 8.23
C TYR C 225 -30.10 -9.02 7.63
N SER C 226 -29.95 -7.77 7.16
CA SER C 226 -30.95 -7.08 6.39
C SER C 226 -30.71 -7.26 4.90
N SER C 227 -31.79 -7.35 4.13
CA SER C 227 -31.68 -7.54 2.69
C SER C 227 -31.71 -6.22 1.91
N VAL C 228 -31.71 -5.07 2.58
CA VAL C 228 -31.82 -3.79 1.90
C VAL C 228 -30.87 -2.75 2.51
N ALA C 229 -30.24 -3.08 3.64
CA ALA C 229 -29.35 -2.14 4.29
C ALA C 229 -28.01 -2.01 3.57
N SER C 230 -27.52 -0.77 3.51
CA SER C 230 -26.25 -0.44 2.87
C SER C 230 -25.64 0.66 3.74
N THR C 231 -24.63 0.29 4.54
CA THR C 231 -24.06 1.20 5.53
C THR C 231 -22.58 1.46 5.22
N SER C 232 -22.13 2.66 5.57
CA SER C 232 -20.84 3.18 5.16
C SER C 232 -20.29 4.03 6.29
N ALA C 233 -19.10 3.71 6.80
CA ALA C 233 -18.56 4.48 7.92
C ALA C 233 -17.59 5.55 7.43
N GLY C 234 -17.40 6.55 8.28
CA GLY C 234 -16.63 7.71 7.90
C GLY C 234 -16.07 8.38 9.14
N VAL C 235 -14.85 8.92 8.99
CA VAL C 235 -14.16 9.61 10.08
C VAL C 235 -14.72 11.00 10.38
N GLU C 236 -15.68 11.48 9.59
CA GLU C 236 -16.04 12.89 9.65
C GLU C 236 -17.41 13.15 10.27
N LEU C 237 -17.88 12.26 11.14
CA LEU C 237 -19.19 12.48 11.78
C LEU C 237 -19.31 11.63 13.03
N LEU C 238 -20.18 12.08 13.93
CA LEU C 238 -20.45 11.37 15.18
C LEU C 238 -21.80 10.65 15.21
N ASN C 239 -22.71 10.96 14.28
CA ASN C 239 -24.04 10.35 14.29
C ASN C 239 -24.23 9.49 13.05
N ASP C 240 -25.46 9.04 12.83
CA ASP C 240 -25.86 8.29 11.64
C ASP C 240 -26.86 9.09 10.82
N GLU C 241 -26.69 9.09 9.50
CA GLU C 241 -27.71 9.63 8.59
C GLU C 241 -28.29 8.49 7.76
N ILE C 242 -29.61 8.50 7.62
CA ILE C 242 -30.39 7.43 7.02
C ILE C 242 -31.12 7.97 5.80
N ILE C 243 -31.02 7.27 4.68
CA ILE C 243 -31.87 7.53 3.52
C ILE C 243 -32.63 6.24 3.24
N VAL C 244 -33.96 6.29 3.32
CA VAL C 244 -34.84 5.18 2.98
C VAL C 244 -35.34 5.40 1.55
N VAL C 245 -35.13 4.39 0.70
CA VAL C 245 -35.57 4.45 -0.69
C VAL C 245 -36.51 3.28 -0.95
N GLY C 246 -37.72 3.59 -1.40
CA GLY C 246 -38.68 2.57 -1.77
C GLY C 246 -39.69 3.06 -2.77
N ASN C 247 -40.86 2.42 -2.79
CA ASN C 247 -41.97 2.78 -3.66
C ASN C 247 -43.22 3.00 -2.83
N SER C 248 -43.99 4.03 -3.20
CA SER C 248 -45.15 4.47 -2.46
C SER C 248 -46.26 4.78 -3.47
N THR C 249 -47.49 4.50 -3.05
CA THR C 249 -48.65 4.87 -3.88
C THR C 249 -48.85 6.38 -3.90
N ASN C 250 -48.39 7.09 -2.87
CA ASN C 250 -48.46 8.55 -2.82
C ASN C 250 -47.29 9.21 -3.55
N SER C 251 -46.79 8.58 -4.61
CA SER C 251 -45.67 9.11 -5.38
C SER C 251 -46.10 9.45 -6.80
N ALA C 252 -45.62 10.60 -7.29
CA ALA C 252 -45.76 11.01 -8.68
C ALA C 252 -44.43 10.95 -9.42
N SER C 253 -43.47 10.17 -8.92
CA SER C 253 -42.19 10.03 -9.58
C SER C 253 -42.33 9.24 -10.89
N ASP C 254 -41.48 9.56 -11.86
CA ASP C 254 -41.36 8.78 -13.09
C ASP C 254 -40.33 7.67 -12.95
N LEU C 255 -39.94 7.36 -11.72
CA LEU C 255 -38.91 6.37 -11.43
C LEU C 255 -39.49 5.33 -10.48
N VAL C 256 -38.81 4.17 -10.44
CA VAL C 256 -39.10 3.10 -9.50
C VAL C 256 -37.77 2.54 -9.05
N ILE C 257 -37.78 1.84 -7.93
CA ILE C 257 -36.59 1.17 -7.43
C ILE C 257 -36.93 -0.30 -7.25
N GLY C 258 -36.00 -1.18 -7.63
CA GLY C 258 -36.08 -2.58 -7.30
C GLY C 258 -34.77 -3.04 -6.67
N HIS C 259 -34.77 -4.28 -6.18
CA HIS C 259 -33.55 -4.81 -5.58
C HIS C 259 -33.52 -6.34 -5.63
N SER C 260 -32.35 -6.88 -5.33
CA SER C 260 -32.12 -8.29 -5.08
C SER C 260 -30.95 -8.35 -4.09
N VAL C 261 -30.42 -9.57 -3.88
CA VAL C 261 -29.33 -9.80 -2.94
C VAL C 261 -28.28 -10.63 -3.67
N MET C 262 -27.07 -10.09 -3.80
CA MET C 262 -25.97 -10.90 -4.34
C MET C 262 -25.61 -11.97 -3.32
N LYS C 263 -25.59 -13.23 -3.76
CA LYS C 263 -25.24 -14.27 -2.79
C LYS C 263 -23.74 -14.32 -2.56
N ASP C 264 -22.95 -13.84 -3.51
CA ASP C 264 -21.51 -13.65 -3.34
C ASP C 264 -21.07 -12.56 -4.30
N ALA C 265 -19.75 -12.29 -4.30
CA ALA C 265 -19.16 -11.16 -5.01
C ALA C 265 -19.22 -11.30 -6.54
N ILE C 266 -19.48 -12.50 -7.07
CA ILE C 266 -19.52 -12.69 -8.51
C ILE C 266 -20.92 -13.09 -8.99
N ASP C 267 -21.95 -12.81 -8.18
CA ASP C 267 -23.32 -13.19 -8.47
C ASP C 267 -23.94 -12.25 -9.51
N ALA C 268 -23.56 -12.44 -10.78
CA ALA C 268 -24.15 -11.65 -11.86
C ALA C 268 -25.65 -11.88 -11.98
N ASP C 269 -26.14 -13.06 -11.56
CA ASP C 269 -27.57 -13.36 -11.65
C ASP C 269 -28.40 -12.41 -10.80
N ALA C 270 -27.84 -11.96 -9.67
CA ALA C 270 -28.55 -11.06 -8.78
C ALA C 270 -28.55 -9.62 -9.30
N VAL C 271 -27.51 -9.22 -10.03
CA VAL C 271 -27.57 -7.95 -10.74
C VAL C 271 -28.76 -7.94 -11.70
N ARG C 272 -28.89 -9.00 -12.51
CA ARG C 272 -29.98 -9.05 -13.48
C ARG C 272 -31.34 -9.14 -12.80
N ALA C 273 -31.43 -9.88 -11.68
CA ALA C 273 -32.68 -9.90 -10.92
C ALA C 273 -33.04 -8.51 -10.45
N ALA C 274 -32.04 -7.79 -9.92
CA ALA C 274 -32.27 -6.43 -9.45
C ALA C 274 -32.77 -5.55 -10.59
N LEU C 275 -32.14 -5.67 -11.77
CA LEU C 275 -32.62 -4.92 -12.94
C LEU C 275 -34.04 -5.30 -13.28
N LYS C 276 -34.34 -6.61 -13.28
CA LYS C 276 -35.69 -7.04 -13.65
C LYS C 276 -36.72 -6.58 -12.63
N ASP C 277 -36.33 -6.50 -11.36
CA ASP C 277 -37.25 -6.02 -10.33
C ASP C 277 -37.52 -4.54 -10.49
N ALA C 278 -36.58 -3.80 -11.08
CA ALA C 278 -36.76 -2.38 -11.38
C ALA C 278 -37.40 -2.14 -12.76
N GLY C 279 -37.95 -3.18 -13.39
CA GLY C 279 -38.65 -3.03 -14.65
C GLY C 279 -37.78 -3.02 -15.89
N ILE C 280 -36.50 -3.32 -15.77
CA ILE C 280 -35.58 -3.37 -16.91
C ILE C 280 -35.49 -4.83 -17.33
N ARG C 281 -36.23 -5.18 -18.38
CA ARG C 281 -36.47 -6.57 -18.74
C ARG C 281 -35.54 -7.10 -19.83
N SER C 282 -34.82 -6.23 -20.52
CA SER C 282 -33.93 -6.68 -21.58
C SER C 282 -32.71 -5.77 -21.61
N ASP C 283 -31.76 -6.12 -22.48
CA ASP C 283 -30.58 -5.29 -22.61
C ASP C 283 -30.90 -3.96 -23.27
N ASP C 284 -31.88 -3.93 -24.18
CA ASP C 284 -32.25 -2.68 -24.83
C ASP C 284 -32.88 -1.69 -23.88
N GLU C 285 -33.31 -2.11 -22.69
CA GLU C 285 -33.87 -1.19 -21.71
C GLU C 285 -32.85 -0.70 -20.69
N MET C 286 -31.57 -1.09 -20.83
CA MET C 286 -30.56 -0.63 -19.88
C MET C 286 -30.45 0.88 -19.83
N ASP C 287 -30.86 1.56 -20.91
CA ASP C 287 -30.80 3.03 -20.96
C ASP C 287 -31.69 3.69 -19.92
N ARG C 288 -32.60 2.95 -19.30
CA ARG C 288 -33.47 3.51 -18.28
C ARG C 288 -32.83 3.51 -16.90
N ILE C 289 -31.65 2.89 -16.76
CA ILE C 289 -30.96 2.91 -15.48
C ILE C 289 -30.58 4.33 -15.11
N VAL C 290 -30.90 4.73 -13.88
CA VAL C 290 -30.35 5.96 -13.32
C VAL C 290 -29.11 5.66 -12.48
N ASN C 291 -29.20 4.67 -11.59
CA ASN C 291 -28.01 4.18 -10.89
C ASN C 291 -28.27 2.78 -10.39
N VAL C 292 -27.18 2.07 -10.11
CA VAL C 292 -27.15 0.81 -9.38
C VAL C 292 -26.39 1.04 -8.08
N LEU C 293 -26.90 0.48 -6.98
CA LEU C 293 -26.29 0.66 -5.68
C LEU C 293 -26.15 -0.70 -5.01
N ALA C 294 -24.90 -1.03 -4.59
CA ALA C 294 -24.58 -2.37 -4.13
C ALA C 294 -23.59 -2.33 -2.96
N LYS C 295 -23.69 -3.34 -2.11
CA LYS C 295 -22.71 -3.62 -1.07
C LYS C 295 -21.86 -4.81 -1.50
N ALA C 296 -20.56 -4.73 -1.21
CA ALA C 296 -19.61 -5.80 -1.51
C ALA C 296 -18.85 -6.19 -0.24
N GLU C 297 -18.35 -7.43 -0.18
CA GLU C 297 -17.51 -7.78 0.95
C GLU C 297 -16.75 -9.09 0.68
N ALA C 298 -15.62 -9.24 1.38
CA ALA C 298 -14.93 -10.52 1.46
C ALA C 298 -15.68 -11.41 2.45
N ALA C 299 -15.91 -12.65 2.07
CA ALA C 299 -16.59 -13.60 2.94
C ALA C 299 -15.66 -14.05 4.06
N SER C 300 -16.21 -14.26 5.25
CA SER C 300 -15.36 -14.55 6.39
C SER C 300 -14.62 -15.88 6.22
N SER C 301 -15.04 -16.74 5.31
CA SER C 301 -14.31 -17.97 5.02
C SER C 301 -13.08 -17.78 4.13
N GLY C 302 -12.82 -16.58 3.64
CA GLY C 302 -11.70 -16.40 2.74
C GLY C 302 -11.85 -17.11 1.39
N THR C 303 -13.08 -17.38 0.96
CA THR C 303 -13.34 -18.16 -0.24
C THR C 303 -14.49 -17.54 -1.03
N VAL C 304 -14.55 -17.87 -2.31
CA VAL C 304 -15.71 -17.64 -3.15
C VAL C 304 -15.99 -18.94 -3.88
N ARG C 305 -17.17 -19.52 -3.65
CA ARG C 305 -17.55 -20.81 -4.23
C ARG C 305 -16.44 -21.84 -4.03
N GLY C 306 -15.91 -21.89 -2.81
CA GLY C 306 -14.87 -22.84 -2.47
C GLY C 306 -13.48 -22.51 -2.99
N ARG C 307 -13.31 -21.40 -3.72
CA ARG C 307 -12.01 -21.00 -4.25
C ARG C 307 -11.38 -19.99 -3.30
N ARG C 308 -10.17 -20.28 -2.85
CA ARG C 308 -9.50 -19.39 -1.89
C ARG C 308 -9.13 -18.06 -2.56
N ASN C 309 -9.22 -16.98 -1.79
CA ASN C 309 -8.56 -15.74 -2.20
C ASN C 309 -7.84 -15.15 -0.98
N THR C 310 -7.12 -14.04 -1.21
CA THR C 310 -6.23 -13.48 -0.21
C THR C 310 -6.72 -12.16 0.33
N MET C 311 -8.01 -11.82 0.13
CA MET C 311 -8.48 -10.52 0.57
C MET C 311 -8.29 -10.32 2.07
N LEU C 312 -8.53 -11.36 2.87
CA LEU C 312 -8.37 -11.24 4.32
C LEU C 312 -6.93 -11.43 4.78
N ASP C 313 -6.02 -11.82 3.89
CA ASP C 313 -4.62 -12.06 4.25
C ASP C 313 -3.69 -10.93 3.87
N ASP C 314 -4.15 -10.00 3.03
CA ASP C 314 -3.26 -9.09 2.31
C ASP C 314 -3.02 -7.89 3.21
N SER C 315 -1.83 -7.82 3.78
CA SER C 315 -1.51 -6.70 4.65
C SER C 315 -1.19 -5.44 3.86
N ASP C 316 -1.08 -5.51 2.54
CA ASP C 316 -0.84 -4.30 1.77
C ASP C 316 -2.12 -3.60 1.32
N ILE C 317 -3.23 -4.33 1.21
CA ILE C 317 -4.47 -3.78 0.68
C ILE C 317 -5.63 -4.31 1.51
N ASN C 318 -6.39 -3.40 2.12
CA ASN C 318 -7.47 -3.81 2.99
C ASN C 318 -8.60 -4.41 2.18
N HIS C 319 -9.27 -5.42 2.76
CA HIS C 319 -10.20 -6.24 2.01
C HIS C 319 -11.41 -5.45 1.48
N THR C 320 -11.81 -4.34 2.12
CA THR C 320 -12.93 -3.58 1.57
C THR C 320 -12.57 -2.91 0.26
N ARG C 321 -11.31 -2.49 0.10
CA ARG C 321 -10.85 -1.97 -1.18
C ARG C 321 -10.99 -3.02 -2.26
N SER C 322 -10.57 -4.26 -1.97
CA SER C 322 -10.65 -5.34 -2.97
C SER C 322 -12.08 -5.70 -3.31
N ALA C 323 -12.94 -5.79 -2.28
CA ALA C 323 -14.34 -6.15 -2.52
C ALA C 323 -15.03 -5.13 -3.43
N ARG C 324 -14.86 -3.83 -3.15
CA ARG C 324 -15.48 -2.80 -3.99
C ARG C 324 -15.02 -2.90 -5.44
N ALA C 325 -13.73 -3.17 -5.65
CA ALA C 325 -13.24 -3.32 -7.01
C ALA C 325 -13.90 -4.50 -7.71
N VAL C 326 -14.06 -5.60 -6.99
CA VAL C 326 -14.59 -6.83 -7.59
C VAL C 326 -16.06 -6.63 -7.97
N VAL C 327 -16.88 -6.19 -7.02
CA VAL C 327 -18.32 -6.09 -7.29
C VAL C 327 -18.61 -4.97 -8.28
N ASN C 328 -17.88 -3.87 -8.22
CA ASN C 328 -18.10 -2.85 -9.24
C ASN C 328 -17.85 -3.43 -10.63
N ALA C 329 -16.79 -4.24 -10.77
CA ALA C 329 -16.46 -4.77 -12.10
C ALA C 329 -17.54 -5.74 -12.59
N VAL C 330 -18.11 -6.53 -11.68
CA VAL C 330 -19.15 -7.47 -12.07
C VAL C 330 -20.41 -6.73 -12.54
N ILE C 331 -20.85 -5.72 -11.76
CA ILE C 331 -22.02 -4.95 -12.16
C ILE C 331 -21.75 -4.23 -13.48
N ALA C 332 -20.56 -3.61 -13.61
CA ALA C 332 -20.23 -2.90 -14.84
C ALA C 332 -20.31 -3.84 -16.05
N SER C 333 -19.85 -5.09 -15.89
CA SER C 333 -19.85 -5.98 -17.04
C SER C 333 -21.27 -6.36 -17.44
N VAL C 334 -22.22 -6.31 -16.52
CA VAL C 334 -23.62 -6.61 -16.84
C VAL C 334 -24.31 -5.39 -17.46
N VAL C 335 -24.12 -4.21 -16.89
CA VAL C 335 -24.84 -3.03 -17.33
C VAL C 335 -24.04 -2.17 -18.30
N GLY C 336 -22.76 -2.48 -18.52
CA GLY C 336 -21.98 -1.76 -19.50
C GLY C 336 -21.44 -0.43 -19.04
N ASP C 337 -21.37 -0.19 -17.74
CA ASP C 337 -21.10 1.13 -17.20
C ASP C 337 -20.51 1.03 -15.79
N PRO C 338 -19.24 1.42 -15.59
CA PRO C 338 -18.65 1.32 -14.25
C PRO C 338 -19.03 2.47 -13.32
N MET C 339 -19.84 3.45 -13.76
CA MET C 339 -20.22 4.55 -12.88
C MET C 339 -21.46 4.16 -12.08
N VAL C 340 -21.23 3.26 -11.12
CA VAL C 340 -22.27 2.75 -10.23
C VAL C 340 -21.72 2.81 -8.81
N TYR C 341 -22.65 2.90 -7.86
CA TYR C 341 -22.30 2.98 -6.44
C TYR C 341 -22.08 1.59 -5.87
N VAL C 342 -20.84 1.28 -5.49
CA VAL C 342 -20.55 0.06 -4.74
C VAL C 342 -19.79 0.45 -3.49
N SER C 343 -20.21 -0.10 -2.35
CA SER C 343 -19.67 0.20 -1.05
C SER C 343 -19.18 -1.09 -0.40
N GLY C 344 -18.07 -1.00 0.36
CA GLY C 344 -17.42 -2.18 0.91
C GLY C 344 -17.77 -2.45 2.36
N GLY C 345 -17.66 -3.72 2.75
CA GLY C 345 -18.00 -4.13 4.11
C GLY C 345 -19.49 -4.30 4.32
N ALA C 346 -19.99 -5.54 4.18
CA ALA C 346 -21.43 -5.81 4.19
C ALA C 346 -21.84 -6.64 5.40
N GLU C 347 -21.32 -6.27 6.58
CA GLU C 347 -21.68 -6.89 7.85
C GLU C 347 -23.18 -6.77 8.11
N HIS C 348 -23.87 -7.91 8.18
CA HIS C 348 -25.32 -7.99 8.41
C HIS C 348 -26.12 -7.32 7.29
N GLN C 349 -25.52 -7.22 6.11
CA GLN C 349 -26.18 -6.66 4.93
C GLN C 349 -26.05 -7.76 3.89
N GLY C 350 -27.13 -8.50 3.66
CA GLY C 350 -27.05 -9.71 2.89
C GLY C 350 -26.27 -10.75 3.64
N PRO C 351 -26.23 -11.98 3.11
CA PRO C 351 -25.48 -13.06 3.78
C PRO C 351 -23.98 -12.79 3.76
N ASP C 352 -23.28 -13.60 4.54
CA ASP C 352 -21.83 -13.51 4.72
C ASP C 352 -21.16 -13.65 3.36
N GLY C 353 -20.51 -12.59 2.88
CA GLY C 353 -19.90 -12.59 1.57
C GLY C 353 -20.78 -12.03 0.47
N GLY C 354 -22.04 -11.72 0.75
CA GLY C 354 -22.95 -11.10 -0.19
C GLY C 354 -23.49 -9.79 0.35
N GLY C 355 -24.37 -9.13 -0.40
CA GLY C 355 -24.92 -7.86 0.03
C GLY C 355 -26.07 -7.42 -0.86
N PRO C 356 -26.87 -6.46 -0.39
CA PRO C 356 -27.99 -5.99 -1.22
C PRO C 356 -27.51 -5.25 -2.45
N ILE C 357 -28.36 -5.24 -3.48
CA ILE C 357 -28.11 -4.46 -4.69
C ILE C 357 -29.45 -3.91 -5.18
N ALA C 358 -29.54 -2.59 -5.32
CA ALA C 358 -30.73 -1.91 -5.77
C ALA C 358 -30.50 -1.24 -7.12
N VAL C 359 -31.60 -1.00 -7.84
CA VAL C 359 -31.58 -0.31 -9.12
C VAL C 359 -32.69 0.74 -9.13
N ILE C 360 -32.32 1.98 -9.45
CA ILE C 360 -33.26 3.06 -9.69
C ILE C 360 -33.33 3.28 -11.19
N ALA C 361 -34.54 3.20 -11.74
CA ALA C 361 -34.77 3.22 -13.18
C ALA C 361 -35.96 4.10 -13.51
N ARG C 362 -35.92 4.68 -14.70
CA ARG C 362 -37.10 5.35 -15.25
C ARG C 362 -38.15 4.29 -15.57
N VAL C 363 -39.41 4.60 -15.31
CA VAL C 363 -40.47 3.73 -15.77
C VAL C 363 -40.48 3.81 -17.30
N MET D 2 10.78 49.06 8.72
CA MET D 2 11.04 48.00 9.69
C MET D 2 9.93 46.96 9.72
N GLN D 3 10.22 45.78 9.17
CA GLN D 3 9.29 44.66 9.16
C GLN D 3 9.72 43.63 10.21
N LYS D 4 8.77 43.18 11.01
CA LYS D 4 8.97 42.14 12.00
C LYS D 4 8.26 40.87 11.55
N VAL D 5 8.84 39.72 11.88
CA VAL D 5 8.29 38.43 11.47
C VAL D 5 8.11 37.55 12.68
N GLU D 6 6.93 36.94 12.80
CA GLU D 6 6.64 35.95 13.83
C GLU D 6 6.14 34.68 13.16
N VAL D 7 6.49 33.54 13.75
CA VAL D 7 6.24 32.23 13.17
C VAL D 7 5.58 31.36 14.23
N PHE D 8 4.45 30.73 13.87
CA PHE D 8 3.64 29.93 14.79
C PHE D 8 3.48 28.51 14.22
N ARG D 9 4.06 27.53 14.91
CA ARG D 9 3.90 26.12 14.59
C ARG D 9 2.73 25.57 15.38
N ILE D 10 1.70 25.10 14.68
CA ILE D 10 0.39 24.80 15.25
C ILE D 10 0.06 23.34 15.01
N PRO D 11 -0.14 22.52 16.05
CA PRO D 11 -0.57 21.14 15.83
C PRO D 11 -1.98 21.09 15.27
N THR D 12 -2.24 20.12 14.40
CA THR D 12 -3.54 19.99 13.77
C THR D 12 -4.10 18.59 13.96
N ALA D 13 -5.41 18.50 14.17
CA ALA D 13 -6.10 17.24 14.42
C ALA D 13 -6.60 16.57 13.14
N SER D 14 -6.58 17.27 12.00
CA SER D 14 -7.03 16.78 10.70
C SER D 14 -6.71 17.84 9.64
N PRO D 15 -6.86 17.51 8.36
CA PRO D 15 -6.50 18.49 7.31
C PRO D 15 -7.31 19.77 7.36
N ASP D 16 -8.55 19.71 7.83
CA ASP D 16 -9.41 20.90 7.91
C ASP D 16 -9.38 21.55 9.28
N ASP D 17 -8.49 21.13 10.17
CA ASP D 17 -8.44 21.67 11.52
C ASP D 17 -7.91 23.11 11.48
N ILE D 18 -8.75 24.06 11.87
CA ILE D 18 -8.37 25.47 11.96
C ILE D 18 -8.40 25.97 13.40
N SER D 19 -8.66 25.10 14.38
CA SER D 19 -8.87 25.57 15.75
C SER D 19 -7.61 26.21 16.33
N GLY D 20 -6.45 25.62 16.08
CA GLY D 20 -5.23 26.18 16.62
C GLY D 20 -4.94 27.57 16.12
N LEU D 21 -5.19 27.83 14.84
CA LEU D 21 -5.07 29.19 14.33
C LEU D 21 -6.23 30.06 14.80
N ALA D 22 -7.38 29.44 15.09
CA ALA D 22 -8.50 30.19 15.64
C ALA D 22 -8.26 30.61 17.09
N THR D 23 -7.49 29.80 17.84
CA THR D 23 -7.20 30.16 19.21
C THR D 23 -6.20 31.30 19.30
N LEU D 24 -5.23 31.36 18.38
CA LEU D 24 -4.26 32.45 18.40
C LEU D 24 -4.82 33.75 17.83
N ILE D 25 -5.90 33.71 17.05
CA ILE D 25 -6.51 34.94 16.57
C ILE D 25 -7.46 35.51 17.62
N ASP D 26 -8.33 34.67 18.17
CA ASP D 26 -9.24 35.13 19.22
C ASP D 26 -8.49 35.66 20.43
N SER D 27 -7.24 35.24 20.63
CA SER D 27 -6.42 35.74 21.72
C SER D 27 -5.65 37.01 21.36
N GLY D 28 -5.63 37.40 20.09
CA GLY D 28 -4.87 38.56 19.68
C GLY D 28 -3.39 38.32 19.44
N LYS D 29 -2.87 37.13 19.78
CA LYS D 29 -1.46 36.85 19.51
C LYS D 29 -1.17 36.91 18.02
N ILE D 30 -2.17 36.62 17.19
CA ILE D 30 -2.07 36.76 15.74
C ILE D 30 -3.21 37.64 15.25
N ASN D 31 -2.87 38.70 14.51
CA ASN D 31 -3.88 39.46 13.79
C ASN D 31 -3.99 38.91 12.38
N PRO D 32 -5.13 38.36 11.98
CA PRO D 32 -5.19 37.63 10.68
C PRO D 32 -4.79 38.48 9.49
N ALA D 33 -5.01 39.80 9.53
CA ALA D 33 -4.70 40.65 8.38
C ALA D 33 -3.23 40.60 8.00
N GLU D 34 -2.34 40.29 8.94
CA GLU D 34 -0.90 40.33 8.70
C GLU D 34 -0.30 38.96 8.36
N ILE D 35 -1.13 37.95 8.11
CA ILE D 35 -0.63 36.63 7.74
C ILE D 35 -0.22 36.65 6.27
N VAL D 36 1.02 36.28 6.00
CA VAL D 36 1.54 36.30 4.64
C VAL D 36 1.69 34.89 4.06
N ALA D 37 1.93 33.87 4.88
CA ALA D 37 2.07 32.52 4.36
C ALA D 37 1.68 31.49 5.41
N ILE D 38 1.32 30.31 4.91
CA ILE D 38 1.03 29.15 5.76
C ILE D 38 1.68 27.93 5.10
N LEU D 39 2.62 27.31 5.81
CA LEU D 39 3.35 26.14 5.33
C LEU D 39 2.85 24.92 6.10
N GLY D 40 2.22 23.98 5.41
CA GLY D 40 1.51 22.88 6.07
C GLY D 40 2.06 21.50 5.76
N LYS D 41 1.99 20.63 6.76
CA LYS D 41 2.17 19.19 6.56
C LYS D 41 0.80 18.54 6.80
N THR D 42 0.20 18.00 5.75
CA THR D 42 -1.12 17.41 5.82
C THR D 42 -1.02 15.90 5.58
N GLU D 43 -2.01 15.16 6.07
CA GLU D 43 -1.81 13.75 6.33
C GLU D 43 -2.29 12.81 5.21
N GLY D 44 -2.42 13.31 3.97
CA GLY D 44 -2.56 12.46 2.81
C GLY D 44 -1.24 11.78 2.47
N ASN D 45 -1.22 11.12 1.30
CA ASN D 45 -0.03 10.35 0.97
C ASN D 45 1.08 11.17 0.33
N GLY D 46 0.89 12.49 0.14
CA GLY D 46 1.94 13.34 -0.40
C GLY D 46 2.31 13.07 -1.84
N CYS D 47 1.50 12.27 -2.55
CA CYS D 47 1.78 11.90 -3.94
C CYS D 47 0.72 12.45 -4.88
N VAL D 48 0.33 11.68 -5.90
CA VAL D 48 -0.56 12.24 -6.93
C VAL D 48 -1.96 12.43 -6.38
N ASN D 49 -2.56 11.37 -5.82
CA ASN D 49 -3.93 11.41 -5.31
C ASN D 49 -3.95 11.77 -3.83
N ASP D 50 -3.41 12.94 -3.51
CA ASP D 50 -3.51 13.49 -2.16
C ASP D 50 -4.39 14.72 -2.26
N PHE D 51 -5.63 14.59 -1.77
CA PHE D 51 -6.60 15.67 -1.72
C PHE D 51 -6.65 16.37 -0.36
N THR D 52 -5.84 15.92 0.62
CA THR D 52 -5.71 16.67 1.86
C THR D 52 -5.05 18.02 1.65
N ARG D 53 -4.22 18.15 0.61
CA ARG D 53 -3.66 19.45 0.28
C ARG D 53 -4.77 20.47 0.01
N GLY D 54 -5.63 20.17 -0.97
CA GLY D 54 -6.70 21.10 -1.30
C GLY D 54 -7.75 21.24 -0.20
N PHE D 55 -8.04 20.14 0.49
CA PHE D 55 -8.96 20.19 1.63
C PHE D 55 -8.44 21.16 2.69
N ALA D 56 -7.13 21.07 2.99
CA ALA D 56 -6.54 21.93 4.00
C ALA D 56 -6.54 23.39 3.53
N THR D 57 -6.22 23.63 2.26
CA THR D 57 -6.21 25.00 1.75
C THR D 57 -7.62 25.57 1.70
N GLN D 58 -8.61 24.77 1.28
CA GLN D 58 -9.99 25.24 1.27
C GLN D 58 -10.46 25.58 2.68
N SER D 59 -10.21 24.70 3.64
CA SER D 59 -10.65 24.96 5.02
C SER D 59 -10.00 26.21 5.60
N LEU D 60 -8.69 26.40 5.35
CA LEU D 60 -8.04 27.61 5.82
C LEU D 60 -8.58 28.85 5.12
N ALA D 61 -8.77 28.77 3.79
CA ALA D 61 -9.25 29.93 3.04
C ALA D 61 -10.67 30.34 3.49
N MET D 62 -11.53 29.34 3.74
CA MET D 62 -12.86 29.66 4.27
C MET D 62 -12.76 30.40 5.61
N TYR D 63 -11.88 29.95 6.49
CA TYR D 63 -11.81 30.53 7.83
C TYR D 63 -11.28 31.96 7.77
N LEU D 64 -10.22 32.19 6.98
CA LEU D 64 -9.64 33.53 6.91
C LEU D 64 -10.53 34.51 6.15
N ALA D 65 -11.29 34.02 5.15
CA ALA D 65 -12.25 34.89 4.48
C ALA D 65 -13.34 35.35 5.45
N GLU D 66 -13.74 34.49 6.38
CA GLU D 66 -14.67 34.88 7.42
C GLU D 66 -14.08 35.97 8.30
N LYS D 67 -12.92 35.72 8.88
CA LYS D 67 -12.34 36.64 9.85
C LYS D 67 -11.85 37.94 9.21
N LEU D 68 -11.60 37.94 7.90
CA LEU D 68 -11.18 39.14 7.20
C LEU D 68 -12.29 39.75 6.35
N GLY D 69 -13.50 39.17 6.39
CA GLY D 69 -14.63 39.73 5.68
C GLY D 69 -14.49 39.77 4.17
N ILE D 70 -13.56 39.00 3.61
CA ILE D 70 -13.33 38.99 2.17
C ILE D 70 -13.73 37.64 1.60
N SER D 71 -13.59 37.47 0.29
CA SER D 71 -13.94 36.23 -0.39
C SER D 71 -12.78 35.25 -0.36
N ARG D 72 -13.12 33.95 -0.43
CA ARG D 72 -12.11 32.91 -0.45
C ARG D 72 -11.05 33.17 -1.53
N GLU D 73 -11.50 33.52 -2.74
CA GLU D 73 -10.56 33.78 -3.82
C GLU D 73 -9.60 34.91 -3.48
N GLU D 74 -10.10 35.94 -2.79
CA GLU D 74 -9.23 37.05 -2.39
C GLU D 74 -8.14 36.59 -1.42
N VAL D 75 -8.52 35.78 -0.42
CA VAL D 75 -7.55 35.28 0.54
C VAL D 75 -6.48 34.46 -0.19
N VAL D 76 -6.88 33.72 -1.22
CA VAL D 76 -5.93 32.90 -1.96
C VAL D 76 -4.89 33.77 -2.65
N LYS D 77 -5.30 34.93 -3.17
CA LYS D 77 -4.37 35.82 -3.85
C LYS D 77 -3.46 36.58 -2.89
N LYS D 78 -3.85 36.69 -1.61
CA LYS D 78 -3.10 37.47 -0.63
C LYS D 78 -2.10 36.63 0.15
N VAL D 79 -2.50 35.43 0.56
CA VAL D 79 -1.70 34.57 1.45
C VAL D 79 -1.21 33.38 0.65
N ALA D 80 0.06 33.03 0.84
CA ALA D 80 0.62 31.84 0.19
C ALA D 80 0.27 30.60 1.01
N PHE D 81 -0.42 29.65 0.39
CA PHE D 81 -0.74 28.36 1.02
C PHE D 81 0.15 27.30 0.39
N ILE D 82 1.14 26.84 1.15
CA ILE D 82 2.02 25.75 0.73
C ILE D 82 1.63 24.54 1.56
N MET D 83 0.81 23.65 0.97
CA MET D 83 0.33 22.43 1.64
C MET D 83 1.13 21.24 1.14
N SER D 84 1.96 20.67 2.00
CA SER D 84 2.81 19.53 1.65
C SER D 84 2.22 18.26 2.28
N GLY D 85 1.73 17.36 1.44
CA GLY D 85 1.18 16.12 1.94
C GLY D 85 2.27 15.13 2.32
N GLY D 86 1.86 14.11 3.09
CA GLY D 86 2.78 13.08 3.51
C GLY D 86 3.28 13.24 4.92
N THR D 87 2.65 12.55 5.87
CA THR D 87 3.09 12.58 7.25
C THR D 87 3.39 11.16 7.73
N GLU D 88 4.37 10.51 7.11
CA GLU D 88 4.68 9.12 7.36
C GLU D 88 5.50 8.95 8.63
N GLY D 89 5.68 7.69 9.05
CA GLY D 89 6.45 7.45 10.26
C GLY D 89 5.82 8.16 11.46
N VAL D 90 6.64 8.94 12.18
CA VAL D 90 6.15 9.65 13.36
C VAL D 90 5.86 11.12 13.09
N MET D 91 5.96 11.56 11.84
CA MET D 91 5.80 12.97 11.51
C MET D 91 4.41 13.48 11.92
N THR D 92 4.39 14.57 12.69
CA THR D 92 3.13 15.08 13.23
C THR D 92 2.51 16.10 12.28
N PRO D 93 1.24 15.94 11.90
CA PRO D 93 0.57 16.98 11.10
C PRO D 93 0.55 18.33 11.83
N HIS D 94 0.82 19.39 11.09
CA HIS D 94 0.87 20.74 11.64
C HIS D 94 0.95 21.74 10.49
N ILE D 95 0.72 23.01 10.84
CA ILE D 95 0.93 24.12 9.92
C ILE D 95 1.86 25.14 10.57
N THR D 96 2.60 25.87 9.74
CA THR D 96 3.44 26.96 10.20
C THR D 96 2.93 28.26 9.59
N VAL D 97 2.54 29.20 10.45
CA VAL D 97 1.94 30.45 10.00
C VAL D 97 2.97 31.56 10.12
N PHE D 98 3.32 32.16 8.98
CA PHE D 98 4.26 33.28 8.92
C PHE D 98 3.48 34.58 8.97
N VAL D 99 3.76 35.41 9.98
CA VAL D 99 3.14 36.71 10.16
C VAL D 99 4.20 37.78 9.93
N ARG D 100 3.88 38.76 9.09
CA ARG D 100 4.78 39.87 8.79
C ARG D 100 4.09 41.16 9.21
N LYS D 101 4.57 41.74 10.31
CA LYS D 101 4.05 42.98 10.88
C LYS D 101 5.16 44.00 10.87
N ASP D 102 5.02 45.05 10.07
CA ASP D 102 6.02 46.11 9.99
C ASP D 102 5.74 47.13 11.07
N VAL D 103 6.58 47.15 12.10
CA VAL D 103 6.44 48.09 13.21
C VAL D 103 7.69 48.97 13.27
N ALA D 104 7.50 50.20 13.72
CA ALA D 104 8.62 51.11 13.92
C ALA D 104 9.29 50.81 15.24
N ALA D 105 10.62 50.71 15.22
CA ALA D 105 11.39 50.35 16.39
C ALA D 105 12.85 50.20 16.01
N PRO D 106 13.79 50.56 16.89
CA PRO D 106 15.21 50.36 16.56
C PRO D 106 15.47 48.94 16.09
N ALA D 107 16.25 48.81 15.03
CA ALA D 107 16.47 47.51 14.39
C ALA D 107 17.46 46.66 15.18
N ALA D 108 17.17 45.36 15.27
CA ALA D 108 18.00 44.43 16.02
C ALA D 108 19.40 44.39 15.46
N PRO D 109 20.41 44.84 16.21
CA PRO D 109 21.78 44.84 15.69
C PRO D 109 22.19 43.45 15.22
N GLY D 110 22.81 43.40 14.05
CA GLY D 110 23.10 42.13 13.42
C GLY D 110 22.14 41.83 12.28
N LYS D 111 21.40 40.73 12.39
CA LYS D 111 20.42 40.38 11.37
C LYS D 111 19.33 39.52 12.00
N ARG D 112 18.10 39.70 11.51
CA ARG D 112 16.95 39.02 12.06
C ARG D 112 16.10 38.44 10.93
N LEU D 113 15.10 37.66 11.33
CA LEU D 113 14.27 36.93 10.37
C LEU D 113 13.50 37.90 9.48
N ALA D 114 13.51 37.64 8.18
CA ALA D 114 12.80 38.44 7.18
C ALA D 114 12.24 37.51 6.13
N VAL D 115 10.98 37.73 5.75
CA VAL D 115 10.27 36.81 4.85
C VAL D 115 9.72 37.58 3.65
N GLY D 116 9.84 36.98 2.47
CA GLY D 116 9.21 37.52 1.28
C GLY D 116 8.41 36.46 0.57
N VAL D 117 7.38 36.92 -0.14
CA VAL D 117 6.51 36.06 -0.95
C VAL D 117 6.36 36.68 -2.33
N ALA D 118 6.13 35.81 -3.32
CA ALA D 118 5.92 36.20 -4.70
C ALA D 118 5.25 35.05 -5.43
N PHE D 119 4.35 35.37 -6.35
CA PHE D 119 3.75 34.37 -7.23
C PHE D 119 4.26 34.54 -8.65
N THR D 120 4.40 33.42 -9.34
CA THR D 120 4.68 33.42 -10.76
C THR D 120 3.37 33.42 -11.55
N ARG D 121 3.46 33.72 -12.83
CA ARG D 121 2.32 33.56 -13.72
C ARG D 121 1.96 32.09 -13.87
N ASP D 122 0.71 31.85 -14.27
CA ASP D 122 0.29 30.49 -14.60
C ASP D 122 1.13 29.96 -15.76
N PHE D 123 1.70 28.78 -15.57
CA PHE D 123 2.46 28.16 -16.65
C PHE D 123 1.53 27.46 -17.63
N LEU D 124 2.04 27.25 -18.83
CA LEU D 124 1.38 26.32 -19.73
C LEU D 124 1.90 24.90 -19.43
N PRO D 125 1.10 23.87 -19.67
CA PRO D 125 1.56 22.51 -19.32
C PRO D 125 2.87 22.14 -19.99
N GLU D 126 3.04 22.50 -21.26
CA GLU D 126 4.29 22.25 -21.97
C GLU D 126 5.44 23.11 -21.45
N GLU D 127 5.17 24.11 -20.61
CA GLU D 127 6.21 24.85 -19.92
C GLU D 127 6.58 24.24 -18.58
N LEU D 128 5.85 23.21 -18.14
CA LEU D 128 6.13 22.59 -16.86
C LEU D 128 7.42 21.78 -16.95
N GLY D 129 8.34 22.03 -16.03
CA GLY D 129 9.59 21.29 -15.98
C GLY D 129 10.59 21.67 -17.04
N ARG D 130 10.54 22.88 -17.58
CA ARG D 130 11.44 23.32 -18.63
C ARG D 130 11.98 24.70 -18.31
N MET D 131 12.86 25.20 -19.19
CA MET D 131 13.57 26.44 -18.91
C MET D 131 12.63 27.60 -18.59
N GLU D 132 11.44 27.63 -19.19
CA GLU D 132 10.52 28.73 -18.91
C GLU D 132 10.00 28.67 -17.47
N GLN D 133 9.88 27.47 -16.88
CA GLN D 133 9.56 27.40 -15.47
C GLN D 133 10.74 27.87 -14.63
N VAL D 134 11.96 27.48 -15.01
CA VAL D 134 13.15 27.92 -14.28
C VAL D 134 13.26 29.44 -14.31
N ASN D 135 13.29 30.02 -15.52
CA ASN D 135 13.43 31.46 -15.64
C ASN D 135 12.34 32.20 -14.89
N GLU D 136 11.08 31.81 -15.11
CA GLU D 136 9.98 32.48 -14.42
C GLU D 136 10.13 32.36 -12.91
N VAL D 137 10.37 31.15 -12.40
CA VAL D 137 10.56 30.98 -10.96
C VAL D 137 11.77 31.78 -10.48
N ALA D 138 12.85 31.79 -11.27
CA ALA D 138 14.03 32.56 -10.90
C ALA D 138 13.72 34.05 -10.78
N ARG D 139 12.80 34.57 -11.61
CA ARG D 139 12.40 35.97 -11.50
C ARG D 139 11.63 36.22 -10.22
N ALA D 140 10.56 35.45 -9.99
CA ALA D 140 9.73 35.67 -8.81
C ALA D 140 10.53 35.52 -7.52
N VAL D 141 11.59 34.72 -7.53
CA VAL D 141 12.42 34.59 -6.33
C VAL D 141 13.18 35.88 -6.07
N LYS D 142 13.63 36.55 -7.12
CA LYS D 142 14.25 37.86 -6.94
C LYS D 142 13.26 38.85 -6.37
N GLU D 143 12.00 38.79 -6.82
CA GLU D 143 11.02 39.77 -6.33
C GLU D 143 10.58 39.44 -4.91
N ALA D 144 10.43 38.16 -4.58
CA ALA D 144 10.17 37.82 -3.18
C ALA D 144 11.35 38.16 -2.29
N MET D 145 12.57 38.06 -2.82
CA MET D 145 13.77 38.33 -2.03
C MET D 145 13.91 39.82 -1.71
N LYS D 146 13.45 40.69 -2.62
CA LYS D 146 13.46 42.12 -2.32
C LYS D 146 12.30 42.50 -1.42
N ASP D 147 11.15 41.84 -1.57
CA ASP D 147 10.02 42.06 -0.68
C ASP D 147 10.32 41.66 0.76
N ALA D 148 11.39 40.89 0.99
CA ALA D 148 11.82 40.54 2.34
C ALA D 148 12.86 41.50 2.88
N GLN D 149 13.33 42.45 2.07
CA GLN D 149 14.32 43.43 2.49
C GLN D 149 15.70 42.81 2.63
N ILE D 150 15.94 41.71 1.93
CA ILE D 150 17.25 41.05 1.88
C ILE D 150 17.86 41.35 0.52
N ASP D 151 19.12 41.79 0.54
CA ASP D 151 19.84 42.14 -0.69
C ASP D 151 20.91 41.12 -1.04
N ASP D 152 21.70 40.69 -0.07
CA ASP D 152 22.72 39.68 -0.31
C ASP D 152 22.06 38.31 -0.48
N PRO D 153 22.28 37.61 -1.59
CA PRO D 153 21.69 36.28 -1.75
C PRO D 153 22.18 35.26 -0.72
N ARG D 154 23.15 35.62 0.12
CA ARG D 154 23.68 34.72 1.13
C ARG D 154 23.04 34.89 2.49
N ASP D 155 22.22 35.92 2.68
CA ASP D 155 21.35 36.00 3.85
C ASP D 155 20.12 35.11 3.72
N VAL D 156 19.94 34.45 2.56
CA VAL D 156 18.81 33.58 2.33
C VAL D 156 19.15 32.18 2.81
N HIS D 157 18.23 31.56 3.55
CA HIS D 157 18.47 30.26 4.18
C HIS D 157 17.44 29.20 3.81
N PHE D 158 16.32 29.59 3.21
CA PHE D 158 15.29 28.63 2.81
C PHE D 158 14.38 29.30 1.80
N VAL D 159 14.02 28.56 0.75
CA VAL D 159 13.12 29.05 -0.29
C VAL D 159 12.11 27.94 -0.55
N GLN D 160 10.91 28.07 0.03
CA GLN D 160 9.85 27.10 -0.15
C GLN D 160 9.05 27.44 -1.40
N ILE D 161 8.59 26.41 -2.11
CA ILE D 161 7.82 26.64 -3.33
C ILE D 161 6.78 25.54 -3.49
N LYS D 162 5.54 25.96 -3.72
CA LYS D 162 4.46 25.08 -4.17
C LYS D 162 4.38 25.21 -5.69
N CYS D 163 4.54 24.09 -6.39
CA CYS D 163 4.56 24.09 -7.84
C CYS D 163 3.50 23.17 -8.41
N PRO D 164 3.08 23.40 -9.66
CA PRO D 164 2.03 22.58 -10.27
C PRO D 164 2.56 21.22 -10.70
N LEU D 165 1.66 20.44 -11.31
CA LEU D 165 2.02 19.16 -11.91
C LEU D 165 1.13 18.93 -13.13
N LEU D 166 1.40 17.83 -13.85
CA LEU D 166 0.69 17.50 -15.08
C LEU D 166 -0.40 16.48 -14.78
N THR D 167 -1.64 16.85 -15.07
CA THR D 167 -2.77 15.93 -14.99
C THR D 167 -3.14 15.43 -16.38
N ALA D 168 -4.06 14.46 -16.42
CA ALA D 168 -4.47 13.89 -17.70
C ALA D 168 -5.09 14.94 -18.61
N GLU D 169 -5.73 15.96 -18.03
CA GLU D 169 -6.36 17.01 -18.84
C GLU D 169 -5.32 18.00 -19.37
N ARG D 170 -4.35 18.39 -18.54
CA ARG D 170 -3.30 19.29 -19.02
C ARG D 170 -2.44 18.63 -20.09
N ILE D 171 -2.37 17.30 -20.11
CA ILE D 171 -1.72 16.62 -21.22
C ILE D 171 -2.49 16.83 -22.51
N GLU D 172 -3.79 16.53 -22.49
CA GLU D 172 -4.64 16.79 -23.64
C GLU D 172 -4.82 18.29 -23.88
N ASP D 173 -4.83 19.08 -22.80
CA ASP D 173 -4.83 20.53 -22.91
C ASP D 173 -3.51 21.08 -23.44
N ALA D 174 -2.54 20.21 -23.72
CA ALA D 174 -1.35 20.57 -24.48
C ALA D 174 -1.19 19.75 -25.76
N LYS D 175 -1.85 18.60 -25.85
CA LYS D 175 -1.73 17.76 -27.04
C LYS D 175 -2.52 18.33 -28.21
N ARG D 176 -3.72 18.82 -27.97
CA ARG D 176 -4.55 19.36 -29.04
C ARG D 176 -4.09 20.74 -29.49
N ARG D 177 -2.99 21.27 -28.93
CA ARG D 177 -2.34 22.47 -29.46
C ARG D 177 -1.01 22.15 -30.13
N GLY D 178 -0.64 20.88 -30.22
CA GLY D 178 0.60 20.49 -30.86
C GLY D 178 1.83 20.55 -29.97
N LYS D 179 1.66 20.59 -28.66
CA LYS D 179 2.77 20.72 -27.72
C LYS D 179 2.96 19.41 -26.95
N ASP D 180 4.20 18.94 -26.92
CA ASP D 180 4.56 17.78 -26.11
C ASP D 180 4.98 18.24 -24.72
N VAL D 181 4.75 17.38 -23.73
CA VAL D 181 5.05 17.70 -22.35
C VAL D 181 6.32 16.99 -21.92
N VAL D 182 6.94 17.47 -20.84
CA VAL D 182 8.23 16.95 -20.41
C VAL D 182 8.14 15.45 -20.14
N VAL D 183 7.08 15.01 -19.45
CA VAL D 183 6.88 13.61 -19.16
C VAL D 183 5.39 13.30 -19.20
N ASN D 184 5.07 12.03 -19.44
CA ASN D 184 3.70 11.58 -19.58
C ASN D 184 3.08 11.15 -18.26
N ASP D 185 3.91 10.63 -17.35
CA ASP D 185 3.42 10.22 -16.04
C ASP D 185 3.18 11.46 -15.17
N THR D 186 1.97 11.54 -14.61
CA THR D 186 1.67 12.66 -13.72
C THR D 186 2.59 12.65 -12.50
N TYR D 187 2.84 11.48 -11.92
CA TYR D 187 3.75 11.38 -10.79
C TYR D 187 5.15 11.86 -11.18
N LYS D 188 5.66 11.37 -12.32
CA LYS D 188 6.96 11.79 -12.80
C LYS D 188 7.03 13.30 -13.01
N SER D 189 5.90 13.94 -13.35
CA SER D 189 5.93 15.38 -13.54
C SER D 189 6.07 16.14 -12.22
N MET D 190 5.75 15.50 -11.09
CA MET D 190 6.05 16.12 -9.80
C MET D 190 7.55 16.31 -9.61
N ALA D 191 8.35 15.31 -10.01
CA ALA D 191 9.79 15.46 -9.96
C ALA D 191 10.26 16.56 -10.92
N TYR D 192 9.69 16.62 -12.12
CA TYR D 192 10.12 17.62 -13.09
C TYR D 192 9.71 19.03 -12.65
N SER D 193 8.54 19.15 -12.02
CA SER D 193 8.09 20.45 -11.53
C SER D 193 8.92 20.91 -10.34
N ARG D 194 9.11 20.02 -9.35
CA ARG D 194 9.99 20.32 -8.23
C ARG D 194 11.40 20.67 -8.69
N GLY D 195 11.92 19.92 -9.67
CA GLY D 195 13.30 20.11 -10.10
C GLY D 195 13.49 21.42 -10.84
N ALA D 196 12.65 21.67 -11.85
CA ALA D 196 12.73 22.93 -12.58
C ALA D 196 12.58 24.12 -11.64
N SER D 197 11.67 24.02 -10.67
CA SER D 197 11.51 25.11 -9.70
C SER D 197 12.77 25.30 -8.87
N ALA D 198 13.46 24.21 -8.51
CA ALA D 198 14.65 24.33 -7.69
C ALA D 198 15.80 24.96 -8.48
N LEU D 199 15.96 24.60 -9.76
CA LEU D 199 16.98 25.26 -10.57
C LEU D 199 16.69 26.74 -10.74
N GLY D 200 15.43 27.16 -10.55
CA GLY D 200 15.13 28.58 -10.53
C GLY D 200 15.74 29.29 -9.32
N VAL D 201 15.62 28.68 -8.13
CA VAL D 201 16.21 29.25 -6.93
C VAL D 201 17.72 29.37 -7.11
N ALA D 202 18.38 28.29 -7.51
CA ALA D 202 19.81 28.34 -7.72
C ALA D 202 20.20 29.42 -8.72
N LEU D 203 19.44 29.55 -9.81
CA LEU D 203 19.77 30.55 -10.82
C LEU D 203 19.73 31.96 -10.25
N ALA D 204 18.71 32.27 -9.46
CA ALA D 204 18.53 33.63 -8.96
C ALA D 204 19.34 33.91 -7.69
N LEU D 205 19.89 32.89 -7.05
CA LEU D 205 20.67 33.07 -5.83
C LEU D 205 22.18 33.07 -6.07
N GLY D 206 22.61 32.83 -7.30
CA GLY D 206 24.03 32.79 -7.61
C GLY D 206 24.70 31.46 -7.37
N GLU D 207 23.92 30.37 -7.26
CA GLU D 207 24.51 29.06 -6.99
C GLU D 207 25.02 28.37 -8.25
N ILE D 208 24.33 28.54 -9.37
CA ILE D 208 24.70 27.90 -10.63
C ILE D 208 24.58 28.91 -11.76
N SER D 209 25.55 28.92 -12.66
CA SER D 209 25.51 29.86 -13.77
C SER D 209 24.45 29.43 -14.79
N ALA D 210 24.02 30.40 -15.61
CA ALA D 210 22.90 30.17 -16.52
C ALA D 210 23.30 29.27 -17.68
N ASP D 211 24.57 29.29 -18.08
CA ASP D 211 25.01 28.48 -19.21
C ASP D 211 24.81 27.00 -18.94
N LYS D 212 24.88 26.59 -17.67
CA LYS D 212 24.77 25.17 -17.34
C LYS D 212 23.34 24.66 -17.51
N ILE D 213 22.34 25.51 -17.33
CA ILE D 213 20.96 25.04 -17.28
C ILE D 213 20.40 24.90 -18.69
N SER D 214 19.80 23.75 -18.97
CA SER D 214 19.12 23.47 -20.22
C SER D 214 18.00 22.48 -19.94
N ASN D 215 17.20 22.19 -20.97
CA ASN D 215 16.16 21.18 -20.84
C ASN D 215 16.73 19.83 -20.44
N GLU D 216 17.88 19.46 -21.02
CA GLU D 216 18.46 18.14 -20.78
C GLU D 216 19.05 18.02 -19.37
N ALA D 217 19.44 19.14 -18.76
CA ALA D 217 20.02 19.09 -17.42
C ALA D 217 18.94 18.81 -16.37
N ILE D 218 17.75 19.36 -16.57
CA ILE D 218 16.66 19.27 -15.60
C ILE D 218 16.44 17.80 -15.26
N CYS D 219 16.55 17.48 -13.96
CA CYS D 219 16.41 16.12 -13.46
C CYS D 219 17.43 15.16 -14.06
N HIS D 220 18.56 15.66 -14.55
CA HIS D 220 19.56 14.78 -15.13
C HIS D 220 20.97 15.08 -14.62
N ASP D 221 21.36 16.35 -14.61
CA ASP D 221 22.65 16.76 -14.07
C ASP D 221 22.49 17.06 -12.58
N TRP D 222 22.63 16.01 -11.76
CA TRP D 222 22.50 16.15 -10.31
C TRP D 222 23.62 16.96 -9.68
N ASN D 223 24.69 17.26 -10.41
CA ASN D 223 25.68 18.22 -9.94
C ASN D 223 25.09 19.61 -9.77
N LEU D 224 23.96 19.89 -10.41
CA LEU D 224 23.30 21.19 -10.30
C LEU D 224 22.25 21.14 -9.20
N TYR D 225 22.32 22.08 -8.25
CA TYR D 225 21.33 22.10 -7.19
C TYR D 225 21.52 23.32 -6.31
N SER D 226 20.42 23.72 -5.66
CA SER D 226 20.44 24.78 -4.67
C SER D 226 20.62 24.17 -3.28
N SER D 227 21.18 24.96 -2.36
CA SER D 227 21.36 24.56 -0.98
C SER D 227 20.26 25.10 -0.05
N VAL D 228 19.29 25.84 -0.57
CA VAL D 228 18.28 26.45 0.29
C VAL D 228 16.89 26.31 -0.33
N ALA D 229 16.79 25.62 -1.46
CA ALA D 229 15.54 25.47 -2.18
C ALA D 229 14.75 24.27 -1.64
N SER D 230 13.43 24.44 -1.58
CA SER D 230 12.55 23.43 -1.00
C SER D 230 11.20 23.51 -1.71
N THR D 231 11.00 22.66 -2.71
CA THR D 231 9.84 22.73 -3.59
C THR D 231 8.93 21.51 -3.38
N SER D 232 7.63 21.76 -3.38
CA SER D 232 6.61 20.74 -3.15
C SER D 232 5.52 20.90 -4.19
N ALA D 233 5.20 19.80 -4.88
CA ALA D 233 4.21 19.86 -5.95
C ALA D 233 2.81 19.52 -5.41
N GLY D 234 1.80 19.99 -6.14
CA GLY D 234 0.42 19.71 -5.81
C GLY D 234 -0.43 19.94 -7.03
N VAL D 235 -1.62 19.30 -7.03
CA VAL D 235 -2.51 19.38 -8.18
C VAL D 235 -3.37 20.63 -8.20
N GLU D 236 -3.47 21.33 -7.08
CA GLU D 236 -4.46 22.38 -6.85
C GLU D 236 -4.05 23.74 -7.37
N LEU D 237 -3.33 23.83 -8.50
CA LEU D 237 -2.81 25.11 -8.95
C LEU D 237 -2.12 24.91 -10.29
N LEU D 238 -1.79 26.04 -10.93
CA LEU D 238 -1.07 25.99 -12.20
C LEU D 238 0.10 26.98 -12.27
N ASN D 239 0.39 27.71 -11.19
CA ASN D 239 1.59 28.55 -11.10
C ASN D 239 2.46 28.04 -9.96
N ASP D 240 3.48 28.83 -9.60
CA ASP D 240 4.34 28.57 -8.46
C ASP D 240 4.19 29.70 -7.44
N GLU D 241 4.02 29.33 -6.18
CA GLU D 241 4.02 30.27 -5.07
C GLU D 241 5.34 30.13 -4.31
N ILE D 242 5.98 31.27 -4.02
CA ILE D 242 7.36 31.29 -3.52
C ILE D 242 7.41 32.04 -2.19
N ILE D 243 8.05 31.42 -1.20
CA ILE D 243 8.36 32.03 0.08
C ILE D 243 9.87 32.04 0.25
N VAL D 244 10.46 33.23 0.35
CA VAL D 244 11.88 33.37 0.65
C VAL D 244 12.05 33.73 2.12
N VAL D 245 12.86 32.96 2.83
CA VAL D 245 13.12 33.17 4.26
C VAL D 245 14.62 33.37 4.44
N GLY D 246 15.00 34.39 5.20
CA GLY D 246 16.39 34.63 5.49
C GLY D 246 16.56 35.62 6.62
N ASN D 247 17.72 36.27 6.65
CA ASN D 247 18.05 37.22 7.70
C ASN D 247 18.32 38.59 7.09
N SER D 248 17.90 39.64 7.79
CA SER D 248 18.01 40.99 7.26
C SER D 248 18.41 41.94 8.38
N THR D 249 19.33 42.86 8.08
CA THR D 249 19.66 43.93 9.01
C THR D 249 18.46 44.83 9.27
N ASN D 250 17.62 45.02 8.25
CA ASN D 250 16.42 45.86 8.37
C ASN D 250 15.24 44.99 8.80
N SER D 251 15.34 44.48 10.03
CA SER D 251 14.32 43.58 10.58
C SER D 251 14.38 43.62 12.09
N ALA D 252 13.21 43.54 12.73
CA ALA D 252 13.11 43.58 14.18
C ALA D 252 12.65 42.25 14.77
N SER D 253 12.79 41.14 14.03
CA SER D 253 12.23 39.88 14.47
C SER D 253 12.93 39.39 15.74
N ASP D 254 12.17 38.65 16.56
CA ASP D 254 12.69 37.94 17.73
C ASP D 254 13.25 36.57 17.36
N LEU D 255 13.52 36.34 16.07
CA LEU D 255 13.87 35.03 15.56
C LEU D 255 14.93 35.17 14.49
N VAL D 256 15.68 34.08 14.28
CA VAL D 256 16.65 33.97 13.20
C VAL D 256 16.43 32.63 12.50
N ILE D 257 16.99 32.51 11.30
CA ILE D 257 16.91 31.28 10.53
C ILE D 257 18.30 30.92 10.05
N GLY D 258 18.75 29.70 10.38
CA GLY D 258 19.96 29.14 9.84
C GLY D 258 19.63 27.95 8.94
N HIS D 259 20.68 27.32 8.43
CA HIS D 259 20.45 26.16 7.57
C HIS D 259 21.73 25.35 7.42
N SER D 260 21.57 24.18 6.80
CA SER D 260 22.68 23.38 6.33
C SER D 260 22.17 22.53 5.17
N VAL D 261 22.91 21.49 4.81
CA VAL D 261 22.50 20.56 3.76
C VAL D 261 22.77 19.13 4.22
N MET D 262 21.75 18.30 4.24
CA MET D 262 21.94 16.88 4.51
C MET D 262 22.66 16.24 3.32
N LYS D 263 23.79 15.59 3.57
CA LYS D 263 24.49 14.88 2.50
C LYS D 263 23.72 13.61 2.09
N ASP D 264 23.04 12.98 3.04
CA ASP D 264 22.17 11.84 2.75
C ASP D 264 21.03 11.82 3.76
N ALA D 265 20.19 10.79 3.67
CA ALA D 265 18.96 10.71 4.47
C ALA D 265 19.22 10.47 5.96
N ILE D 266 20.44 10.11 6.37
CA ILE D 266 20.68 9.86 7.79
C ILE D 266 21.76 10.79 8.33
N ASP D 267 21.91 11.94 7.69
CA ASP D 267 22.96 12.90 8.05
C ASP D 267 22.53 13.73 9.26
N ALA D 268 22.65 13.12 10.44
CA ALA D 268 22.35 13.84 11.68
C ALA D 268 23.36 14.94 11.95
N ASP D 269 24.56 14.85 11.38
CA ASP D 269 25.54 15.93 11.52
C ASP D 269 25.00 17.23 10.92
N ALA D 270 24.33 17.15 9.77
CA ALA D 270 23.75 18.35 9.15
C ALA D 270 22.61 18.93 9.98
N VAL D 271 21.84 18.09 10.65
CA VAL D 271 20.79 18.58 11.54
C VAL D 271 21.40 19.45 12.63
N ARG D 272 22.43 18.92 13.31
CA ARG D 272 23.09 19.68 14.36
C ARG D 272 23.78 20.94 13.82
N ALA D 273 24.37 20.87 12.63
CA ALA D 273 24.98 22.06 12.04
C ALA D 273 23.92 23.11 11.70
N ALA D 274 22.80 22.69 11.12
CA ALA D 274 21.68 23.61 10.92
C ALA D 274 21.27 24.25 12.23
N LEU D 275 21.19 23.47 13.30
CA LEU D 275 20.84 24.02 14.61
C LEU D 275 21.87 25.04 15.05
N LYS D 276 23.16 24.74 14.88
CA LYS D 276 24.19 25.65 15.33
C LYS D 276 24.25 26.91 14.46
N ASP D 277 24.02 26.77 13.16
CA ASP D 277 23.98 27.94 12.30
C ASP D 277 22.90 28.93 12.72
N ALA D 278 21.92 28.51 13.53
CA ALA D 278 20.82 29.38 13.93
C ALA D 278 20.79 29.64 15.44
N GLY D 279 21.93 29.52 16.12
CA GLY D 279 22.01 29.90 17.52
C GLY D 279 21.66 28.83 18.54
N ILE D 280 21.48 27.58 18.12
CA ILE D 280 21.20 26.47 19.02
C ILE D 280 22.44 25.59 19.03
N ARG D 281 23.17 25.58 20.15
CA ARG D 281 24.40 24.81 20.23
C ARG D 281 24.43 23.85 21.42
N SER D 282 23.38 23.78 22.23
CA SER D 282 23.29 22.84 23.33
C SER D 282 21.95 22.12 23.27
N ASP D 283 21.89 20.95 23.92
CA ASP D 283 20.63 20.23 23.99
C ASP D 283 19.60 20.95 24.85
N ASP D 284 20.03 21.90 25.67
CA ASP D 284 19.08 22.66 26.49
C ASP D 284 18.43 23.80 25.73
N GLU D 285 19.14 24.39 24.75
CA GLU D 285 18.60 25.46 23.95
C GLU D 285 17.61 24.98 22.89
N MET D 286 17.34 23.68 22.85
CA MET D 286 16.44 23.12 21.83
C MET D 286 15.04 23.70 21.94
N ASP D 287 14.64 24.17 23.13
CA ASP D 287 13.31 24.72 23.33
C ASP D 287 13.08 26.03 22.57
N ARG D 288 14.11 26.61 21.97
CA ARG D 288 13.92 27.83 21.19
C ARG D 288 13.59 27.55 19.74
N ILE D 289 13.57 26.27 19.32
CA ILE D 289 13.18 25.93 17.97
C ILE D 289 11.74 26.37 17.73
N VAL D 290 11.52 27.14 16.67
CA VAL D 290 10.16 27.35 16.19
C VAL D 290 9.72 26.21 15.29
N ASN D 291 10.51 25.93 14.25
CA ASN D 291 10.25 24.77 13.39
C ASN D 291 11.54 24.40 12.68
N VAL D 292 11.58 23.16 12.21
CA VAL D 292 12.64 22.65 11.34
C VAL D 292 12.01 22.23 10.03
N LEU D 293 12.64 22.62 8.91
CA LEU D 293 12.10 22.42 7.57
C LEU D 293 13.17 21.75 6.70
N ALA D 294 12.83 20.63 6.05
CA ALA D 294 13.86 19.87 5.37
C ALA D 294 13.29 19.15 4.15
N LYS D 295 14.19 18.86 3.21
CA LYS D 295 13.91 18.02 2.06
C LYS D 295 14.48 16.62 2.29
N ALA D 296 13.78 15.62 1.74
CA ALA D 296 14.18 14.22 1.79
C ALA D 296 14.03 13.60 0.42
N GLU D 297 14.86 12.61 0.11
CA GLU D 297 14.65 11.86 -1.13
C GLU D 297 15.43 10.54 -1.09
N ALA D 298 15.02 9.63 -1.97
CA ALA D 298 15.72 8.38 -2.18
C ALA D 298 16.85 8.61 -3.19
N ALA D 299 18.08 8.26 -2.80
CA ALA D 299 19.21 8.42 -3.69
C ALA D 299 19.04 7.55 -4.93
N SER D 300 19.44 8.08 -6.09
CA SER D 300 19.21 7.37 -7.34
C SER D 300 20.04 6.09 -7.45
N SER D 301 21.13 6.00 -6.68
CA SER D 301 21.98 4.81 -6.64
C SER D 301 21.31 3.63 -5.95
N GLY D 302 20.24 3.85 -5.21
CA GLY D 302 19.61 2.81 -4.44
C GLY D 302 20.36 2.39 -3.18
N THR D 303 21.33 3.19 -2.74
CA THR D 303 22.10 2.88 -1.55
C THR D 303 22.15 4.11 -0.64
N VAL D 304 22.42 3.87 0.64
CA VAL D 304 22.77 4.92 1.59
C VAL D 304 24.04 4.44 2.30
N ARG D 305 25.13 5.21 2.15
CA ARG D 305 26.43 4.90 2.75
C ARG D 305 26.90 3.48 2.40
N GLY D 306 26.71 3.09 1.13
CA GLY D 306 27.14 1.79 0.64
C GLY D 306 26.22 0.65 0.97
N ARG D 307 25.03 0.93 1.53
CA ARG D 307 24.08 -0.10 1.95
C ARG D 307 22.82 0.00 1.11
N ARG D 308 22.44 -1.13 0.49
CA ARG D 308 21.25 -1.16 -0.33
C ARG D 308 20.00 -0.96 0.53
N ASN D 309 19.02 -0.26 -0.03
CA ASN D 309 17.66 -0.28 0.51
C ASN D 309 16.68 -0.52 -0.63
N THR D 310 15.41 -0.71 -0.29
CA THR D 310 14.40 -1.15 -1.24
C THR D 310 13.51 -0.03 -1.75
N MET D 311 13.87 1.24 -1.48
CA MET D 311 12.95 2.34 -1.74
C MET D 311 12.58 2.43 -3.21
N LEU D 312 13.54 2.24 -4.11
CA LEU D 312 13.28 2.38 -5.53
C LEU D 312 12.71 1.10 -6.14
N ASP D 313 12.73 -0.02 -5.41
CA ASP D 313 12.20 -1.29 -5.87
C ASP D 313 10.86 -1.65 -5.25
N ASP D 314 10.41 -0.90 -4.25
CA ASP D 314 9.25 -1.29 -3.47
C ASP D 314 8.00 -0.86 -4.22
N SER D 315 7.29 -1.81 -4.81
CA SER D 315 6.10 -1.43 -5.56
C SER D 315 4.88 -1.17 -4.69
N ASP D 316 4.95 -1.43 -3.38
CA ASP D 316 3.83 -1.20 -2.48
C ASP D 316 3.79 0.21 -1.90
N ILE D 317 4.96 0.85 -1.71
CA ILE D 317 5.06 2.12 -1.00
C ILE D 317 5.97 3.07 -1.79
N ASN D 318 5.41 4.19 -2.24
CA ASN D 318 6.16 5.14 -3.04
C ASN D 318 7.41 5.63 -2.30
N HIS D 319 8.51 5.76 -3.03
CA HIS D 319 9.78 6.05 -2.38
C HIS D 319 9.80 7.43 -1.73
N THR D 320 8.94 8.36 -2.16
CA THR D 320 8.88 9.64 -1.48
C THR D 320 8.27 9.49 -0.09
N ARG D 321 7.33 8.55 0.06
CA ARG D 321 6.75 8.28 1.36
C ARG D 321 7.80 7.76 2.34
N SER D 322 8.68 6.86 1.90
CA SER D 322 9.72 6.30 2.75
C SER D 322 10.80 7.33 3.10
N ALA D 323 11.21 8.13 2.12
CA ALA D 323 12.22 9.15 2.38
C ALA D 323 11.74 10.11 3.46
N ARG D 324 10.50 10.59 3.34
CA ARG D 324 9.94 11.49 4.36
C ARG D 324 9.96 10.85 5.75
N ALA D 325 9.50 9.60 5.86
CA ALA D 325 9.51 8.93 7.17
C ALA D 325 10.91 8.89 7.74
N VAL D 326 11.91 8.59 6.91
CA VAL D 326 13.28 8.41 7.40
C VAL D 326 13.83 9.72 7.89
N VAL D 327 13.82 10.75 7.03
CA VAL D 327 14.45 12.02 7.39
C VAL D 327 13.73 12.66 8.57
N ASN D 328 12.41 12.54 8.64
CA ASN D 328 11.72 13.08 9.81
C ASN D 328 12.19 12.37 11.08
N ALA D 329 12.32 11.05 11.02
CA ALA D 329 12.72 10.29 12.20
C ALA D 329 14.11 10.69 12.64
N VAL D 330 15.00 10.95 11.68
CA VAL D 330 16.36 11.35 12.02
C VAL D 330 16.37 12.72 12.69
N ILE D 331 15.61 13.67 12.14
CA ILE D 331 15.54 14.99 12.75
C ILE D 331 14.87 14.93 14.10
N ALA D 332 13.78 14.15 14.20
CA ALA D 332 13.10 13.97 15.47
C ALA D 332 14.06 13.49 16.56
N SER D 333 14.99 12.61 16.20
CA SER D 333 15.89 12.02 17.18
C SER D 333 17.01 12.96 17.60
N VAL D 334 17.25 14.03 16.86
CA VAL D 334 18.19 15.06 17.32
C VAL D 334 17.48 16.09 18.19
N VAL D 335 16.29 16.55 17.78
CA VAL D 335 15.61 17.63 18.48
C VAL D 335 14.56 17.11 19.45
N GLY D 336 14.34 15.80 19.50
CA GLY D 336 13.41 15.20 20.45
C GLY D 336 11.97 15.62 20.26
N ASP D 337 11.54 15.75 19.00
CA ASP D 337 10.23 16.27 18.65
C ASP D 337 9.95 15.94 17.18
N PRO D 338 8.96 15.09 16.89
CA PRO D 338 8.67 14.72 15.50
C PRO D 338 7.84 15.73 14.73
N MET D 339 7.40 16.83 15.37
CA MET D 339 6.56 17.81 14.69
C MET D 339 7.45 18.81 13.96
N VAL D 340 7.95 18.38 12.80
CA VAL D 340 8.85 19.18 11.98
C VAL D 340 8.49 18.95 10.52
N TYR D 341 8.69 19.99 9.71
CA TYR D 341 8.32 19.94 8.30
C TYR D 341 9.37 19.14 7.53
N VAL D 342 8.96 18.02 6.93
CA VAL D 342 9.80 17.27 6.01
C VAL D 342 9.01 17.01 4.72
N SER D 343 9.64 17.24 3.58
CA SER D 343 9.00 17.09 2.28
C SER D 343 9.89 16.28 1.35
N GLY D 344 9.28 15.40 0.57
CA GLY D 344 10.02 14.44 -0.22
C GLY D 344 10.18 14.90 -1.66
N GLY D 345 11.10 14.22 -2.37
CA GLY D 345 11.49 14.63 -3.70
C GLY D 345 12.40 15.85 -3.70
N ALA D 346 13.71 15.62 -3.68
CA ALA D 346 14.66 16.72 -3.55
C ALA D 346 15.44 16.91 -4.85
N GLU D 347 14.72 16.93 -5.97
CA GLU D 347 15.34 17.16 -7.27
C GLU D 347 16.02 18.52 -7.32
N HIS D 348 17.34 18.50 -7.52
CA HIS D 348 18.15 19.71 -7.55
C HIS D 348 18.12 20.50 -6.24
N GLN D 349 17.73 19.87 -5.14
CA GLN D 349 17.71 20.50 -3.82
C GLN D 349 18.65 19.69 -2.93
N GLY D 350 19.91 20.11 -2.87
CA GLY D 350 20.94 19.30 -2.24
C GLY D 350 21.48 18.31 -3.24
N PRO D 351 22.53 17.59 -2.85
CA PRO D 351 23.05 16.53 -3.72
C PRO D 351 22.06 15.38 -3.85
N ASP D 352 22.32 14.50 -4.82
CA ASP D 352 21.51 13.31 -5.04
C ASP D 352 21.44 12.48 -3.76
N GLY D 353 20.22 12.32 -3.23
CA GLY D 353 20.05 11.62 -1.98
C GLY D 353 20.07 12.49 -0.75
N GLY D 354 20.33 13.79 -0.89
CA GLY D 354 20.29 14.73 0.21
C GLY D 354 19.37 15.91 -0.09
N GLY D 355 19.34 16.85 0.85
CA GLY D 355 18.49 18.02 0.71
C GLY D 355 18.75 19.06 1.78
N PRO D 356 18.30 20.29 1.55
CA PRO D 356 18.54 21.36 2.53
C PRO D 356 17.72 21.15 3.81
N ILE D 357 18.22 21.72 4.89
CA ILE D 357 17.55 21.71 6.18
C ILE D 357 17.75 23.05 6.85
N ALA D 358 16.67 23.67 7.29
CA ALA D 358 16.71 24.98 7.91
C ALA D 358 16.03 24.91 9.28
N VAL D 359 16.56 25.69 10.21
CA VAL D 359 16.01 25.82 11.55
C VAL D 359 15.64 27.28 11.78
N ILE D 360 14.40 27.52 12.19
CA ILE D 360 13.94 28.83 12.64
C ILE D 360 13.90 28.78 14.17
N ALA D 361 14.69 29.62 14.82
CA ALA D 361 14.83 29.56 16.27
C ALA D 361 14.66 30.95 16.89
N ARG D 362 14.22 30.96 18.14
CA ARG D 362 14.21 32.19 18.92
C ARG D 362 15.64 32.63 19.23
N VAL D 363 15.86 33.94 19.27
CA VAL D 363 17.19 34.47 19.48
C VAL D 363 17.61 34.30 20.93
N1 BR8 E . 4.39 -9.80 -13.98
C2 BR8 E . 3.66 -10.59 -12.95
O2 BR8 E . 4.21 -11.31 -12.19
N3 BR8 E . 2.18 -10.51 -12.89
C4 BR8 E . 1.47 -9.65 -13.82
O4 BR8 E . 0.29 -9.59 -13.76
C5 BR8 E . 2.23 -8.85 -14.83
C6 BR8 E . 3.65 -8.91 -14.87
O8 BR8 E . 4.23 -8.21 -15.62
H1 BR8 E . 5.24 -9.85 -14.03
H3 BR8 E . 1.75 -10.97 -12.31
H51C BR8 E . 1.93 -9.17 -15.69
H52C BR8 E . 2.03 -7.92 -14.63
C1 MLI F . 2.32 -10.24 -12.84
C2 MLI F . 3.83 -10.36 -13.04
C3 MLI F . 1.39 -10.61 -13.99
O6 MLI F . 4.46 -9.77 -13.97
O7 MLI F . 4.41 -11.13 -12.20
O8 MLI F . 0.22 -10.13 -13.91
O9 MLI F . 1.74 -11.33 -14.95
H11 MLI F . 2.09 -10.78 -12.08
H12 MLI F . 2.13 -9.33 -12.57
CA CA G . -3.52 -4.03 -24.65
N1 BR8 H . 7.40 -10.79 12.01
C2 BR8 H . 8.15 -10.31 10.84
O2 BR8 H . 8.29 -11.00 9.89
N3 BR8 H . 8.78 -8.98 10.89
C4 BR8 H . 8.63 -8.15 12.07
O4 BR8 H . 9.12 -7.08 12.13
C5 BR8 H . 7.83 -8.65 13.22
C6 BR8 H . 7.19 -9.91 13.12
O8 BR8 H . 6.32 -10.15 13.88
H1 BR8 H . 7.08 -11.59 12.01
H3 BR8 H . 9.24 -8.70 10.23
H51C BR8 H . 8.46 -8.74 13.96
H52C BR8 H . 7.11 -8.01 13.34
CA CA I . 7.25 -2.30 23.92
N1 BR8 J . -16.74 3.68 4.38
C2 BR8 J . -16.41 4.27 3.08
O2 BR8 J . -15.97 5.38 2.97
N3 BR8 J . -16.63 3.47 1.87
C4 BR8 J . -17.15 2.14 1.97
O4 BR8 J . -17.33 1.51 1.00
C5 BR8 J . -17.47 1.56 3.31
C6 BR8 J . -17.25 2.34 4.48
O8 BR8 J . -17.47 1.86 5.56
H1 BR8 J . -16.63 4.15 5.10
H3 BR8 J . -16.44 3.80 1.10
H51C BR8 J . -18.42 1.39 3.29
H52C BR8 J . -16.88 0.80 3.40
CA CA K . -23.14 -9.58 3.91
N1 BR8 L . 4.06 17.09 -2.85
C2 BR8 L . 3.53 16.86 -1.50
O2 BR8 L . 2.38 17.02 -1.25
N3 BR8 L . 4.44 16.44 -0.42
C4 BR8 L . 5.83 16.25 -0.68
O4 BR8 L . 6.55 15.91 0.20
C5 BR8 L . 6.35 16.48 -2.06
C6 BR8 L . 5.47 16.88 -3.11
O8 BR8 L . 5.90 16.99 -4.22
H1 BR8 L . 3.54 17.36 -3.48
H3 BR8 L . 4.13 16.31 0.37
H51C BR8 L . 6.99 17.20 -1.97
H52C BR8 L . 6.71 15.63 -2.35
CA CA M . 18.81 16.16 -3.73
#